data_2ND1
#
_entry.id   2ND1
#
loop_
_entity.id
_entity.type
_entity.pdbx_description
1 polymer 'Bromodomain-containing protein 4'
2 polymer 'Histone-lysine N-methyltransferase NSD3'
#
loop_
_entity_poly.entity_id
_entity_poly.type
_entity_poly.pdbx_seq_one_letter_code
_entity_poly.pdbx_strand_id
1 'polypeptide(L)'
;SEEEDKCKPMSYEEKRQLSLDINKLPGEKLGRVVHIIQSREPSLKNSNPDEIEIDFETLKPSTLRELERYVTSCLRKKRK
PQA
;
A
2 'polypeptide(L)' VVPKKKIKKEQVE B
#
# COMPACT_ATOMS: atom_id res chain seq x y z
N SER A 1 10.94 18.91 -8.59
CA SER A 1 10.91 19.26 -7.16
C SER A 1 9.48 19.47 -6.68
N GLU A 2 8.59 19.80 -7.60
CA GLU A 2 7.20 20.01 -7.26
C GLU A 2 6.55 18.73 -6.75
N GLU A 3 7.15 17.59 -7.10
CA GLU A 3 6.63 16.30 -6.68
C GLU A 3 6.58 16.19 -5.15
N GLU A 4 7.47 16.92 -4.49
CA GLU A 4 7.55 16.89 -3.04
C GLU A 4 6.43 17.71 -2.39
N ASP A 5 5.94 18.72 -3.11
CA ASP A 5 4.89 19.57 -2.58
C ASP A 5 3.52 19.16 -3.11
N LYS A 6 3.53 18.58 -4.31
CA LYS A 6 2.30 18.07 -4.92
C LYS A 6 1.72 16.95 -4.08
N CYS A 7 2.60 16.15 -3.49
CA CYS A 7 2.18 15.06 -2.62
C CYS A 7 1.90 15.58 -1.22
N LYS A 8 0.72 15.29 -0.70
CA LYS A 8 0.36 15.71 0.64
C LYS A 8 0.71 14.63 1.64
N PRO A 9 1.24 15.04 2.78
CA PRO A 9 1.76 14.12 3.80
C PRO A 9 0.65 13.27 4.40
N MET A 10 0.91 11.99 4.56
CA MET A 10 -0.09 11.08 5.09
C MET A 10 0.05 10.97 6.61
N SER A 11 -0.99 11.34 7.34
CA SER A 11 -0.93 11.35 8.80
C SER A 11 -1.10 9.94 9.39
N TYR A 12 -0.99 9.83 10.71
CA TYR A 12 -1.09 8.53 11.39
C TYR A 12 -2.46 7.88 11.16
N GLU A 13 -3.52 8.65 11.36
CA GLU A 13 -4.88 8.19 11.16
C GLU A 13 -5.08 7.70 9.73
N GLU A 14 -4.35 8.31 8.81
CA GLU A 14 -4.46 8.00 7.40
C GLU A 14 -3.69 6.73 7.07
N LYS A 15 -2.44 6.66 7.53
CA LYS A 15 -1.63 5.45 7.32
C LYS A 15 -2.34 4.21 7.87
N ARG A 16 -3.09 4.42 8.96
CA ARG A 16 -3.93 3.37 9.53
C ARG A 16 -5.00 2.96 8.53
N GLN A 17 -5.79 3.94 8.09
CA GLN A 17 -6.85 3.71 7.11
C GLN A 17 -6.28 3.04 5.87
N LEU A 18 -5.12 3.53 5.46
CA LEU A 18 -4.38 2.99 4.33
C LEU A 18 -4.08 1.51 4.54
N SER A 19 -3.53 1.18 5.68
CA SER A 19 -3.18 -0.20 5.98
C SER A 19 -4.43 -1.07 6.02
N LEU A 20 -5.56 -0.42 6.25
CA LEU A 20 -6.84 -1.10 6.31
C LEU A 20 -7.46 -1.24 4.91
N ASP A 21 -7.22 -0.24 4.05
CA ASP A 21 -7.69 -0.29 2.66
C ASP A 21 -6.81 -1.23 1.83
N ILE A 22 -5.53 -1.29 2.17
CA ILE A 22 -4.63 -2.28 1.60
C ILE A 22 -5.07 -3.69 1.98
N ASN A 23 -5.54 -3.81 3.21
CA ASN A 23 -5.99 -5.09 3.73
C ASN A 23 -7.28 -5.54 3.03
N LYS A 24 -7.93 -4.58 2.36
CA LYS A 24 -9.15 -4.86 1.60
C LYS A 24 -8.83 -5.42 0.22
N LEU A 25 -7.62 -5.18 -0.25
CA LEU A 25 -7.20 -5.61 -1.58
C LEU A 25 -7.04 -7.13 -1.66
N PRO A 26 -7.59 -7.75 -2.72
CA PRO A 26 -7.45 -9.19 -2.95
C PRO A 26 -6.03 -9.55 -3.35
N GLY A 27 -5.67 -10.83 -3.20
CA GLY A 27 -4.30 -11.27 -3.38
C GLY A 27 -3.64 -10.76 -4.66
N GLU A 28 -4.37 -10.80 -5.77
CA GLU A 28 -3.83 -10.35 -7.04
C GLU A 28 -3.63 -8.83 -7.07
N LYS A 29 -4.60 -8.10 -6.55
CA LYS A 29 -4.54 -6.64 -6.58
C LYS A 29 -3.55 -6.10 -5.56
N LEU A 30 -3.34 -6.85 -4.48
CA LEU A 30 -2.46 -6.39 -3.42
C LEU A 30 -0.99 -6.63 -3.79
N GLY A 31 -0.77 -7.44 -4.82
CA GLY A 31 0.58 -7.59 -5.34
C GLY A 31 1.04 -6.30 -6.00
N ARG A 32 0.10 -5.43 -6.34
CA ARG A 32 0.45 -4.12 -6.88
C ARG A 32 1.02 -3.21 -5.80
N VAL A 33 0.42 -3.22 -4.61
CA VAL A 33 0.93 -2.39 -3.52
C VAL A 33 2.36 -2.78 -3.18
N VAL A 34 2.57 -4.08 -3.01
CA VAL A 34 3.94 -4.62 -2.85
C VAL A 34 4.84 -4.06 -3.96
N HIS A 35 4.32 -4.01 -5.19
CA HIS A 35 5.11 -3.59 -6.34
C HIS A 35 5.38 -2.09 -6.29
N ILE A 36 4.33 -1.31 -6.04
CA ILE A 36 4.47 0.13 -5.91
C ILE A 36 5.47 0.45 -4.81
N ILE A 37 5.31 -0.24 -3.71
CA ILE A 37 6.18 -0.10 -2.56
C ILE A 37 7.61 -0.50 -2.91
N GLN A 38 7.83 -1.75 -3.30
CA GLN A 38 9.17 -2.23 -3.68
C GLN A 38 9.85 -1.32 -4.72
N SER A 39 9.07 -0.80 -5.66
CA SER A 39 9.62 0.02 -6.74
C SER A 39 9.94 1.43 -6.26
N ARG A 40 9.01 2.02 -5.53
CA ARG A 40 9.19 3.37 -5.01
C ARG A 40 10.12 3.36 -3.79
N GLU A 41 10.18 2.20 -3.15
CA GLU A 41 11.07 2.00 -2.01
C GLU A 41 12.10 0.93 -2.36
N PRO A 42 13.13 1.27 -3.15
CA PRO A 42 14.12 0.28 -3.58
C PRO A 42 14.99 -0.22 -2.44
N SER A 43 14.76 0.33 -1.25
CA SER A 43 15.45 -0.10 -0.05
C SER A 43 14.85 -1.40 0.48
N LEU A 44 13.64 -1.73 0.01
CA LEU A 44 12.98 -2.96 0.41
C LEU A 44 12.79 -3.89 -0.79
N LYS A 45 13.60 -3.69 -1.82
CA LYS A 45 13.53 -4.51 -3.02
C LYS A 45 13.98 -5.94 -2.73
N ASN A 46 14.66 -6.12 -1.60
CA ASN A 46 15.10 -7.45 -1.16
C ASN A 46 13.92 -8.30 -0.72
N SER A 47 12.79 -7.65 -0.51
CA SER A 47 11.58 -8.32 -0.06
C SER A 47 10.82 -8.89 -1.25
N ASN A 48 10.24 -10.06 -1.07
CA ASN A 48 9.55 -10.75 -2.14
C ASN A 48 8.13 -10.23 -2.29
N PRO A 49 7.65 -10.17 -3.54
CA PRO A 49 6.35 -9.56 -3.87
C PRO A 49 5.14 -10.28 -3.26
N ASP A 50 5.32 -11.53 -2.89
CA ASP A 50 4.24 -12.30 -2.29
C ASP A 50 4.44 -12.42 -0.79
N GLU A 51 5.48 -11.75 -0.29
CA GLU A 51 5.84 -11.83 1.11
C GLU A 51 6.24 -10.46 1.61
N ILE A 52 5.68 -9.43 0.98
CA ILE A 52 6.06 -8.07 1.26
C ILE A 52 5.60 -7.62 2.65
N GLU A 53 6.35 -6.70 3.20
CA GLU A 53 6.00 -6.06 4.45
C GLU A 53 5.85 -4.57 4.21
N ILE A 54 4.61 -4.14 4.04
CA ILE A 54 4.32 -2.74 3.79
C ILE A 54 4.61 -1.93 5.04
N ASP A 55 5.73 -1.23 5.04
CA ASP A 55 6.13 -0.42 6.18
C ASP A 55 5.73 1.02 5.94
N PHE A 56 4.58 1.39 6.48
CA PHE A 56 3.98 2.70 6.21
C PHE A 56 4.80 3.84 6.81
N GLU A 57 5.77 3.51 7.65
CA GLU A 57 6.65 4.50 8.23
C GLU A 57 7.80 4.81 7.29
N THR A 58 8.24 3.80 6.56
CA THR A 58 9.32 3.98 5.60
C THR A 58 8.78 4.42 4.25
N LEU A 59 7.53 4.06 3.97
CA LEU A 59 6.89 4.43 2.71
C LEU A 59 6.78 5.93 2.60
N LYS A 60 7.27 6.46 1.49
CA LYS A 60 7.20 7.87 1.23
C LYS A 60 5.76 8.32 1.01
N PRO A 61 5.42 9.56 1.37
CA PRO A 61 4.07 10.10 1.14
C PRO A 61 3.56 9.78 -0.27
N SER A 62 4.47 9.87 -1.24
CA SER A 62 4.18 9.54 -2.62
C SER A 62 3.64 8.11 -2.75
N THR A 63 4.38 7.14 -2.22
CA THR A 63 3.95 5.74 -2.27
C THR A 63 2.64 5.59 -1.53
N LEU A 64 2.57 6.14 -0.32
CA LEU A 64 1.38 6.02 0.52
C LEU A 64 0.15 6.58 -0.18
N ARG A 65 0.29 7.75 -0.79
CA ARG A 65 -0.82 8.36 -1.53
C ARG A 65 -1.16 7.53 -2.75
N GLU A 66 -0.16 6.87 -3.31
CA GLU A 66 -0.37 5.97 -4.43
C GLU A 66 -1.11 4.71 -3.97
N LEU A 67 -0.55 4.02 -2.97
CA LEU A 67 -1.18 2.84 -2.36
C LEU A 67 -2.64 3.14 -2.04
N GLU A 68 -2.86 4.23 -1.31
CA GLU A 68 -4.20 4.67 -0.93
C GLU A 68 -5.09 4.90 -2.16
N ARG A 69 -4.63 5.74 -3.08
CA ARG A 69 -5.43 6.07 -4.27
C ARG A 69 -5.61 4.84 -5.15
N TYR A 70 -4.65 3.94 -5.08
CA TYR A 70 -4.70 2.73 -5.86
C TYR A 70 -5.80 1.83 -5.34
N VAL A 71 -5.82 1.60 -4.03
CA VAL A 71 -6.83 0.74 -3.46
C VAL A 71 -8.21 1.32 -3.73
N THR A 72 -8.31 2.65 -3.74
CA THR A 72 -9.60 3.29 -3.87
C THR A 72 -10.22 3.02 -5.24
N SER A 73 -9.36 2.73 -6.21
CA SER A 73 -9.82 2.36 -7.54
C SER A 73 -10.49 0.99 -7.50
N CYS A 74 -10.06 0.18 -6.52
CA CYS A 74 -10.57 -1.18 -6.36
C CYS A 74 -11.64 -1.25 -5.26
N LEU A 75 -11.55 -0.33 -4.31
CA LEU A 75 -12.41 -0.35 -3.13
C LEU A 75 -13.56 0.63 -3.25
N ARG A 76 -13.24 1.88 -3.51
CA ARG A 76 -14.25 2.94 -3.53
C ARG A 76 -14.90 3.02 -4.90
N LYS A 77 -14.61 2.04 -5.74
CA LYS A 77 -15.18 1.96 -7.06
C LYS A 77 -15.80 0.58 -7.28
N LYS A 78 -15.58 -0.30 -6.31
CA LYS A 78 -16.11 -1.66 -6.37
C LYS A 78 -16.25 -2.22 -4.96
N ARG A 79 -17.43 -2.67 -4.60
CA ARG A 79 -17.65 -3.21 -3.27
C ARG A 79 -17.20 -4.67 -3.21
N LYS A 80 -16.33 -4.97 -2.24
CA LYS A 80 -15.83 -6.32 -2.00
C LYS A 80 -15.26 -6.95 -3.27
N PRO A 81 -14.02 -6.58 -3.64
CA PRO A 81 -13.38 -7.05 -4.88
C PRO A 81 -12.93 -8.52 -4.82
N GLN A 82 -13.08 -9.13 -3.66
CA GLN A 82 -12.73 -10.54 -3.49
C GLN A 82 -13.97 -11.42 -3.50
N ALA A 83 -15.12 -10.79 -3.69
CA ALA A 83 -16.38 -11.52 -3.74
C ALA A 83 -16.66 -12.02 -5.14
N VAL B 1 2.24 4.54 16.35
CA VAL B 1 2.85 3.96 15.13
C VAL B 1 1.91 2.93 14.51
N VAL B 2 1.74 3.01 13.20
CA VAL B 2 0.96 2.04 12.46
C VAL B 2 1.74 0.72 12.33
N PRO B 3 1.11 -0.39 12.74
CA PRO B 3 1.75 -1.71 12.69
C PRO B 3 2.16 -2.10 11.27
N LYS B 4 3.36 -2.63 11.14
CA LYS B 4 3.90 -3.03 9.86
C LYS B 4 2.99 -4.09 9.22
N LYS B 5 2.58 -3.85 7.99
CA LYS B 5 1.61 -4.74 7.35
C LYS B 5 2.27 -6.03 6.92
N LYS B 6 1.85 -7.12 7.55
CA LYS B 6 2.38 -8.43 7.25
C LYS B 6 1.62 -9.04 6.07
N ILE B 7 2.22 -8.99 4.89
CA ILE B 7 1.58 -9.50 3.68
C ILE B 7 2.20 -10.84 3.29
N LYS B 8 1.74 -11.90 3.94
CA LYS B 8 2.30 -13.24 3.70
C LYS B 8 1.32 -14.10 2.91
N LYS B 9 0.77 -13.53 1.84
CA LYS B 9 -0.20 -14.22 0.97
C LYS B 9 -1.54 -14.45 1.68
N GLU B 10 -2.63 -14.14 0.98
CA GLU B 10 -3.98 -14.29 1.50
C GLU B 10 -4.18 -13.43 2.74
N GLN B 11 -4.23 -12.12 2.54
CA GLN B 11 -4.41 -11.18 3.63
C GLN B 11 -5.58 -10.25 3.35
N VAL B 12 -6.42 -10.65 2.41
CA VAL B 12 -7.55 -9.83 2.00
C VAL B 12 -8.75 -10.04 2.93
N GLU B 13 -9.33 -8.93 3.39
CA GLU B 13 -10.52 -8.96 4.21
C GLU B 13 -11.53 -7.94 3.69
N SER A 1 12.39 16.04 -9.00
CA SER A 1 12.27 16.81 -7.75
C SER A 1 10.82 16.93 -7.30
N GLU A 2 9.91 16.35 -8.06
CA GLU A 2 8.50 16.37 -7.71
C GLU A 2 8.07 15.08 -7.01
N GLU A 3 9.00 14.14 -6.90
CA GLU A 3 8.71 12.83 -6.31
C GLU A 3 7.96 12.97 -4.99
N GLU A 4 8.51 13.73 -4.06
CA GLU A 4 7.94 13.86 -2.73
C GLU A 4 7.06 15.11 -2.62
N ASP A 5 7.42 16.18 -3.30
CA ASP A 5 6.76 17.47 -3.10
C ASP A 5 5.43 17.56 -3.87
N LYS A 6 5.33 16.79 -4.94
CA LYS A 6 4.10 16.78 -5.73
C LYS A 6 3.10 15.81 -5.12
N CYS A 7 3.57 15.09 -4.12
CA CYS A 7 2.75 14.13 -3.41
C CYS A 7 2.30 14.73 -2.08
N LYS A 8 1.09 14.39 -1.66
CA LYS A 8 0.52 14.97 -0.45
C LYS A 8 0.91 14.13 0.76
N PRO A 9 1.27 14.81 1.86
CA PRO A 9 1.70 14.17 3.09
C PRO A 9 0.57 13.39 3.76
N MET A 10 0.82 12.14 4.10
CA MET A 10 -0.19 11.28 4.68
C MET A 10 -0.12 11.32 6.21
N SER A 11 -1.24 11.56 6.86
CA SER A 11 -1.27 11.65 8.32
C SER A 11 -1.38 10.27 8.97
N TYR A 12 -1.33 10.22 10.30
CA TYR A 12 -1.33 8.95 11.03
C TYR A 12 -2.62 8.15 10.77
N GLU A 13 -3.76 8.79 10.94
CA GLU A 13 -5.04 8.12 10.76
C GLU A 13 -5.26 7.72 9.32
N GLU A 14 -4.62 8.43 8.40
CA GLU A 14 -4.69 8.10 7.00
C GLU A 14 -3.85 6.87 6.71
N LYS A 15 -2.64 6.83 7.25
CA LYS A 15 -1.77 5.66 7.12
C LYS A 15 -2.45 4.41 7.69
N ARG A 16 -3.15 4.57 8.81
CA ARG A 16 -3.90 3.47 9.40
C ARG A 16 -5.01 3.03 8.48
N GLN A 17 -5.81 3.99 8.02
CA GLN A 17 -6.91 3.70 7.10
C GLN A 17 -6.35 3.04 5.84
N LEU A 18 -5.24 3.57 5.38
CA LEU A 18 -4.51 3.04 4.23
C LEU A 18 -4.24 1.55 4.43
N SER A 19 -3.66 1.21 5.58
CA SER A 19 -3.28 -0.16 5.88
C SER A 19 -4.52 -1.06 5.92
N LEU A 20 -5.64 -0.47 6.30
CA LEU A 20 -6.89 -1.20 6.43
C LEU A 20 -7.58 -1.36 5.08
N ASP A 21 -7.39 -0.37 4.22
CA ASP A 21 -7.87 -0.42 2.85
C ASP A 21 -6.98 -1.31 1.97
N ILE A 22 -5.68 -1.32 2.25
CA ILE A 22 -4.77 -2.27 1.60
C ILE A 22 -5.17 -3.69 1.93
N ASN A 23 -5.63 -3.89 3.16
CA ASN A 23 -6.02 -5.20 3.63
C ASN A 23 -7.32 -5.64 2.94
N LYS A 24 -8.02 -4.68 2.35
CA LYS A 24 -9.23 -4.96 1.59
C LYS A 24 -8.92 -5.57 0.23
N LEU A 25 -7.74 -5.27 -0.29
CA LEU A 25 -7.35 -5.73 -1.61
C LEU A 25 -7.15 -7.24 -1.66
N PRO A 26 -7.66 -7.89 -2.72
CA PRO A 26 -7.43 -9.32 -2.96
C PRO A 26 -5.97 -9.58 -3.32
N GLY A 27 -5.53 -10.84 -3.14
CA GLY A 27 -4.13 -11.20 -3.31
C GLY A 27 -3.50 -10.63 -4.57
N GLU A 28 -4.16 -10.83 -5.71
CA GLU A 28 -3.65 -10.35 -6.99
C GLU A 28 -3.53 -8.84 -7.02
N LYS A 29 -4.54 -8.14 -6.51
CA LYS A 29 -4.56 -6.69 -6.57
C LYS A 29 -3.59 -6.09 -5.57
N LEU A 30 -3.34 -6.82 -4.48
CA LEU A 30 -2.44 -6.33 -3.44
C LEU A 30 -0.98 -6.61 -3.80
N GLY A 31 -0.77 -7.46 -4.79
CA GLY A 31 0.58 -7.63 -5.33
C GLY A 31 1.04 -6.35 -6.01
N ARG A 32 0.10 -5.44 -6.30
CA ARG A 32 0.48 -4.14 -6.85
C ARG A 32 1.03 -3.23 -5.77
N VAL A 33 0.42 -3.23 -4.59
CA VAL A 33 0.94 -2.38 -3.51
C VAL A 33 2.36 -2.76 -3.20
N VAL A 34 2.61 -4.06 -3.09
CA VAL A 34 3.97 -4.58 -2.97
C VAL A 34 4.85 -4.01 -4.10
N HIS A 35 4.31 -3.95 -5.31
CA HIS A 35 5.07 -3.50 -6.47
C HIS A 35 5.34 -2.00 -6.41
N ILE A 36 4.31 -1.24 -6.07
CA ILE A 36 4.45 0.19 -5.89
C ILE A 36 5.46 0.47 -4.79
N ILE A 37 5.29 -0.24 -3.71
CA ILE A 37 6.18 -0.14 -2.57
C ILE A 37 7.62 -0.51 -2.95
N GLN A 38 7.82 -1.73 -3.43
CA GLN A 38 9.16 -2.17 -3.85
C GLN A 38 9.80 -1.21 -4.87
N SER A 39 8.98 -0.56 -5.70
CA SER A 39 9.50 0.33 -6.73
C SER A 39 9.81 1.73 -6.18
N ARG A 40 8.88 2.27 -5.39
CA ARG A 40 9.09 3.57 -4.76
C ARG A 40 10.06 3.44 -3.59
N GLU A 41 10.11 2.25 -3.03
CA GLU A 41 11.05 1.93 -1.96
C GLU A 41 12.05 0.89 -2.46
N PRO A 42 13.04 1.30 -3.28
CA PRO A 42 14.02 0.37 -3.84
C PRO A 42 14.89 -0.24 -2.74
N SER A 43 14.76 0.29 -1.53
CA SER A 43 15.46 -0.23 -0.37
C SER A 43 14.92 -1.60 0.02
N LEU A 44 13.71 -1.93 -0.44
CA LEU A 44 13.10 -3.21 -0.13
C LEU A 44 12.78 -4.00 -1.41
N LYS A 45 13.52 -3.71 -2.48
CA LYS A 45 13.33 -4.42 -3.74
C LYS A 45 13.77 -5.88 -3.63
N ASN A 46 14.57 -6.19 -2.63
CA ASN A 46 15.01 -7.57 -2.39
C ASN A 46 13.86 -8.40 -1.85
N SER A 47 12.92 -7.74 -1.19
CA SER A 47 11.77 -8.41 -0.59
C SER A 47 10.89 -9.06 -1.67
N ASN A 48 10.37 -10.24 -1.35
CA ASN A 48 9.54 -10.99 -2.29
C ASN A 48 8.17 -10.34 -2.43
N PRO A 49 7.68 -10.26 -3.67
CA PRO A 49 6.44 -9.56 -4.00
C PRO A 49 5.20 -10.19 -3.39
N ASP A 50 5.29 -11.46 -3.03
CA ASP A 50 4.16 -12.15 -2.41
C ASP A 50 4.34 -12.24 -0.91
N GLU A 51 5.39 -11.60 -0.39
CA GLU A 51 5.69 -11.68 1.03
C GLU A 51 6.15 -10.33 1.54
N ILE A 52 5.66 -9.29 0.89
CA ILE A 52 6.10 -7.93 1.18
C ILE A 52 5.65 -7.47 2.57
N GLU A 53 6.42 -6.57 3.11
CA GLU A 53 6.12 -5.96 4.40
C GLU A 53 5.88 -4.47 4.19
N ILE A 54 4.62 -4.08 4.09
CA ILE A 54 4.27 -2.71 3.88
C ILE A 54 4.49 -1.91 5.17
N ASP A 55 5.55 -1.12 5.21
CA ASP A 55 5.86 -0.32 6.39
C ASP A 55 5.56 1.14 6.11
N PHE A 56 4.41 1.58 6.59
CA PHE A 56 3.86 2.89 6.21
C PHE A 56 4.66 4.06 6.80
N GLU A 57 5.63 3.77 7.65
CA GLU A 57 6.48 4.80 8.21
C GLU A 57 7.67 5.08 7.30
N THR A 58 8.17 4.03 6.67
CA THR A 58 9.29 4.16 5.75
C THR A 58 8.80 4.46 4.35
N LEU A 59 7.59 4.00 4.02
CA LEU A 59 6.95 4.31 2.75
C LEU A 59 6.85 5.82 2.59
N LYS A 60 7.41 6.34 1.51
CA LYS A 60 7.36 7.76 1.23
C LYS A 60 5.92 8.19 0.95
N PRO A 61 5.56 9.44 1.25
CA PRO A 61 4.23 9.98 0.93
C PRO A 61 3.78 9.60 -0.47
N SER A 62 4.73 9.63 -1.39
CA SER A 62 4.50 9.26 -2.78
C SER A 62 3.91 7.85 -2.88
N THR A 63 4.55 6.91 -2.20
CA THR A 63 4.08 5.53 -2.20
C THR A 63 2.74 5.45 -1.51
N LEU A 64 2.66 6.00 -0.30
CA LEU A 64 1.45 5.92 0.51
C LEU A 64 0.24 6.45 -0.23
N ARG A 65 0.37 7.63 -0.83
CA ARG A 65 -0.73 8.22 -1.57
C ARG A 65 -1.07 7.38 -2.79
N GLU A 66 -0.07 6.72 -3.35
CA GLU A 66 -0.29 5.81 -4.46
C GLU A 66 -1.05 4.58 -3.96
N LEU A 67 -0.51 3.94 -2.92
CA LEU A 67 -1.14 2.76 -2.31
C LEU A 67 -2.60 3.06 -1.99
N GLU A 68 -2.84 4.16 -1.30
CA GLU A 68 -4.20 4.60 -0.95
C GLU A 68 -5.05 4.78 -2.19
N ARG A 69 -4.65 5.70 -3.04
CA ARG A 69 -5.38 6.02 -4.28
C ARG A 69 -5.51 4.80 -5.18
N TYR A 70 -4.61 3.86 -5.02
CA TYR A 70 -4.65 2.66 -5.81
C TYR A 70 -5.75 1.74 -5.31
N VAL A 71 -5.78 1.50 -4.02
CA VAL A 71 -6.79 0.64 -3.44
C VAL A 71 -8.15 1.28 -3.67
N THR A 72 -8.20 2.61 -3.66
CA THR A 72 -9.47 3.30 -3.78
C THR A 72 -10.10 3.06 -5.14
N SER A 73 -9.24 2.76 -6.13
CA SER A 73 -9.72 2.43 -7.46
C SER A 73 -10.37 1.05 -7.47
N CYS A 74 -10.05 0.24 -6.46
CA CYS A 74 -10.67 -1.06 -6.28
C CYS A 74 -11.77 -1.04 -5.20
N LEU A 75 -11.61 -0.15 -4.23
CA LEU A 75 -12.46 -0.16 -3.04
C LEU A 75 -13.58 0.88 -3.13
N ARG A 76 -13.21 2.14 -3.35
CA ARG A 76 -14.17 3.23 -3.32
C ARG A 76 -14.81 3.42 -4.70
N LYS A 77 -14.21 2.76 -5.67
CA LYS A 77 -14.67 2.77 -7.05
C LYS A 77 -14.46 1.37 -7.61
N LYS A 78 -15.36 0.92 -8.48
CA LYS A 78 -15.24 -0.43 -9.06
C LYS A 78 -15.19 -1.49 -7.95
N ARG A 79 -16.17 -1.42 -7.05
CA ARG A 79 -16.20 -2.32 -5.90
C ARG A 79 -16.36 -3.78 -6.33
N LYS A 80 -15.42 -4.62 -5.89
CA LYS A 80 -15.41 -6.06 -6.20
C LYS A 80 -15.56 -6.31 -7.69
N PRO A 81 -14.44 -6.24 -8.43
CA PRO A 81 -14.45 -6.37 -9.88
C PRO A 81 -14.35 -7.83 -10.33
N GLN A 82 -15.37 -8.60 -9.99
CA GLN A 82 -15.40 -10.02 -10.34
C GLN A 82 -15.93 -10.20 -11.76
N ALA A 83 -16.65 -9.21 -12.26
CA ALA A 83 -17.19 -9.25 -13.61
C ALA A 83 -17.14 -7.87 -14.24
N VAL B 1 3.43 5.08 15.68
CA VAL B 1 4.06 4.29 14.61
C VAL B 1 3.15 3.17 14.14
N VAL B 2 2.81 3.19 12.85
CA VAL B 2 1.99 2.15 12.25
C VAL B 2 2.77 0.84 12.17
N PRO B 3 2.21 -0.25 12.71
CA PRO B 3 2.83 -1.58 12.64
C PRO B 3 3.00 -2.07 11.21
N LYS B 4 3.98 -2.94 11.00
CA LYS B 4 4.27 -3.46 9.67
C LYS B 4 3.12 -4.33 9.18
N LYS B 5 2.59 -3.99 8.00
CA LYS B 5 1.52 -4.77 7.41
C LYS B 5 2.11 -6.02 6.77
N LYS B 6 2.02 -7.12 7.48
CA LYS B 6 2.61 -8.37 7.05
C LYS B 6 1.79 -9.00 5.92
N ILE B 7 2.29 -8.87 4.70
CA ILE B 7 1.61 -9.40 3.53
C ILE B 7 2.20 -10.74 3.15
N LYS B 8 1.42 -11.80 3.32
CA LYS B 8 1.90 -13.15 3.03
C LYS B 8 0.94 -13.84 2.06
N LYS B 9 1.22 -13.70 0.77
CA LYS B 9 0.39 -14.24 -0.31
C LYS B 9 -1.01 -13.62 -0.29
N GLU B 10 -1.88 -14.13 0.56
CA GLU B 10 -3.23 -13.63 0.68
C GLU B 10 -3.47 -13.01 2.05
N GLN B 11 -3.57 -11.70 2.10
CA GLN B 11 -3.88 -10.99 3.32
C GLN B 11 -5.06 -10.06 3.11
N VAL B 12 -6.22 -10.66 2.92
CA VAL B 12 -7.44 -9.92 2.63
C VAL B 12 -8.23 -9.63 3.89
N GLU B 13 -9.37 -8.99 3.74
CA GLU B 13 -10.20 -8.60 4.86
C GLU B 13 -11.02 -9.79 5.36
N SER A 1 13.77 15.00 -7.24
CA SER A 1 13.23 15.32 -5.89
C SER A 1 11.93 16.10 -6.01
N GLU A 2 11.33 16.06 -7.19
CA GLU A 2 10.20 16.92 -7.49
C GLU A 2 8.88 16.19 -7.28
N GLU A 3 8.93 14.88 -7.22
CA GLU A 3 7.74 14.10 -6.89
C GLU A 3 7.46 14.27 -5.41
N GLU A 4 8.49 14.69 -4.68
CA GLU A 4 8.38 15.00 -3.27
C GLU A 4 7.48 16.21 -3.05
N ASP A 5 7.40 17.09 -4.05
CA ASP A 5 6.60 18.31 -3.92
C ASP A 5 5.18 18.07 -4.37
N LYS A 6 5.00 17.08 -5.24
CA LYS A 6 3.67 16.80 -5.80
C LYS A 6 2.87 15.93 -4.83
N CYS A 7 3.56 15.10 -4.09
CA CYS A 7 2.92 14.16 -3.19
C CYS A 7 2.59 14.80 -1.84
N LYS A 8 1.47 14.38 -1.26
CA LYS A 8 0.99 14.95 -0.01
C LYS A 8 1.36 14.08 1.17
N PRO A 9 1.70 14.71 2.30
CA PRO A 9 2.09 14.02 3.52
C PRO A 9 0.91 13.25 4.13
N MET A 10 1.13 12.00 4.48
CA MET A 10 0.07 11.16 5.02
C MET A 10 0.17 11.08 6.54
N SER A 11 -0.89 11.49 7.23
CA SER A 11 -0.89 11.47 8.70
C SER A 11 -1.10 10.06 9.24
N TYR A 12 -1.05 9.89 10.57
CA TYR A 12 -1.07 8.57 11.17
C TYR A 12 -2.40 7.84 10.93
N GLU A 13 -3.52 8.51 11.24
CA GLU A 13 -4.86 7.98 10.96
C GLU A 13 -5.02 7.61 9.49
N GLU A 14 -4.36 8.36 8.62
CA GLU A 14 -4.45 8.12 7.20
C GLU A 14 -3.70 6.86 6.82
N LYS A 15 -2.48 6.72 7.35
CA LYS A 15 -1.70 5.51 7.17
C LYS A 15 -2.46 4.31 7.73
N ARG A 16 -3.17 4.53 8.83
CA ARG A 16 -4.03 3.50 9.42
C ARG A 16 -5.12 3.09 8.44
N GLN A 17 -5.89 4.08 7.98
CA GLN A 17 -6.94 3.84 7.01
C GLN A 17 -6.38 3.17 5.76
N LEU A 18 -5.22 3.62 5.36
CA LEU A 18 -4.48 3.07 4.22
C LEU A 18 -4.24 1.57 4.44
N SER A 19 -3.67 1.24 5.59
CA SER A 19 -3.31 -0.13 5.91
C SER A 19 -4.55 -1.03 5.96
N LEU A 20 -5.65 -0.43 6.35
CA LEU A 20 -6.93 -1.13 6.47
C LEU A 20 -7.58 -1.31 5.11
N ASP A 21 -7.33 -0.35 4.23
CA ASP A 21 -7.85 -0.40 2.86
C ASP A 21 -6.94 -1.26 1.97
N ILE A 22 -5.66 -1.32 2.29
CA ILE A 22 -4.77 -2.28 1.65
C ILE A 22 -5.19 -3.69 2.01
N ASN A 23 -5.65 -3.85 3.24
CA ASN A 23 -6.10 -5.14 3.74
C ASN A 23 -7.39 -5.58 3.03
N LYS A 24 -8.05 -4.61 2.39
CA LYS A 24 -9.27 -4.88 1.63
C LYS A 24 -8.94 -5.47 0.26
N LEU A 25 -7.73 -5.20 -0.24
CA LEU A 25 -7.33 -5.68 -1.56
C LEU A 25 -7.13 -7.19 -1.59
N PRO A 26 -7.64 -7.85 -2.66
CA PRO A 26 -7.38 -9.27 -2.90
C PRO A 26 -5.92 -9.50 -3.29
N GLY A 27 -5.46 -10.74 -3.12
CA GLY A 27 -4.05 -11.07 -3.31
C GLY A 27 -3.46 -10.53 -4.60
N GLU A 28 -4.09 -10.84 -5.72
CA GLU A 28 -3.62 -10.40 -7.03
C GLU A 28 -3.53 -8.87 -7.11
N LYS A 29 -4.53 -8.18 -6.58
CA LYS A 29 -4.57 -6.73 -6.66
C LYS A 29 -3.56 -6.12 -5.69
N LEU A 30 -3.28 -6.84 -4.63
CA LEU A 30 -2.36 -6.35 -3.62
C LEU A 30 -0.92 -6.61 -4.00
N GLY A 31 -0.69 -7.44 -5.01
CA GLY A 31 0.64 -7.56 -5.57
C GLY A 31 1.10 -6.25 -6.18
N ARG A 32 0.13 -5.38 -6.49
CA ARG A 32 0.46 -4.04 -6.97
C ARG A 32 1.03 -3.18 -5.87
N VAL A 33 0.45 -3.22 -4.68
CA VAL A 33 0.97 -2.41 -3.58
C VAL A 33 2.41 -2.80 -3.29
N VAL A 34 2.65 -4.09 -3.18
CA VAL A 34 4.02 -4.62 -3.09
C VAL A 34 4.89 -4.05 -4.23
N HIS A 35 4.33 -4.01 -5.45
CA HIS A 35 5.07 -3.52 -6.61
C HIS A 35 5.36 -2.03 -6.46
N ILE A 36 4.33 -1.26 -6.13
CA ILE A 36 4.49 0.17 -5.92
C ILE A 36 5.49 0.42 -4.80
N ILE A 37 5.32 -0.31 -3.72
CA ILE A 37 6.17 -0.20 -2.57
C ILE A 37 7.63 -0.58 -2.91
N GLN A 38 7.87 -1.81 -3.32
CA GLN A 38 9.24 -2.26 -3.67
C GLN A 38 9.91 -1.34 -4.69
N SER A 39 9.12 -0.76 -5.60
CA SER A 39 9.66 0.10 -6.64
C SER A 39 9.96 1.49 -6.11
N ARG A 40 9.02 2.05 -5.36
CA ARG A 40 9.18 3.39 -4.80
C ARG A 40 10.06 3.34 -3.55
N GLU A 41 10.18 2.16 -2.98
CA GLU A 41 11.04 1.91 -1.83
C GLU A 41 12.11 0.88 -2.21
N PRO A 42 13.12 1.25 -3.01
CA PRO A 42 14.12 0.29 -3.47
C PRO A 42 14.93 -0.32 -2.32
N SER A 43 14.82 0.28 -1.14
CA SER A 43 15.49 -0.23 0.04
C SER A 43 14.91 -1.58 0.46
N LEU A 44 13.69 -1.85 0.02
CA LEU A 44 13.06 -3.14 0.31
C LEU A 44 12.86 -3.94 -0.98
N LYS A 45 13.66 -3.61 -1.99
CA LYS A 45 13.62 -4.34 -3.28
C LYS A 45 13.89 -5.84 -3.07
N ASN A 46 14.67 -6.15 -2.03
CA ASN A 46 15.07 -7.52 -1.74
C ASN A 46 13.92 -8.32 -1.10
N SER A 47 12.83 -7.65 -0.81
CA SER A 47 11.67 -8.30 -0.20
C SER A 47 10.87 -9.07 -1.25
N ASN A 48 10.23 -10.15 -0.80
CA ASN A 48 9.48 -11.02 -1.70
C ASN A 48 8.16 -10.36 -2.08
N PRO A 49 7.83 -10.37 -3.38
CA PRO A 49 6.65 -9.66 -3.89
C PRO A 49 5.33 -10.26 -3.43
N ASP A 50 5.33 -11.52 -3.05
CA ASP A 50 4.10 -12.16 -2.59
C ASP A 50 4.11 -12.31 -1.08
N GLU A 51 5.14 -11.76 -0.44
CA GLU A 51 5.28 -11.84 1.01
C GLU A 51 5.76 -10.51 1.53
N ILE A 52 5.40 -9.45 0.82
CA ILE A 52 5.89 -8.12 1.10
C ILE A 52 5.49 -7.65 2.49
N GLU A 53 6.25 -6.74 3.01
CA GLU A 53 5.99 -6.15 4.31
C GLU A 53 5.78 -4.66 4.09
N ILE A 54 4.51 -4.25 4.01
CA ILE A 54 4.17 -2.86 3.83
C ILE A 54 4.36 -2.10 5.14
N ASP A 55 5.45 -1.37 5.25
CA ASP A 55 5.73 -0.59 6.45
C ASP A 55 5.43 0.86 6.18
N PHE A 56 4.30 1.32 6.68
CA PHE A 56 3.76 2.63 6.34
C PHE A 56 4.56 3.77 6.96
N GLU A 57 5.51 3.45 7.82
CA GLU A 57 6.38 4.44 8.42
C GLU A 57 7.58 4.71 7.52
N THR A 58 8.05 3.68 6.84
CA THR A 58 9.19 3.82 5.96
C THR A 58 8.74 4.18 4.54
N LEU A 59 7.51 3.80 4.20
CA LEU A 59 6.93 4.16 2.91
C LEU A 59 6.92 5.67 2.74
N LYS A 60 7.50 6.13 1.64
CA LYS A 60 7.51 7.56 1.33
C LYS A 60 6.07 8.03 1.12
N PRO A 61 5.74 9.26 1.57
CA PRO A 61 4.41 9.85 1.33
C PRO A 61 3.90 9.62 -0.08
N SER A 62 4.83 9.64 -1.03
CA SER A 62 4.53 9.40 -2.43
C SER A 62 3.91 8.02 -2.63
N THR A 63 4.57 6.99 -2.09
CA THR A 63 4.06 5.63 -2.17
C THR A 63 2.72 5.52 -1.47
N LEU A 64 2.64 6.06 -0.26
CA LEU A 64 1.43 5.97 0.54
C LEU A 64 0.23 6.57 -0.18
N ARG A 65 0.41 7.75 -0.77
CA ARG A 65 -0.67 8.40 -1.51
C ARG A 65 -1.04 7.58 -2.74
N GLU A 66 -0.09 6.82 -3.24
CA GLU A 66 -0.34 5.92 -4.36
C GLU A 66 -1.10 4.68 -3.88
N LEU A 67 -0.52 3.97 -2.90
CA LEU A 67 -1.15 2.78 -2.31
C LEU A 67 -2.61 3.05 -1.97
N GLU A 68 -2.86 4.15 -1.27
CA GLU A 68 -4.22 4.55 -0.90
C GLU A 68 -5.08 4.72 -2.14
N ARG A 69 -4.71 5.68 -2.99
CA ARG A 69 -5.45 5.99 -4.20
C ARG A 69 -5.62 4.76 -5.09
N TYR A 70 -4.68 3.85 -5.00
CA TYR A 70 -4.72 2.65 -5.79
C TYR A 70 -5.82 1.74 -5.28
N VAL A 71 -5.81 1.46 -3.99
CA VAL A 71 -6.81 0.60 -3.42
C VAL A 71 -8.18 1.24 -3.60
N THR A 72 -8.24 2.56 -3.56
CA THR A 72 -9.51 3.26 -3.64
C THR A 72 -10.16 3.05 -5.01
N SER A 73 -9.34 2.72 -6.00
CA SER A 73 -9.86 2.41 -7.33
C SER A 73 -10.56 1.05 -7.29
N CYS A 74 -10.14 0.21 -6.35
CA CYS A 74 -10.72 -1.12 -6.19
C CYS A 74 -11.77 -1.15 -5.09
N LEU A 75 -11.64 -0.24 -4.13
CA LEU A 75 -12.48 -0.24 -2.94
C LEU A 75 -13.58 0.81 -3.03
N ARG A 76 -13.18 2.07 -3.25
CA ARG A 76 -14.10 3.18 -3.21
C ARG A 76 -14.66 3.47 -4.60
N LYS A 77 -14.40 2.55 -5.51
CA LYS A 77 -14.87 2.67 -6.88
C LYS A 77 -15.32 1.31 -7.40
N LYS A 78 -15.50 0.36 -6.48
CA LYS A 78 -15.87 -1.00 -6.82
C LYS A 78 -16.19 -1.76 -5.54
N ARG A 79 -17.33 -2.43 -5.49
CA ARG A 79 -17.74 -3.10 -4.27
C ARG A 79 -17.59 -4.61 -4.38
N LYS A 80 -16.85 -5.03 -5.38
CA LYS A 80 -16.59 -6.45 -5.61
C LYS A 80 -15.48 -6.62 -6.64
N PRO A 81 -14.23 -6.80 -6.18
CA PRO A 81 -13.09 -6.99 -7.07
C PRO A 81 -13.00 -8.41 -7.63
N GLN A 82 -13.35 -9.38 -6.79
CA GLN A 82 -13.23 -10.78 -7.16
C GLN A 82 -14.58 -11.34 -7.59
N ALA A 83 -14.79 -11.43 -8.90
CA ALA A 83 -16.02 -11.98 -9.46
C ALA A 83 -17.23 -11.17 -9.02
N VAL B 1 2.23 6.05 15.17
CA VAL B 1 2.54 4.61 15.08
C VAL B 1 1.50 3.90 14.24
N VAL B 2 1.94 3.03 13.34
CA VAL B 2 1.04 2.33 12.44
C VAL B 2 1.42 0.86 12.33
N PRO B 3 0.52 -0.04 12.75
CA PRO B 3 0.69 -1.48 12.58
C PRO B 3 1.08 -1.86 11.15
N LYS B 4 2.25 -2.45 11.00
CA LYS B 4 2.73 -2.84 9.67
C LYS B 4 1.99 -4.09 9.18
N LYS B 5 1.90 -4.23 7.87
CA LYS B 5 1.12 -5.30 7.29
C LYS B 5 1.99 -6.47 6.86
N LYS B 6 1.81 -7.60 7.52
CA LYS B 6 2.51 -8.81 7.18
C LYS B 6 1.83 -9.49 5.99
N ILE B 7 2.06 -8.93 4.82
CA ILE B 7 1.40 -9.39 3.59
C ILE B 7 1.92 -10.77 3.19
N LYS B 8 1.00 -11.64 2.80
CA LYS B 8 1.33 -12.96 2.33
C LYS B 8 0.44 -13.33 1.15
N LYS B 9 0.44 -14.60 0.77
CA LYS B 9 -0.38 -15.08 -0.34
C LYS B 9 -1.85 -14.75 -0.12
N GLU B 10 -2.30 -14.98 1.11
CA GLU B 10 -3.67 -14.72 1.48
C GLU B 10 -3.74 -13.52 2.43
N GLN B 11 -4.81 -12.76 2.34
CA GLN B 11 -5.00 -11.63 3.23
C GLN B 11 -6.49 -11.40 3.51
N VAL B 12 -7.30 -11.52 2.48
CA VAL B 12 -8.74 -11.31 2.63
C VAL B 12 -9.43 -12.59 3.06
N GLU B 13 -10.60 -12.45 3.67
CA GLU B 13 -11.37 -13.59 4.15
C GLU B 13 -12.31 -14.07 3.06
N SER A 1 10.91 21.29 -7.68
CA SER A 1 10.76 20.49 -6.46
C SER A 1 9.31 20.06 -6.29
N GLU A 2 8.50 20.38 -7.28
CA GLU A 2 7.07 20.17 -7.19
C GLU A 2 6.73 18.70 -7.33
N GLU A 3 7.57 17.93 -8.01
CA GLU A 3 7.34 16.50 -8.18
C GLU A 3 7.35 15.77 -6.84
N GLU A 4 8.04 16.34 -5.86
CA GLU A 4 8.11 15.74 -4.55
C GLU A 4 7.10 16.40 -3.59
N ASP A 5 6.83 17.68 -3.81
CA ASP A 5 5.93 18.42 -2.92
C ASP A 5 4.47 18.25 -3.33
N LYS A 6 4.25 17.83 -4.57
CA LYS A 6 2.90 17.59 -5.07
C LYS A 6 2.26 16.42 -4.34
N CYS A 7 3.08 15.55 -3.78
CA CYS A 7 2.60 14.46 -2.97
C CYS A 7 2.27 14.96 -1.57
N LYS A 8 1.03 14.80 -1.16
CA LYS A 8 0.57 15.31 0.13
C LYS A 8 0.97 14.37 1.25
N PRO A 9 1.41 14.94 2.37
CA PRO A 9 1.88 14.16 3.52
C PRO A 9 0.73 13.36 4.15
N MET A 10 0.96 12.07 4.33
CA MET A 10 -0.07 11.20 4.91
C MET A 10 0.06 11.18 6.43
N SER A 11 -1.00 11.57 7.11
CA SER A 11 -0.99 11.64 8.56
C SER A 11 -1.20 10.25 9.19
N TYR A 12 -1.07 10.15 10.52
CA TYR A 12 -1.07 8.86 11.22
C TYR A 12 -2.40 8.09 11.01
N GLU A 13 -3.52 8.73 11.33
CA GLU A 13 -4.85 8.18 11.10
C GLU A 13 -5.01 7.67 9.66
N GLU A 14 -4.42 8.41 8.73
CA GLU A 14 -4.53 8.10 7.32
C GLU A 14 -3.76 6.83 6.97
N LYS A 15 -2.53 6.75 7.47
CA LYS A 15 -1.72 5.55 7.27
C LYS A 15 -2.42 4.31 7.84
N ARG A 16 -3.15 4.50 8.95
CA ARG A 16 -3.94 3.41 9.50
C ARG A 16 -5.03 3.00 8.53
N GLN A 17 -5.82 3.98 8.08
CA GLN A 17 -6.87 3.74 7.10
C GLN A 17 -6.29 3.06 5.87
N LEU A 18 -5.12 3.53 5.47
CA LEU A 18 -4.39 3.00 4.34
C LEU A 18 -4.10 1.51 4.55
N SER A 19 -3.54 1.18 5.69
CA SER A 19 -3.19 -0.19 5.99
C SER A 19 -4.43 -1.07 6.01
N LEU A 20 -5.58 -0.44 6.27
CA LEU A 20 -6.85 -1.15 6.33
C LEU A 20 -7.47 -1.27 4.95
N ASP A 21 -7.20 -0.29 4.09
CA ASP A 21 -7.69 -0.32 2.71
C ASP A 21 -6.83 -1.25 1.85
N ILE A 22 -5.53 -1.30 2.14
CA ILE A 22 -4.65 -2.28 1.54
C ILE A 22 -5.10 -3.69 1.90
N ASN A 23 -5.56 -3.83 3.14
CA ASN A 23 -6.02 -5.11 3.64
C ASN A 23 -7.32 -5.53 2.94
N LYS A 24 -8.00 -4.56 2.34
CA LYS A 24 -9.25 -4.80 1.63
C LYS A 24 -8.99 -5.33 0.22
N LEU A 25 -7.78 -5.16 -0.27
CA LEU A 25 -7.41 -5.61 -1.60
C LEU A 25 -7.27 -7.13 -1.66
N PRO A 26 -7.74 -7.75 -2.76
CA PRO A 26 -7.49 -9.17 -3.00
C PRO A 26 -6.01 -9.42 -3.30
N GLY A 27 -5.54 -10.62 -2.98
CA GLY A 27 -4.12 -10.94 -3.10
C GLY A 27 -3.50 -10.49 -4.42
N GLU A 28 -4.15 -10.80 -5.52
CA GLU A 28 -3.65 -10.43 -6.84
C GLU A 28 -3.52 -8.90 -6.99
N LYS A 29 -4.51 -8.17 -6.49
CA LYS A 29 -4.51 -6.71 -6.59
C LYS A 29 -3.52 -6.12 -5.59
N LEU A 30 -3.28 -6.83 -4.51
CA LEU A 30 -2.38 -6.34 -3.49
C LEU A 30 -0.93 -6.59 -3.87
N GLY A 31 -0.71 -7.45 -4.85
CA GLY A 31 0.62 -7.60 -5.41
C GLY A 31 1.07 -6.31 -6.07
N ARG A 32 0.12 -5.43 -6.37
CA ARG A 32 0.46 -4.10 -6.88
C ARG A 32 1.04 -3.22 -5.79
N VAL A 33 0.46 -3.24 -4.60
CA VAL A 33 0.97 -2.40 -3.51
C VAL A 33 2.40 -2.80 -3.19
N VAL A 34 2.63 -4.10 -3.04
CA VAL A 34 3.99 -4.64 -2.94
C VAL A 34 4.85 -4.09 -4.09
N HIS A 35 4.28 -4.03 -5.29
CA HIS A 35 5.01 -3.57 -6.47
C HIS A 35 5.32 -2.09 -6.38
N ILE A 36 4.30 -1.29 -6.08
CA ILE A 36 4.45 0.15 -5.92
C ILE A 36 5.46 0.44 -4.82
N ILE A 37 5.30 -0.26 -3.72
CA ILE A 37 6.18 -0.12 -2.58
C ILE A 37 7.62 -0.51 -2.94
N GLN A 38 7.86 -1.76 -3.31
CA GLN A 38 9.21 -2.20 -3.70
C GLN A 38 9.86 -1.29 -4.74
N SER A 39 9.07 -0.80 -5.70
CA SER A 39 9.60 0.02 -6.79
C SER A 39 9.92 1.44 -6.30
N ARG A 40 9.00 2.01 -5.53
CA ARG A 40 9.18 3.34 -5.00
C ARG A 40 10.10 3.32 -3.78
N GLU A 41 10.23 2.15 -3.20
CA GLU A 41 11.10 1.93 -2.06
C GLU A 41 12.15 0.88 -2.42
N PRO A 42 13.16 1.23 -3.22
CA PRO A 42 14.16 0.27 -3.67
C PRO A 42 14.99 -0.25 -2.50
N SER A 43 14.83 0.38 -1.34
CA SER A 43 15.50 -0.05 -0.13
C SER A 43 14.94 -1.39 0.33
N LEU A 44 13.71 -1.70 -0.06
CA LEU A 44 13.08 -2.95 0.33
C LEU A 44 12.86 -3.85 -0.89
N LYS A 45 13.67 -3.65 -1.92
CA LYS A 45 13.57 -4.48 -3.12
C LYS A 45 14.03 -5.91 -2.82
N ASN A 46 14.67 -6.10 -1.66
CA ASN A 46 15.10 -7.42 -1.23
C ASN A 46 13.91 -8.28 -0.81
N SER A 47 12.89 -7.65 -0.24
CA SER A 47 11.71 -8.38 0.18
C SER A 47 10.89 -8.85 -1.02
N ASN A 48 10.50 -10.12 -1.00
CA ASN A 48 9.81 -10.74 -2.12
C ASN A 48 8.41 -10.20 -2.27
N PRO A 49 7.94 -10.07 -3.53
CA PRO A 49 6.63 -9.47 -3.85
C PRO A 49 5.46 -10.25 -3.27
N ASP A 50 5.68 -11.52 -2.95
CA ASP A 50 4.62 -12.34 -2.38
C ASP A 50 4.80 -12.44 -0.87
N GLU A 51 5.76 -11.70 -0.33
CA GLU A 51 6.10 -11.76 1.08
C GLU A 51 6.41 -10.37 1.60
N ILE A 52 5.80 -9.36 0.98
CA ILE A 52 6.18 -7.98 1.21
C ILE A 52 5.77 -7.48 2.60
N GLU A 53 6.55 -6.52 3.06
CA GLU A 53 6.33 -5.86 4.33
C GLU A 53 6.01 -4.39 4.06
N ILE A 54 4.74 -4.05 4.04
CA ILE A 54 4.35 -2.68 3.82
C ILE A 54 4.60 -1.87 5.09
N ASP A 55 5.69 -1.13 5.11
CA ASP A 55 6.06 -0.35 6.28
C ASP A 55 5.67 1.10 6.08
N PHE A 56 4.48 1.44 6.57
CA PHE A 56 3.87 2.74 6.29
C PHE A 56 4.64 3.91 6.90
N GLU A 57 5.56 3.62 7.80
CA GLU A 57 6.36 4.65 8.43
C GLU A 57 7.56 5.00 7.58
N THR A 58 8.05 4.04 6.82
CA THR A 58 9.19 4.27 5.95
C THR A 58 8.76 4.48 4.50
N LEU A 59 7.54 4.03 4.17
CA LEU A 59 6.95 4.34 2.87
C LEU A 59 6.83 5.83 2.71
N LYS A 60 7.41 6.35 1.64
CA LYS A 60 7.39 7.77 1.39
C LYS A 60 5.97 8.23 1.08
N PRO A 61 5.60 9.46 1.50
CA PRO A 61 4.26 10.00 1.28
C PRO A 61 3.73 9.69 -0.12
N SER A 62 4.61 9.81 -1.10
CA SER A 62 4.29 9.54 -2.49
C SER A 62 3.76 8.11 -2.68
N THR A 63 4.47 7.12 -2.12
CA THR A 63 4.03 5.74 -2.19
C THR A 63 2.70 5.59 -1.48
N LEU A 64 2.62 6.12 -0.27
CA LEU A 64 1.42 6.00 0.55
C LEU A 64 0.20 6.58 -0.17
N ARG A 65 0.35 7.77 -0.74
CA ARG A 65 -0.73 8.40 -1.47
C ARG A 65 -1.10 7.58 -2.72
N GLU A 66 -0.12 6.84 -3.23
CA GLU A 66 -0.36 5.95 -4.34
C GLU A 66 -1.11 4.70 -3.87
N LEU A 67 -0.53 3.99 -2.89
CA LEU A 67 -1.15 2.81 -2.29
C LEU A 67 -2.63 3.09 -1.98
N GLU A 68 -2.88 4.20 -1.29
CA GLU A 68 -4.24 4.60 -0.95
C GLU A 68 -5.10 4.79 -2.20
N ARG A 69 -4.70 5.72 -3.07
CA ARG A 69 -5.46 6.03 -4.29
C ARG A 69 -5.60 4.80 -5.18
N TYR A 70 -4.68 3.88 -5.05
CA TYR A 70 -4.74 2.65 -5.81
C TYR A 70 -5.88 1.78 -5.30
N VAL A 71 -5.87 1.52 -3.99
CA VAL A 71 -6.90 0.69 -3.41
C VAL A 71 -8.26 1.33 -3.64
N THR A 72 -8.31 2.67 -3.64
CA THR A 72 -9.57 3.37 -3.76
C THR A 72 -10.23 3.07 -5.09
N SER A 73 -9.41 2.78 -6.08
CA SER A 73 -9.93 2.41 -7.39
C SER A 73 -10.68 1.08 -7.29
N CYS A 74 -10.28 0.25 -6.32
CA CYS A 74 -10.91 -1.05 -6.11
C CYS A 74 -11.94 -1.00 -4.98
N LEU A 75 -11.75 -0.09 -4.02
CA LEU A 75 -12.56 -0.04 -2.82
C LEU A 75 -13.61 1.06 -2.86
N ARG A 76 -13.22 2.25 -3.28
CA ARG A 76 -14.07 3.42 -3.18
C ARG A 76 -14.68 3.77 -4.53
N LYS A 77 -14.45 2.91 -5.50
CA LYS A 77 -15.03 3.06 -6.83
C LYS A 77 -15.50 1.69 -7.33
N LYS A 78 -15.45 0.72 -6.44
CA LYS A 78 -15.80 -0.65 -6.74
C LYS A 78 -16.10 -1.37 -5.43
N ARG A 79 -16.78 -2.50 -5.48
CA ARG A 79 -17.14 -3.22 -4.26
C ARG A 79 -16.61 -4.64 -4.29
N LYS A 80 -15.36 -4.79 -4.73
CA LYS A 80 -14.72 -6.10 -4.90
C LYS A 80 -15.35 -6.86 -6.06
N PRO A 81 -14.62 -7.00 -7.17
CA PRO A 81 -15.06 -7.81 -8.32
C PRO A 81 -15.33 -9.26 -7.91
N GLN A 82 -16.61 -9.62 -7.87
CA GLN A 82 -17.01 -10.94 -7.40
C GLN A 82 -16.83 -11.99 -8.49
N ALA A 83 -16.02 -12.99 -8.19
CA ALA A 83 -15.77 -14.08 -9.11
C ALA A 83 -15.69 -15.39 -8.34
N VAL B 1 4.33 3.50 15.51
CA VAL B 1 3.09 4.09 14.98
C VAL B 1 2.67 3.39 13.71
N VAL B 2 1.45 2.87 13.70
CA VAL B 2 0.90 2.12 12.56
C VAL B 2 1.62 0.79 12.37
N PRO B 3 0.92 -0.32 12.65
CA PRO B 3 1.47 -1.66 12.45
C PRO B 3 1.67 -1.98 10.98
N LYS B 4 2.83 -2.52 10.64
CA LYS B 4 3.16 -2.83 9.27
C LYS B 4 2.30 -3.99 8.75
N LYS B 5 1.92 -3.91 7.48
CA LYS B 5 1.04 -4.92 6.91
C LYS B 5 1.85 -6.09 6.38
N LYS B 6 1.87 -7.17 7.15
CA LYS B 6 2.52 -8.41 6.74
C LYS B 6 1.61 -9.19 5.81
N ILE B 7 1.92 -9.16 4.53
CA ILE B 7 1.09 -9.80 3.54
C ILE B 7 1.86 -10.84 2.73
N LYS B 8 1.64 -12.10 3.08
CA LYS B 8 2.28 -13.21 2.39
C LYS B 8 1.24 -14.00 1.60
N LYS B 9 0.43 -14.78 2.30
CA LYS B 9 -0.60 -15.58 1.65
C LYS B 9 -1.97 -14.96 1.84
N GLU B 10 -2.45 -14.94 3.09
CA GLU B 10 -3.76 -14.38 3.38
C GLU B 10 -3.66 -12.86 3.47
N GLN B 11 -4.41 -12.17 2.62
CA GLN B 11 -4.37 -10.72 2.57
C GLN B 11 -5.23 -10.10 3.67
N VAL B 12 -6.15 -10.88 4.20
CA VAL B 12 -7.04 -10.39 5.25
C VAL B 12 -6.40 -10.62 6.62
N GLU B 13 -5.80 -9.58 7.16
CA GLU B 13 -5.16 -9.64 8.46
C GLU B 13 -6.14 -9.26 9.56
N SER A 1 12.17 15.11 -9.65
CA SER A 1 11.99 15.10 -8.18
C SER A 1 10.55 15.34 -7.79
N GLU A 2 9.69 15.53 -8.77
CA GLU A 2 8.30 15.84 -8.50
C GLU A 2 7.58 14.67 -7.85
N GLU A 3 8.03 13.44 -8.12
CA GLU A 3 7.44 12.27 -7.51
C GLU A 3 7.74 12.23 -6.01
N GLU A 4 8.69 13.05 -5.59
CA GLU A 4 9.00 13.18 -4.18
C GLU A 4 8.31 14.41 -3.57
N ASP A 5 8.14 15.45 -4.38
CA ASP A 5 7.70 16.75 -3.87
C ASP A 5 6.21 17.01 -4.05
N LYS A 6 5.66 16.60 -5.20
CA LYS A 6 4.25 16.88 -5.50
C LYS A 6 3.35 15.96 -4.69
N CYS A 7 3.93 14.97 -4.05
CA CYS A 7 3.20 14.03 -3.24
C CYS A 7 2.85 14.63 -1.88
N LYS A 8 1.63 14.38 -1.43
CA LYS A 8 1.13 14.95 -0.19
C LYS A 8 1.49 14.09 1.01
N PRO A 9 1.80 14.72 2.13
CA PRO A 9 2.21 14.02 3.35
C PRO A 9 1.04 13.31 4.02
N MET A 10 1.09 11.99 4.02
CA MET A 10 0.02 11.18 4.59
C MET A 10 0.09 11.24 6.13
N SER A 11 -1.04 11.52 6.75
CA SER A 11 -1.09 11.64 8.21
C SER A 11 -1.26 10.27 8.88
N TYR A 12 -1.18 10.24 10.22
CA TYR A 12 -1.25 8.98 10.97
C TYR A 12 -2.54 8.20 10.68
N GLU A 13 -3.67 8.88 10.80
CA GLU A 13 -4.96 8.24 10.60
C GLU A 13 -5.15 7.79 9.16
N GLU A 14 -4.49 8.48 8.26
CA GLU A 14 -4.55 8.14 6.86
C GLU A 14 -3.74 6.88 6.60
N LYS A 15 -2.54 6.82 7.17
CA LYS A 15 -1.72 5.61 7.10
C LYS A 15 -2.48 4.42 7.68
N ARG A 16 -3.20 4.64 8.78
CA ARG A 16 -4.00 3.59 9.39
C ARG A 16 -5.10 3.13 8.44
N GLN A 17 -5.89 4.09 7.95
CA GLN A 17 -6.95 3.77 7.01
C GLN A 17 -6.38 3.07 5.79
N LEU A 18 -5.19 3.50 5.39
CA LEU A 18 -4.45 2.92 4.28
C LEU A 18 -4.16 1.45 4.55
N SER A 19 -3.58 1.17 5.69
CA SER A 19 -3.22 -0.19 6.06
C SER A 19 -4.47 -1.07 6.08
N LEU A 20 -5.61 -0.44 6.28
CA LEU A 20 -6.89 -1.12 6.35
C LEU A 20 -7.51 -1.26 4.97
N ASP A 21 -7.21 -0.32 4.07
CA ASP A 21 -7.70 -0.39 2.70
C ASP A 21 -6.81 -1.30 1.84
N ILE A 22 -5.53 -1.33 2.15
CA ILE A 22 -4.63 -2.33 1.58
C ILE A 22 -5.08 -3.72 2.02
N ASN A 23 -5.54 -3.79 3.26
CA ASN A 23 -6.00 -5.02 3.85
C ASN A 23 -7.27 -5.51 3.15
N LYS A 24 -7.93 -4.61 2.43
CA LYS A 24 -9.14 -4.91 1.68
C LYS A 24 -8.84 -5.47 0.29
N LEU A 25 -7.64 -5.23 -0.19
CA LEU A 25 -7.26 -5.65 -1.53
C LEU A 25 -7.06 -7.16 -1.63
N PRO A 26 -7.63 -7.77 -2.68
CA PRO A 26 -7.44 -9.20 -2.95
C PRO A 26 -6.00 -9.49 -3.33
N GLY A 27 -5.57 -10.73 -3.13
CA GLY A 27 -4.17 -11.10 -3.30
C GLY A 27 -3.55 -10.59 -4.59
N GLU A 28 -4.23 -10.82 -5.70
CA GLU A 28 -3.73 -10.38 -7.00
C GLU A 28 -3.58 -8.85 -7.06
N LYS A 29 -4.56 -8.14 -6.53
CA LYS A 29 -4.56 -6.69 -6.59
C LYS A 29 -3.56 -6.11 -5.61
N LEU A 30 -3.30 -6.83 -4.55
CA LEU A 30 -2.38 -6.36 -3.53
C LEU A 30 -0.94 -6.63 -3.91
N GLY A 31 -0.73 -7.45 -4.93
CA GLY A 31 0.60 -7.62 -5.49
C GLY A 31 1.08 -6.34 -6.16
N ARG A 32 0.14 -5.42 -6.43
CA ARG A 32 0.50 -4.12 -6.96
C ARG A 32 1.06 -3.21 -5.86
N VAL A 33 0.46 -3.24 -4.67
CA VAL A 33 0.97 -2.41 -3.58
C VAL A 33 2.40 -2.80 -3.28
N VAL A 34 2.64 -4.10 -3.16
CA VAL A 34 4.00 -4.62 -3.04
C VAL A 34 4.90 -4.03 -4.15
N HIS A 35 4.36 -3.93 -5.36
CA HIS A 35 5.13 -3.46 -6.50
C HIS A 35 5.39 -1.97 -6.38
N ILE A 36 4.36 -1.21 -6.03
CA ILE A 36 4.50 0.23 -5.82
C ILE A 36 5.47 0.48 -4.69
N ILE A 37 5.32 -0.29 -3.63
CA ILE A 37 6.19 -0.20 -2.48
C ILE A 37 7.63 -0.56 -2.86
N GLN A 38 7.85 -1.77 -3.37
CA GLN A 38 9.19 -2.20 -3.79
C GLN A 38 9.85 -1.19 -4.75
N SER A 39 9.06 -0.52 -5.58
CA SER A 39 9.59 0.42 -6.56
C SER A 39 9.85 1.81 -5.95
N ARG A 40 8.91 2.29 -5.16
CA ARG A 40 9.08 3.56 -4.46
C ARG A 40 10.06 3.40 -3.31
N GLU A 41 10.13 2.19 -2.79
CA GLU A 41 11.04 1.82 -1.71
C GLU A 41 12.06 0.81 -2.22
N PRO A 42 13.09 1.24 -2.94
CA PRO A 42 14.09 0.32 -3.48
C PRO A 42 14.91 -0.32 -2.37
N SER A 43 14.70 0.16 -1.14
CA SER A 43 15.34 -0.40 0.03
C SER A 43 14.80 -1.79 0.33
N LEU A 44 13.61 -2.10 -0.19
CA LEU A 44 13.01 -3.40 0.01
C LEU A 44 12.74 -4.10 -1.32
N LYS A 45 13.57 -3.78 -2.31
CA LYS A 45 13.47 -4.40 -3.64
C LYS A 45 13.80 -5.89 -3.58
N ASN A 46 14.60 -6.29 -2.58
CA ASN A 46 15.00 -7.68 -2.43
C ASN A 46 13.85 -8.51 -1.86
N SER A 47 12.87 -7.82 -1.28
CA SER A 47 11.70 -8.48 -0.71
C SER A 47 10.83 -9.07 -1.83
N ASN A 48 10.22 -10.21 -1.54
CA ASN A 48 9.42 -10.93 -2.52
C ASN A 48 8.04 -10.31 -2.66
N PRO A 49 7.53 -10.23 -3.90
CA PRO A 49 6.25 -9.60 -4.21
C PRO A 49 5.06 -10.30 -3.59
N ASP A 50 5.25 -11.54 -3.16
CA ASP A 50 4.19 -12.30 -2.52
C ASP A 50 4.38 -12.35 -1.02
N GLU A 51 5.44 -11.72 -0.53
CA GLU A 51 5.80 -11.80 0.88
C GLU A 51 6.25 -10.43 1.38
N ILE A 52 5.71 -9.41 0.76
CA ILE A 52 6.16 -8.05 1.01
C ILE A 52 5.80 -7.56 2.41
N GLU A 53 6.62 -6.66 2.89
CA GLU A 53 6.42 -6.02 4.17
C GLU A 53 6.05 -4.56 3.94
N ILE A 54 4.76 -4.25 3.97
CA ILE A 54 4.32 -2.89 3.80
C ILE A 54 4.53 -2.13 5.09
N ASP A 55 5.61 -1.37 5.14
CA ASP A 55 5.96 -0.63 6.35
C ASP A 55 5.58 0.84 6.19
N PHE A 56 4.39 1.18 6.67
CA PHE A 56 3.80 2.48 6.42
C PHE A 56 4.58 3.63 7.06
N GLU A 57 5.49 3.29 7.95
CA GLU A 57 6.28 4.29 8.65
C GLU A 57 7.53 4.65 7.86
N THR A 58 7.91 3.80 6.94
CA THR A 58 9.06 4.05 6.09
C THR A 58 8.65 4.33 4.65
N LEU A 59 7.46 3.87 4.28
CA LEU A 59 6.89 4.13 2.95
C LEU A 59 6.85 5.63 2.68
N LYS A 60 7.38 6.03 1.53
CA LYS A 60 7.33 7.40 1.10
C LYS A 60 5.88 7.89 1.02
N PRO A 61 5.63 9.18 1.31
CA PRO A 61 4.33 9.80 1.05
C PRO A 61 3.88 9.52 -0.37
N SER A 62 4.84 9.48 -1.29
CA SER A 62 4.62 9.14 -2.67
C SER A 62 3.96 7.77 -2.79
N THR A 63 4.52 6.81 -2.08
CA THR A 63 4.03 5.45 -2.09
C THR A 63 2.67 5.39 -1.42
N LEU A 64 2.61 5.90 -0.19
CA LEU A 64 1.39 5.84 0.60
C LEU A 64 0.20 6.43 -0.14
N ARG A 65 0.39 7.60 -0.74
CA ARG A 65 -0.67 8.24 -1.49
C ARG A 65 -1.05 7.38 -2.69
N GLU A 66 -0.07 6.72 -3.28
CA GLU A 66 -0.32 5.82 -4.40
C GLU A 66 -1.06 4.58 -3.92
N LEU A 67 -0.53 3.92 -2.88
CA LEU A 67 -1.17 2.74 -2.30
C LEU A 67 -2.64 3.01 -2.00
N GLU A 68 -2.91 4.11 -1.29
CA GLU A 68 -4.28 4.51 -0.96
C GLU A 68 -5.12 4.73 -2.22
N ARG A 69 -4.70 5.67 -3.04
CA ARG A 69 -5.41 6.01 -4.29
C ARG A 69 -5.56 4.79 -5.20
N TYR A 70 -4.66 3.85 -5.03
CA TYR A 70 -4.70 2.63 -5.80
C TYR A 70 -5.81 1.73 -5.28
N VAL A 71 -5.84 1.51 -3.98
CA VAL A 71 -6.86 0.65 -3.40
C VAL A 71 -8.23 1.27 -3.65
N THR A 72 -8.29 2.60 -3.64
CA THR A 72 -9.56 3.29 -3.77
C THR A 72 -10.18 3.05 -5.14
N SER A 73 -9.33 2.78 -6.12
CA SER A 73 -9.82 2.42 -7.43
C SER A 73 -10.53 1.07 -7.37
N CYS A 74 -10.14 0.24 -6.40
CA CYS A 74 -10.74 -1.08 -6.20
C CYS A 74 -11.80 -1.06 -5.09
N LEU A 75 -11.66 -0.15 -4.14
CA LEU A 75 -12.51 -0.13 -2.95
C LEU A 75 -13.60 0.93 -3.01
N ARG A 76 -13.31 2.04 -3.69
CA ARG A 76 -14.25 3.15 -3.75
C ARG A 76 -14.96 3.20 -5.10
N LYS A 77 -14.22 2.91 -6.16
CA LYS A 77 -14.80 2.89 -7.50
C LYS A 77 -15.30 1.49 -7.83
N LYS A 78 -15.19 0.60 -6.87
CA LYS A 78 -15.58 -0.80 -7.02
C LYS A 78 -15.88 -1.36 -5.64
N ARG A 79 -16.70 -2.40 -5.56
CA ARG A 79 -17.01 -3.00 -4.27
C ARG A 79 -17.08 -4.51 -4.38
N LYS A 80 -16.53 -5.18 -3.35
CA LYS A 80 -16.49 -6.64 -3.31
C LYS A 80 -15.95 -7.24 -4.61
N PRO A 81 -14.64 -7.12 -4.85
CA PRO A 81 -14.00 -7.64 -6.07
C PRO A 81 -13.86 -9.17 -6.00
N GLN A 82 -13.17 -9.65 -4.98
CA GLN A 82 -12.97 -11.08 -4.79
C GLN A 82 -13.35 -11.46 -3.35
N ALA A 83 -14.29 -10.71 -2.79
CA ALA A 83 -14.67 -10.89 -1.40
C ALA A 83 -16.01 -11.61 -1.29
N VAL B 1 0.47 3.41 17.51
CA VAL B 1 1.33 3.20 16.33
C VAL B 1 0.61 2.32 15.31
N VAL B 2 1.08 2.37 14.07
CA VAL B 2 0.47 1.60 13.00
C VAL B 2 1.29 0.34 12.73
N PRO B 3 0.66 -0.83 12.87
CA PRO B 3 1.32 -2.13 12.69
C PRO B 3 1.82 -2.33 11.26
N LYS B 4 2.73 -3.26 11.09
CA LYS B 4 3.30 -3.55 9.79
C LYS B 4 2.52 -4.67 9.13
N LYS B 5 2.21 -4.52 7.86
CA LYS B 5 1.41 -5.52 7.16
C LYS B 5 2.26 -6.67 6.64
N LYS B 6 2.07 -7.82 7.25
CA LYS B 6 2.77 -9.03 6.85
C LYS B 6 2.00 -9.70 5.72
N ILE B 7 2.33 -9.32 4.50
CA ILE B 7 1.57 -9.71 3.32
C ILE B 7 2.03 -11.07 2.81
N LYS B 8 1.23 -12.10 3.04
CA LYS B 8 1.54 -13.44 2.56
C LYS B 8 0.68 -13.76 1.33
N LYS B 9 0.71 -12.86 0.35
CA LYS B 9 -0.05 -12.98 -0.91
C LYS B 9 -1.55 -12.82 -0.69
N GLU B 10 -2.14 -13.76 0.03
CA GLU B 10 -3.58 -13.80 0.22
C GLU B 10 -4.02 -12.74 1.23
N GLN B 11 -5.14 -12.09 0.92
CA GLN B 11 -5.71 -11.08 1.81
C GLN B 11 -6.34 -11.75 3.03
N VAL B 12 -6.35 -11.05 4.15
CA VAL B 12 -6.85 -11.62 5.39
C VAL B 12 -8.30 -11.23 5.65
N GLU B 13 -8.91 -10.53 4.70
CA GLU B 13 -10.33 -10.23 4.76
C GLU B 13 -11.09 -11.10 3.76
N SER A 1 9.13 24.18 -4.40
CA SER A 1 9.47 23.02 -3.56
C SER A 1 8.47 21.89 -3.75
N GLU A 2 7.80 21.87 -4.88
CA GLU A 2 6.71 20.92 -5.08
C GLU A 2 7.15 19.70 -5.88
N GLU A 3 8.44 19.60 -6.19
CA GLU A 3 8.93 18.45 -6.94
C GLU A 3 8.72 17.14 -6.18
N GLU A 4 9.18 17.11 -4.94
CA GLU A 4 9.03 15.92 -4.11
C GLU A 4 7.84 16.07 -3.17
N ASP A 5 7.53 17.30 -2.80
CA ASP A 5 6.52 17.57 -1.79
C ASP A 5 5.12 17.67 -2.39
N LYS A 6 5.01 17.47 -3.71
CA LYS A 6 3.70 17.48 -4.35
C LYS A 6 2.91 16.28 -3.87
N CYS A 7 3.62 15.19 -3.58
CA CYS A 7 3.03 14.05 -2.93
C CYS A 7 2.68 14.43 -1.50
N LYS A 8 1.39 14.55 -1.23
CA LYS A 8 0.93 15.03 0.06
C LYS A 8 1.32 14.13 1.21
N PRO A 9 1.69 14.74 2.34
CA PRO A 9 2.14 14.01 3.52
C PRO A 9 0.99 13.27 4.19
N MET A 10 1.06 11.95 4.21
CA MET A 10 -0.01 11.13 4.75
C MET A 10 -0.02 11.21 6.27
N SER A 11 -1.17 11.56 6.82
CA SER A 11 -1.30 11.71 8.26
C SER A 11 -1.42 10.34 8.96
N TYR A 12 -1.32 10.32 10.29
CA TYR A 12 -1.26 9.06 11.04
C TYR A 12 -2.55 8.24 10.86
N GLU A 13 -3.70 8.84 11.14
CA GLU A 13 -5.00 8.20 10.91
C GLU A 13 -5.12 7.67 9.49
N GLU A 14 -4.50 8.38 8.55
CA GLU A 14 -4.57 8.03 7.14
C GLU A 14 -3.76 6.79 6.85
N LYS A 15 -2.53 6.76 7.36
CA LYS A 15 -1.66 5.59 7.21
C LYS A 15 -2.35 4.34 7.79
N ARG A 16 -3.11 4.52 8.87
CA ARG A 16 -3.88 3.42 9.45
C ARG A 16 -4.99 2.98 8.50
N GLN A 17 -5.78 3.95 8.04
CA GLN A 17 -6.86 3.67 7.10
C GLN A 17 -6.29 2.98 5.86
N LEU A 18 -5.13 3.45 5.44
CA LEU A 18 -4.40 2.89 4.32
C LEU A 18 -4.10 1.41 4.56
N SER A 19 -3.54 1.11 5.71
CA SER A 19 -3.21 -0.27 6.04
C SER A 19 -4.46 -1.14 6.07
N LEU A 20 -5.60 -0.48 6.27
CA LEU A 20 -6.89 -1.15 6.33
C LEU A 20 -7.52 -1.27 4.94
N ASP A 21 -7.22 -0.30 4.07
CA ASP A 21 -7.69 -0.36 2.69
C ASP A 21 -6.81 -1.28 1.84
N ILE A 22 -5.55 -1.39 2.21
CA ILE A 22 -4.67 -2.41 1.64
C ILE A 22 -5.16 -3.79 2.04
N ASN A 23 -5.66 -3.89 3.26
CA ASN A 23 -6.24 -5.13 3.76
C ASN A 23 -7.45 -5.53 2.93
N LYS A 24 -8.14 -4.52 2.42
CA LYS A 24 -9.34 -4.73 1.60
C LYS A 24 -9.00 -5.28 0.23
N LEU A 25 -7.75 -5.15 -0.19
CA LEU A 25 -7.32 -5.65 -1.49
C LEU A 25 -7.12 -7.16 -1.49
N PRO A 26 -7.63 -7.85 -2.53
CA PRO A 26 -7.38 -9.28 -2.73
C PRO A 26 -5.92 -9.54 -3.12
N GLY A 27 -5.50 -10.79 -3.01
CA GLY A 27 -4.10 -11.15 -3.22
C GLY A 27 -3.50 -10.59 -4.50
N GLU A 28 -4.09 -10.93 -5.62
CA GLU A 28 -3.58 -10.49 -6.92
C GLU A 28 -3.49 -8.97 -7.02
N LYS A 29 -4.49 -8.28 -6.48
CA LYS A 29 -4.52 -6.82 -6.55
C LYS A 29 -3.53 -6.22 -5.56
N LEU A 30 -3.25 -6.94 -4.50
CA LEU A 30 -2.34 -6.44 -3.48
C LEU A 30 -0.90 -6.64 -3.90
N GLY A 31 -0.68 -7.46 -4.92
CA GLY A 31 0.64 -7.57 -5.51
C GLY A 31 1.06 -6.25 -6.13
N ARG A 32 0.08 -5.40 -6.42
CA ARG A 32 0.39 -4.06 -6.93
C ARG A 32 0.98 -3.19 -5.83
N VAL A 33 0.42 -3.23 -4.63
CA VAL A 33 0.96 -2.41 -3.54
C VAL A 33 2.39 -2.81 -3.26
N VAL A 34 2.64 -4.10 -3.16
CA VAL A 34 4.01 -4.63 -3.08
C VAL A 34 4.86 -4.06 -4.23
N HIS A 35 4.27 -3.97 -5.42
CA HIS A 35 4.96 -3.46 -6.61
C HIS A 35 5.26 -1.97 -6.45
N ILE A 36 4.24 -1.20 -6.08
CA ILE A 36 4.38 0.22 -5.87
C ILE A 36 5.39 0.49 -4.77
N ILE A 37 5.25 -0.26 -3.70
CA ILE A 37 6.14 -0.16 -2.56
C ILE A 37 7.57 -0.54 -2.94
N GLN A 38 7.79 -1.76 -3.40
CA GLN A 38 9.13 -2.19 -3.83
C GLN A 38 9.78 -1.19 -4.82
N SER A 39 8.98 -0.61 -5.70
CA SER A 39 9.50 0.30 -6.72
C SER A 39 9.83 1.69 -6.14
N ARG A 40 8.94 2.20 -5.31
CA ARG A 40 9.20 3.47 -4.63
C ARG A 40 10.21 3.29 -3.51
N GLU A 41 10.20 2.10 -2.92
CA GLU A 41 11.10 1.76 -1.84
C GLU A 41 12.11 0.72 -2.32
N PRO A 42 13.14 1.13 -3.07
CA PRO A 42 14.12 0.17 -3.63
C PRO A 42 14.97 -0.47 -2.53
N SER A 43 14.82 0.02 -1.32
CA SER A 43 15.51 -0.53 -0.17
C SER A 43 14.91 -1.89 0.20
N LEU A 44 13.71 -2.16 -0.30
CA LEU A 44 13.05 -3.43 -0.05
C LEU A 44 12.76 -4.17 -1.36
N LYS A 45 13.55 -3.87 -2.38
CA LYS A 45 13.40 -4.53 -3.69
C LYS A 45 13.72 -6.02 -3.60
N ASN A 46 14.56 -6.40 -2.64
CA ASN A 46 14.97 -7.80 -2.48
C ASN A 46 13.82 -8.63 -1.91
N SER A 47 12.82 -7.96 -1.35
CA SER A 47 11.68 -8.62 -0.75
C SER A 47 10.91 -9.42 -1.81
N ASN A 48 10.29 -10.52 -1.39
CA ASN A 48 9.49 -11.34 -2.27
C ASN A 48 8.16 -10.66 -2.54
N PRO A 49 7.74 -10.62 -3.82
CA PRO A 49 6.52 -9.92 -4.24
C PRO A 49 5.24 -10.44 -3.57
N ASP A 50 5.26 -11.69 -3.11
CA ASP A 50 4.10 -12.27 -2.46
C ASP A 50 4.28 -12.33 -0.95
N GLU A 51 5.36 -11.72 -0.47
CA GLU A 51 5.68 -11.77 0.96
C GLU A 51 6.20 -10.41 1.42
N ILE A 52 5.72 -9.38 0.75
CA ILE A 52 6.14 -8.01 1.02
C ILE A 52 5.73 -7.58 2.42
N GLU A 53 6.48 -6.67 2.97
CA GLU A 53 6.18 -6.09 4.27
C GLU A 53 5.95 -4.60 4.11
N ILE A 54 4.69 -4.21 4.03
CA ILE A 54 4.32 -2.83 3.84
C ILE A 54 4.54 -2.06 5.13
N ASP A 55 5.63 -1.30 5.18
CA ASP A 55 5.97 -0.53 6.37
C ASP A 55 5.59 0.92 6.18
N PHE A 56 4.42 1.29 6.68
CA PHE A 56 3.82 2.59 6.40
C PHE A 56 4.59 3.76 7.03
N GLU A 57 5.56 3.45 7.87
CA GLU A 57 6.35 4.48 8.51
C GLU A 57 7.58 4.82 7.67
N THR A 58 8.04 3.86 6.89
CA THR A 58 9.19 4.06 6.02
C THR A 58 8.75 4.34 4.59
N LEU A 59 7.54 3.87 4.23
CA LEU A 59 6.96 4.18 2.94
C LEU A 59 6.87 5.67 2.74
N LYS A 60 7.44 6.13 1.64
CA LYS A 60 7.45 7.55 1.34
C LYS A 60 6.04 8.04 1.02
N PRO A 61 5.73 9.32 1.31
CA PRO A 61 4.41 9.88 1.01
C PRO A 61 3.94 9.54 -0.40
N SER A 62 4.86 9.59 -1.35
CA SER A 62 4.59 9.25 -2.74
C SER A 62 3.98 7.85 -2.85
N THR A 63 4.58 6.90 -2.14
CA THR A 63 4.10 5.53 -2.14
C THR A 63 2.75 5.47 -1.45
N LEU A 64 2.69 5.96 -0.22
CA LEU A 64 1.48 5.88 0.60
C LEU A 64 0.28 6.47 -0.14
N ARG A 65 0.46 7.65 -0.71
CA ARG A 65 -0.62 8.31 -1.44
C ARG A 65 -1.02 7.49 -2.66
N GLU A 66 -0.07 6.78 -3.25
CA GLU A 66 -0.39 5.92 -4.37
C GLU A 66 -1.08 4.64 -3.90
N LEU A 67 -0.51 3.98 -2.89
CA LEU A 67 -1.12 2.78 -2.30
C LEU A 67 -2.60 3.05 -2.01
N GLU A 68 -2.86 4.14 -1.30
CA GLU A 68 -4.23 4.55 -0.95
C GLU A 68 -5.09 4.76 -2.20
N ARG A 69 -4.67 5.69 -3.05
CA ARG A 69 -5.42 6.02 -4.28
C ARG A 69 -5.52 4.82 -5.20
N TYR A 70 -4.62 3.88 -5.04
CA TYR A 70 -4.69 2.67 -5.82
C TYR A 70 -5.80 1.78 -5.29
N VAL A 71 -5.81 1.53 -4.00
CA VAL A 71 -6.84 0.68 -3.41
C VAL A 71 -8.20 1.30 -3.67
N THR A 72 -8.26 2.63 -3.67
CA THR A 72 -9.53 3.32 -3.79
C THR A 72 -10.16 3.05 -5.16
N SER A 73 -9.32 2.78 -6.14
CA SER A 73 -9.80 2.43 -7.46
C SER A 73 -10.48 1.05 -7.43
N CYS A 74 -10.11 0.25 -6.44
CA CYS A 74 -10.67 -1.09 -6.26
C CYS A 74 -11.75 -1.09 -5.15
N LEU A 75 -11.63 -0.18 -4.21
CA LEU A 75 -12.47 -0.16 -3.03
C LEU A 75 -13.57 0.89 -3.13
N ARG A 76 -13.18 2.13 -3.38
CA ARG A 76 -14.12 3.24 -3.42
C ARG A 76 -14.61 3.45 -4.86
N LYS A 77 -14.28 2.48 -5.69
CA LYS A 77 -14.70 2.42 -7.06
C LYS A 77 -14.78 0.95 -7.45
N LYS A 78 -15.54 0.63 -8.50
CA LYS A 78 -15.68 -0.76 -8.97
C LYS A 78 -16.52 -1.58 -7.98
N ARG A 79 -17.52 -2.28 -8.48
CA ARG A 79 -18.36 -3.08 -7.59
C ARG A 79 -18.02 -4.56 -7.72
N LYS A 80 -16.76 -4.83 -8.04
CA LYS A 80 -16.21 -6.18 -8.01
C LYS A 80 -14.68 -6.14 -8.04
N PRO A 81 -14.04 -6.35 -6.88
CA PRO A 81 -12.57 -6.34 -6.76
C PRO A 81 -11.93 -7.63 -7.28
N GLN A 82 -12.73 -8.47 -7.90
CA GLN A 82 -12.23 -9.72 -8.47
C GLN A 82 -12.52 -9.74 -9.97
N ALA A 83 -11.72 -10.48 -10.71
CA ALA A 83 -11.87 -10.58 -12.16
C ALA A 83 -13.10 -11.39 -12.52
N VAL B 1 1.68 4.86 16.09
CA VAL B 1 2.18 3.48 15.92
C VAL B 1 1.26 2.70 14.98
N VAL B 2 1.58 2.73 13.70
CA VAL B 2 0.84 1.93 12.73
C VAL B 2 1.53 0.58 12.57
N PRO B 3 0.83 -0.51 12.92
CA PRO B 3 1.39 -1.87 12.85
C PRO B 3 1.93 -2.21 11.48
N LYS B 4 3.13 -2.81 11.46
CA LYS B 4 3.75 -3.23 10.22
C LYS B 4 2.89 -4.28 9.53
N LYS B 5 2.38 -3.94 8.35
CA LYS B 5 1.49 -4.83 7.63
C LYS B 5 2.28 -5.94 6.95
N LYS B 6 2.25 -7.11 7.57
CA LYS B 6 2.89 -8.29 7.02
C LYS B 6 2.02 -8.87 5.91
N ILE B 7 2.57 -8.93 4.70
CA ILE B 7 1.82 -9.39 3.55
C ILE B 7 2.32 -10.75 3.08
N LYS B 8 1.53 -11.78 3.33
CA LYS B 8 1.83 -13.11 2.84
C LYS B 8 0.58 -13.98 2.90
N LYS B 9 -0.40 -13.60 2.08
CA LYS B 9 -1.64 -14.33 1.89
C LYS B 9 -2.56 -14.29 3.11
N GLU B 10 -2.51 -13.20 3.87
CA GLU B 10 -3.49 -13.00 4.94
C GLU B 10 -4.85 -12.71 4.34
N GLN B 11 -4.84 -11.93 3.25
CA GLN B 11 -6.06 -11.54 2.58
C GLN B 11 -6.55 -12.63 1.64
N VAL B 12 -6.35 -13.88 2.05
CA VAL B 12 -6.82 -15.03 1.31
C VAL B 12 -8.23 -15.39 1.79
N GLU B 13 -8.62 -14.78 2.89
CA GLU B 13 -9.90 -15.04 3.51
C GLU B 13 -10.37 -13.80 4.26
N SER A 1 10.05 22.71 -8.35
CA SER A 1 10.22 22.17 -6.98
C SER A 1 8.91 21.60 -6.46
N GLU A 2 7.94 21.46 -7.35
CA GLU A 2 6.60 21.06 -6.97
C GLU A 2 6.38 19.58 -7.17
N GLU A 3 7.42 18.87 -7.59
CA GLU A 3 7.28 17.45 -7.86
C GLU A 3 7.23 16.65 -6.57
N GLU A 4 8.16 16.91 -5.67
CA GLU A 4 8.20 16.21 -4.39
C GLU A 4 7.04 16.65 -3.50
N ASP A 5 6.62 17.91 -3.65
CA ASP A 5 5.59 18.47 -2.80
C ASP A 5 4.23 18.35 -3.47
N LYS A 6 4.20 17.65 -4.60
CA LYS A 6 2.94 17.33 -5.30
C LYS A 6 2.16 16.32 -4.48
N CYS A 7 2.90 15.46 -3.80
CA CYS A 7 2.33 14.40 -2.99
C CYS A 7 1.92 14.94 -1.62
N LYS A 8 0.78 14.50 -1.12
CA LYS A 8 0.27 14.96 0.17
C LYS A 8 0.81 14.11 1.30
N PRO A 9 1.19 14.77 2.40
CA PRO A 9 1.74 14.11 3.57
C PRO A 9 0.68 13.28 4.28
N MET A 10 0.95 11.99 4.47
CA MET A 10 -0.03 11.09 5.06
C MET A 10 0.19 11.00 6.57
N SER A 11 -0.86 11.26 7.34
CA SER A 11 -0.77 11.26 8.79
C SER A 11 -1.06 9.86 9.38
N TYR A 12 -1.00 9.73 10.70
CA TYR A 12 -1.16 8.44 11.37
C TYR A 12 -2.55 7.84 11.09
N GLU A 13 -3.59 8.64 11.29
CA GLU A 13 -4.97 8.22 11.05
C GLU A 13 -5.15 7.72 9.62
N GLU A 14 -4.39 8.31 8.73
CA GLU A 14 -4.48 8.05 7.32
C GLU A 14 -3.70 6.79 6.94
N LYS A 15 -2.45 6.70 7.42
CA LYS A 15 -1.64 5.50 7.25
C LYS A 15 -2.38 4.28 7.81
N ARG A 16 -3.11 4.48 8.91
CA ARG A 16 -3.94 3.42 9.48
C ARG A 16 -5.02 2.99 8.50
N GLN A 17 -5.80 3.96 8.03
CA GLN A 17 -6.85 3.69 7.05
C GLN A 17 -6.27 3.00 5.83
N LEU A 18 -5.10 3.48 5.42
CA LEU A 18 -4.36 2.94 4.29
C LEU A 18 -4.05 1.45 4.52
N SER A 19 -3.48 1.15 5.67
CA SER A 19 -3.12 -0.22 5.99
C SER A 19 -4.36 -1.11 5.98
N LEU A 20 -5.50 -0.50 6.23
CA LEU A 20 -6.76 -1.22 6.28
C LEU A 20 -7.40 -1.33 4.90
N ASP A 21 -7.19 -0.32 4.05
CA ASP A 21 -7.67 -0.37 2.67
C ASP A 21 -6.78 -1.28 1.82
N ILE A 22 -5.52 -1.41 2.20
CA ILE A 22 -4.63 -2.38 1.60
C ILE A 22 -5.09 -3.80 1.92
N ASN A 23 -5.56 -3.98 3.16
CA ASN A 23 -6.08 -5.29 3.58
C ASN A 23 -7.40 -5.62 2.89
N LYS A 24 -8.04 -4.59 2.33
CA LYS A 24 -9.27 -4.78 1.57
C LYS A 24 -8.97 -5.34 0.19
N LEU A 25 -7.74 -5.14 -0.27
CA LEU A 25 -7.31 -5.62 -1.58
C LEU A 25 -7.09 -7.13 -1.55
N PRO A 26 -7.57 -7.83 -2.59
CA PRO A 26 -7.31 -9.27 -2.73
C PRO A 26 -5.83 -9.52 -3.01
N GLY A 27 -5.35 -10.73 -2.67
CA GLY A 27 -3.93 -11.04 -2.79
C GLY A 27 -3.31 -10.60 -4.11
N GLU A 28 -4.00 -10.91 -5.20
CA GLU A 28 -3.53 -10.55 -6.53
C GLU A 28 -3.43 -9.03 -6.71
N LYS A 29 -4.45 -8.30 -6.28
CA LYS A 29 -4.47 -6.85 -6.47
C LYS A 29 -3.52 -6.17 -5.49
N LEU A 30 -3.30 -6.82 -4.36
CA LEU A 30 -2.44 -6.25 -3.35
C LEU A 30 -0.97 -6.55 -3.63
N GLY A 31 -0.72 -7.45 -4.59
CA GLY A 31 0.63 -7.59 -5.12
C GLY A 31 1.09 -6.31 -5.78
N ARG A 32 0.13 -5.47 -6.18
CA ARG A 32 0.45 -4.16 -6.74
C ARG A 32 1.03 -3.24 -5.69
N VAL A 33 0.45 -3.22 -4.50
CA VAL A 33 0.97 -2.35 -3.44
C VAL A 33 2.40 -2.74 -3.11
N VAL A 34 2.63 -4.03 -2.93
CA VAL A 34 4.00 -4.55 -2.79
C VAL A 34 4.88 -4.05 -3.95
N HIS A 35 4.33 -4.04 -5.17
CA HIS A 35 5.07 -3.61 -6.35
C HIS A 35 5.35 -2.11 -6.31
N ILE A 36 4.31 -1.32 -6.05
CA ILE A 36 4.47 0.12 -5.94
C ILE A 36 5.49 0.44 -4.86
N ILE A 37 5.34 -0.23 -3.74
CA ILE A 37 6.22 -0.08 -2.61
C ILE A 37 7.66 -0.47 -2.97
N GLN A 38 7.89 -1.72 -3.34
CA GLN A 38 9.23 -2.20 -3.71
C GLN A 38 9.90 -1.32 -4.77
N SER A 39 9.10 -0.76 -5.67
CA SER A 39 9.64 0.05 -6.75
C SER A 39 9.96 1.47 -6.29
N ARG A 40 9.03 2.07 -5.56
CA ARG A 40 9.20 3.43 -5.05
C ARG A 40 10.14 3.41 -3.85
N GLU A 41 10.22 2.26 -3.22
CA GLU A 41 11.12 2.05 -2.10
C GLU A 41 12.15 0.99 -2.48
N PRO A 42 13.17 1.34 -3.26
CA PRO A 42 14.11 0.35 -3.77
C PRO A 42 15.05 -0.15 -2.68
N SER A 43 14.89 0.45 -1.53
CA SER A 43 15.59 0.04 -0.33
C SER A 43 14.99 -1.27 0.22
N LEU A 44 13.79 -1.60 -0.23
CA LEU A 44 13.14 -2.85 0.18
C LEU A 44 12.88 -3.75 -1.02
N LYS A 45 13.66 -3.57 -2.08
CA LYS A 45 13.52 -4.38 -3.29
C LYS A 45 13.97 -5.82 -3.01
N ASN A 46 14.74 -6.00 -1.94
CA ASN A 46 15.19 -7.33 -1.53
C ASN A 46 14.02 -8.13 -0.95
N SER A 47 12.96 -7.43 -0.59
CA SER A 47 11.78 -8.06 -0.03
C SER A 47 11.01 -8.82 -1.12
N ASN A 48 10.39 -9.91 -0.72
CA ASN A 48 9.65 -10.77 -1.65
C ASN A 48 8.29 -10.16 -1.94
N PRO A 49 7.85 -10.20 -3.21
CA PRO A 49 6.57 -9.62 -3.63
C PRO A 49 5.36 -10.33 -3.03
N ASP A 50 5.54 -11.58 -2.63
CA ASP A 50 4.45 -12.35 -2.03
C ASP A 50 4.60 -12.39 -0.53
N GLU A 51 5.62 -11.71 -0.03
CA GLU A 51 5.94 -11.74 1.39
C GLU A 51 6.36 -10.34 1.83
N ILE A 52 5.79 -9.36 1.15
CA ILE A 52 6.22 -7.98 1.30
C ILE A 52 5.95 -7.44 2.69
N GLU A 53 6.72 -6.44 3.02
CA GLU A 53 6.57 -5.71 4.25
C GLU A 53 6.17 -4.28 3.91
N ILE A 54 4.88 -3.98 3.95
CA ILE A 54 4.45 -2.63 3.74
C ILE A 54 4.71 -1.83 5.01
N ASP A 55 5.80 -1.10 5.01
CA ASP A 55 6.19 -0.32 6.17
C ASP A 55 5.77 1.12 5.98
N PHE A 56 4.59 1.45 6.49
CA PHE A 56 3.97 2.74 6.25
C PHE A 56 4.76 3.91 6.86
N GLU A 57 5.76 3.59 7.66
CA GLU A 57 6.61 4.61 8.25
C GLU A 57 7.74 4.98 7.30
N THR A 58 8.29 3.98 6.63
CA THR A 58 9.38 4.22 5.69
C THR A 58 8.83 4.58 4.30
N LEU A 59 7.62 4.10 4.00
CA LEU A 59 6.97 4.45 2.74
C LEU A 59 6.84 5.95 2.62
N LYS A 60 7.36 6.48 1.53
CA LYS A 60 7.29 7.91 1.27
C LYS A 60 5.85 8.33 1.05
N PRO A 61 5.48 9.57 1.40
CA PRO A 61 4.14 10.10 1.16
C PRO A 61 3.65 9.78 -0.25
N SER A 62 4.57 9.88 -1.20
CA SER A 62 4.28 9.58 -2.59
C SER A 62 3.74 8.15 -2.75
N THR A 63 4.43 7.18 -2.15
CA THR A 63 4.00 5.80 -2.24
C THR A 63 2.68 5.62 -1.50
N LEU A 64 2.60 6.15 -0.29
CA LEU A 64 1.41 6.01 0.55
C LEU A 64 0.18 6.55 -0.16
N ARG A 65 0.28 7.74 -0.73
CA ARG A 65 -0.85 8.32 -1.46
C ARG A 65 -1.17 7.51 -2.71
N GLU A 66 -0.15 6.86 -3.27
CA GLU A 66 -0.34 5.97 -4.39
C GLU A 66 -1.08 4.71 -3.95
N LEU A 67 -0.52 4.02 -2.94
CA LEU A 67 -1.15 2.83 -2.36
C LEU A 67 -2.62 3.11 -2.05
N GLU A 68 -2.87 4.20 -1.34
CA GLU A 68 -4.23 4.64 -1.01
C GLU A 68 -5.09 4.82 -2.27
N ARG A 69 -4.66 5.71 -3.15
CA ARG A 69 -5.41 6.02 -4.38
C ARG A 69 -5.57 4.79 -5.27
N TYR A 70 -4.66 3.85 -5.10
CA TYR A 70 -4.71 2.63 -5.87
C TYR A 70 -5.82 1.74 -5.34
N VAL A 71 -5.84 1.53 -4.04
CA VAL A 71 -6.85 0.68 -3.45
C VAL A 71 -8.23 1.27 -3.70
N THR A 72 -8.32 2.59 -3.68
CA THR A 72 -9.60 3.26 -3.79
C THR A 72 -10.23 3.02 -5.14
N SER A 73 -9.40 2.82 -6.14
CA SER A 73 -9.87 2.48 -7.48
C SER A 73 -10.55 1.10 -7.46
N CYS A 74 -10.14 0.28 -6.50
CA CYS A 74 -10.69 -1.06 -6.35
C CYS A 74 -11.77 -1.12 -5.26
N LEU A 75 -11.64 -0.24 -4.27
CA LEU A 75 -12.48 -0.29 -3.08
C LEU A 75 -13.63 0.69 -3.14
N ARG A 76 -13.33 1.95 -3.43
CA ARG A 76 -14.33 3.00 -3.39
C ARG A 76 -15.09 3.08 -4.71
N LYS A 77 -14.63 2.31 -5.68
CA LYS A 77 -15.26 2.29 -6.98
C LYS A 77 -16.09 1.03 -7.16
N LYS A 78 -15.83 0.05 -6.31
CA LYS A 78 -16.55 -1.22 -6.36
C LYS A 78 -16.40 -1.96 -5.03
N ARG A 79 -17.33 -1.69 -4.12
CA ARG A 79 -17.29 -2.32 -2.80
C ARG A 79 -17.37 -3.85 -2.92
N LYS A 80 -16.57 -4.53 -2.10
CA LYS A 80 -16.46 -5.98 -2.12
C LYS A 80 -16.09 -6.50 -3.50
N PRO A 81 -14.85 -6.21 -3.95
CA PRO A 81 -14.37 -6.63 -5.27
C PRO A 81 -13.87 -8.07 -5.25
N GLN A 82 -13.88 -8.67 -4.07
CA GLN A 82 -13.43 -10.05 -3.90
C GLN A 82 -14.58 -11.02 -4.06
N ALA A 83 -15.79 -10.49 -4.22
CA ALA A 83 -16.97 -11.31 -4.37
C ALA A 83 -17.92 -10.70 -5.39
N VAL B 1 2.73 4.11 16.06
CA VAL B 1 1.32 4.39 15.75
C VAL B 1 0.79 3.49 14.63
N VAL B 2 1.65 3.15 13.68
CA VAL B 2 1.28 2.27 12.58
C VAL B 2 2.30 1.15 12.44
N PRO B 3 1.85 -0.10 12.60
CA PRO B 3 2.74 -1.26 12.52
C PRO B 3 3.03 -1.65 11.07
N LYS B 4 4.20 -2.23 10.86
CA LYS B 4 4.58 -2.73 9.55
C LYS B 4 3.66 -3.87 9.12
N LYS B 5 3.19 -3.83 7.89
CA LYS B 5 2.20 -4.77 7.41
C LYS B 5 2.85 -5.89 6.60
N LYS B 6 3.20 -6.97 7.30
CA LYS B 6 3.71 -8.16 6.65
C LYS B 6 2.60 -8.84 5.86
N ILE B 7 2.76 -8.95 4.56
CA ILE B 7 1.73 -9.52 3.73
C ILE B 7 2.19 -10.83 3.12
N LYS B 8 1.31 -11.83 3.15
CA LYS B 8 1.49 -13.05 2.39
C LYS B 8 0.37 -13.13 1.36
N LYS B 9 0.30 -14.20 0.59
CA LYS B 9 -0.84 -14.42 -0.28
C LYS B 9 -2.10 -14.51 0.58
N GLU B 10 -1.97 -15.22 1.70
CA GLU B 10 -2.99 -15.23 2.72
C GLU B 10 -2.71 -14.13 3.73
N GLN B 11 -2.99 -12.89 3.33
CA GLN B 11 -2.75 -11.72 4.19
C GLN B 11 -3.51 -11.82 5.50
N VAL B 12 -4.65 -12.51 5.47
CA VAL B 12 -5.45 -12.69 6.65
C VAL B 12 -4.85 -13.77 7.55
N GLU B 13 -4.88 -13.54 8.84
CA GLU B 13 -4.35 -14.48 9.80
C GLU B 13 -5.37 -14.76 10.90
N SER A 1 11.76 18.88 -6.34
CA SER A 1 11.17 18.93 -4.98
C SER A 1 9.71 18.51 -5.02
N GLU A 2 9.22 18.23 -6.21
CA GLU A 2 7.81 17.97 -6.43
C GLU A 2 7.40 16.62 -5.87
N GLU A 3 8.35 15.70 -5.79
CA GLU A 3 8.04 14.37 -5.25
C GLU A 3 7.68 14.48 -3.77
N GLU A 4 8.21 15.49 -3.11
CA GLU A 4 7.94 15.69 -1.70
C GLU A 4 6.86 16.77 -1.51
N ASP A 5 6.75 17.70 -2.45
CA ASP A 5 5.83 18.82 -2.31
C ASP A 5 4.47 18.54 -2.92
N LYS A 6 4.45 18.04 -4.16
CA LYS A 6 3.20 17.71 -4.83
C LYS A 6 2.49 16.60 -4.07
N CYS A 7 3.27 15.73 -3.47
CA CYS A 7 2.73 14.66 -2.65
C CYS A 7 2.52 15.17 -1.22
N LYS A 8 1.28 15.12 -0.76
CA LYS A 8 0.95 15.63 0.56
C LYS A 8 1.17 14.56 1.63
N PRO A 9 1.72 14.97 2.77
CA PRO A 9 2.12 14.05 3.86
C PRO A 9 0.93 13.32 4.46
N MET A 10 1.02 11.99 4.48
CA MET A 10 -0.04 11.16 5.01
C MET A 10 0.05 11.12 6.54
N SER A 11 -1.05 11.42 7.22
CA SER A 11 -1.06 11.46 8.68
C SER A 11 -1.20 10.06 9.30
N TYR A 12 -1.12 9.99 10.62
CA TYR A 12 -1.13 8.70 11.34
C TYR A 12 -2.41 7.91 11.06
N GLU A 13 -3.56 8.54 11.24
CA GLU A 13 -4.84 7.89 11.03
C GLU A 13 -5.02 7.50 9.57
N GLU A 14 -4.42 8.28 8.69
CA GLU A 14 -4.49 8.00 7.27
C GLU A 14 -3.67 6.77 6.95
N LYS A 15 -2.47 6.70 7.49
CA LYS A 15 -1.61 5.53 7.32
C LYS A 15 -2.30 4.28 7.88
N ARG A 16 -3.02 4.44 8.99
CA ARG A 16 -3.78 3.33 9.55
C ARG A 16 -4.91 2.94 8.60
N GLN A 17 -5.70 3.91 8.18
CA GLN A 17 -6.80 3.66 7.27
C GLN A 17 -6.28 3.07 5.96
N LEU A 18 -5.10 3.53 5.57
CA LEU A 18 -4.39 3.04 4.39
C LEU A 18 -4.10 1.54 4.54
N SER A 19 -3.47 1.19 5.64
CA SER A 19 -3.14 -0.20 5.91
C SER A 19 -4.40 -1.06 5.95
N LEU A 20 -5.53 -0.41 6.21
CA LEU A 20 -6.80 -1.08 6.34
C LEU A 20 -7.49 -1.20 4.97
N ASP A 21 -7.23 -0.24 4.08
CA ASP A 21 -7.72 -0.33 2.69
C ASP A 21 -6.88 -1.30 1.88
N ILE A 22 -5.57 -1.35 2.17
CA ILE A 22 -4.70 -2.36 1.59
C ILE A 22 -5.16 -3.75 2.01
N ASN A 23 -5.65 -3.83 3.23
CA ASN A 23 -6.14 -5.08 3.79
C ASN A 23 -7.44 -5.50 3.06
N LYS A 24 -8.07 -4.54 2.39
CA LYS A 24 -9.29 -4.80 1.65
C LYS A 24 -8.99 -5.39 0.27
N LEU A 25 -7.76 -5.21 -0.19
CA LEU A 25 -7.37 -5.68 -1.52
C LEU A 25 -7.24 -7.19 -1.56
N PRO A 26 -7.74 -7.82 -2.65
CA PRO A 26 -7.54 -9.25 -2.86
C PRO A 26 -6.08 -9.56 -3.16
N GLY A 27 -5.69 -10.80 -2.86
CA GLY A 27 -4.29 -11.23 -2.93
C GLY A 27 -3.63 -10.93 -4.26
N GLU A 28 -4.42 -10.86 -5.32
CA GLU A 28 -3.91 -10.52 -6.62
C GLU A 28 -3.67 -9.00 -6.75
N LYS A 29 -4.64 -8.21 -6.30
CA LYS A 29 -4.55 -6.77 -6.45
C LYS A 29 -3.54 -6.19 -5.47
N LEU A 30 -3.33 -6.85 -4.36
CA LEU A 30 -2.42 -6.35 -3.34
C LEU A 30 -0.98 -6.61 -3.73
N GLY A 31 -0.78 -7.43 -4.75
CA GLY A 31 0.55 -7.57 -5.34
C GLY A 31 1.00 -6.27 -5.97
N ARG A 32 0.05 -5.43 -6.36
CA ARG A 32 0.38 -4.10 -6.88
C ARG A 32 1.01 -3.22 -5.80
N VAL A 33 0.43 -3.20 -4.61
CA VAL A 33 0.99 -2.39 -3.52
C VAL A 33 2.42 -2.80 -3.23
N VAL A 34 2.65 -4.10 -3.11
CA VAL A 34 4.01 -4.64 -3.01
C VAL A 34 4.89 -4.08 -4.14
N HIS A 35 4.35 -4.00 -5.35
CA HIS A 35 5.09 -3.52 -6.51
C HIS A 35 5.35 -2.02 -6.40
N ILE A 36 4.31 -1.26 -6.08
CA ILE A 36 4.44 0.18 -5.91
C ILE A 36 5.45 0.47 -4.82
N ILE A 37 5.29 -0.24 -3.73
CA ILE A 37 6.17 -0.12 -2.59
C ILE A 37 7.61 -0.51 -2.96
N GLN A 38 7.83 -1.75 -3.37
CA GLN A 38 9.19 -2.21 -3.75
C GLN A 38 9.85 -1.27 -4.77
N SER A 39 9.08 -0.74 -5.70
CA SER A 39 9.62 0.12 -6.75
C SER A 39 9.96 1.51 -6.20
N ARG A 40 9.01 2.09 -5.46
CA ARG A 40 9.19 3.43 -4.90
C ARG A 40 10.09 3.37 -3.67
N GLU A 41 10.20 2.18 -3.11
CA GLU A 41 11.07 1.92 -1.99
C GLU A 41 12.11 0.87 -2.38
N PRO A 42 13.13 1.25 -3.16
CA PRO A 42 14.13 0.29 -3.62
C PRO A 42 14.95 -0.26 -2.46
N SER A 43 14.78 0.36 -1.29
CA SER A 43 15.42 -0.08 -0.08
C SER A 43 14.84 -1.42 0.38
N LEU A 44 13.67 -1.78 -0.15
CA LEU A 44 13.04 -3.05 0.18
C LEU A 44 12.79 -3.89 -1.07
N LYS A 45 13.55 -3.64 -2.14
CA LYS A 45 13.43 -4.45 -3.35
C LYS A 45 13.96 -5.86 -3.08
N ASN A 46 14.75 -5.99 -2.01
CA ASN A 46 15.24 -7.29 -1.59
C ASN A 46 14.09 -8.17 -1.10
N SER A 47 13.00 -7.54 -0.70
CA SER A 47 11.84 -8.25 -0.18
C SER A 47 11.07 -8.91 -1.32
N ASN A 48 10.65 -10.15 -1.10
CA ASN A 48 9.90 -10.91 -2.09
C ASN A 48 8.48 -10.37 -2.19
N PRO A 49 7.94 -10.30 -3.41
CA PRO A 49 6.63 -9.69 -3.69
C PRO A 49 5.47 -10.38 -3.00
N ASP A 50 5.60 -11.68 -2.76
CA ASP A 50 4.55 -12.44 -2.09
C ASP A 50 4.79 -12.47 -0.60
N GLU A 51 5.77 -11.72 -0.14
CA GLU A 51 6.14 -11.69 1.26
C GLU A 51 6.49 -10.27 1.67
N ILE A 52 5.89 -9.29 0.99
CA ILE A 52 6.26 -7.91 1.20
C ILE A 52 5.81 -7.40 2.55
N GLU A 53 6.59 -6.46 3.07
CA GLU A 53 6.30 -5.82 4.32
C GLU A 53 5.99 -4.36 4.06
N ILE A 54 4.72 -4.03 4.02
CA ILE A 54 4.33 -2.66 3.79
C ILE A 54 4.59 -1.85 5.06
N ASP A 55 5.70 -1.13 5.06
CA ASP A 55 6.09 -0.35 6.23
C ASP A 55 5.70 1.11 6.02
N PHE A 56 4.53 1.45 6.52
CA PHE A 56 3.91 2.74 6.25
C PHE A 56 4.67 3.92 6.83
N GLU A 57 5.69 3.64 7.63
CA GLU A 57 6.51 4.69 8.21
C GLU A 57 7.69 5.02 7.31
N THR A 58 8.23 4.00 6.65
CA THR A 58 9.34 4.20 5.75
C THR A 58 8.87 4.45 4.32
N LEU A 59 7.64 4.01 4.02
CA LEU A 59 7.01 4.33 2.74
C LEU A 59 6.94 5.83 2.57
N LYS A 60 7.44 6.32 1.44
CA LYS A 60 7.39 7.73 1.16
C LYS A 60 5.95 8.18 0.99
N PRO A 61 5.59 9.40 1.45
CA PRO A 61 4.25 9.95 1.29
C PRO A 61 3.69 9.68 -0.11
N SER A 62 4.56 9.81 -1.11
CA SER A 62 4.21 9.54 -2.49
C SER A 62 3.65 8.12 -2.66
N THR A 63 4.39 7.12 -2.16
CA THR A 63 3.96 5.74 -2.23
C THR A 63 2.65 5.57 -1.50
N LEU A 64 2.58 6.10 -0.29
CA LEU A 64 1.40 5.98 0.56
C LEU A 64 0.16 6.54 -0.14
N ARG A 65 0.30 7.72 -0.73
CA ARG A 65 -0.80 8.35 -1.47
C ARG A 65 -1.15 7.50 -2.69
N GLU A 66 -0.16 6.84 -3.26
CA GLU A 66 -0.37 5.94 -4.38
C GLU A 66 -1.11 4.69 -3.92
N LEU A 67 -0.57 4.01 -2.91
CA LEU A 67 -1.20 2.83 -2.30
C LEU A 67 -2.69 3.10 -2.03
N GLU A 68 -2.96 4.15 -1.25
CA GLU A 68 -4.33 4.61 -0.97
C GLU A 68 -5.14 4.80 -2.26
N ARG A 69 -4.69 5.73 -3.11
CA ARG A 69 -5.39 6.03 -4.36
C ARG A 69 -5.51 4.81 -5.25
N TYR A 70 -4.58 3.88 -5.11
CA TYR A 70 -4.62 2.67 -5.88
C TYR A 70 -5.74 1.79 -5.39
N VAL A 71 -5.78 1.54 -4.09
CA VAL A 71 -6.80 0.70 -3.52
C VAL A 71 -8.17 1.30 -3.80
N THR A 72 -8.24 2.63 -3.85
CA THR A 72 -9.51 3.29 -4.05
C THR A 72 -10.07 2.98 -5.43
N SER A 73 -9.19 2.70 -6.38
CA SER A 73 -9.61 2.33 -7.72
C SER A 73 -10.24 0.94 -7.70
N CYS A 74 -9.98 0.22 -6.61
CA CYS A 74 -10.62 -1.06 -6.35
C CYS A 74 -11.79 -0.89 -5.37
N LEU A 75 -11.47 -0.39 -4.20
CA LEU A 75 -12.40 -0.34 -3.08
C LEU A 75 -13.54 0.63 -3.33
N ARG A 76 -13.23 1.77 -3.92
CA ARG A 76 -14.23 2.80 -4.12
C ARG A 76 -14.79 2.76 -5.53
N LYS A 77 -14.50 1.68 -6.24
CA LYS A 77 -14.94 1.53 -7.63
C LYS A 77 -15.53 0.14 -7.90
N LYS A 78 -15.13 -0.86 -7.12
CA LYS A 78 -15.59 -2.23 -7.31
C LYS A 78 -15.12 -3.11 -6.15
N ARG A 79 -15.86 -3.06 -5.04
CA ARG A 79 -15.46 -3.79 -3.84
C ARG A 79 -15.50 -5.30 -4.06
N LYS A 80 -14.47 -5.97 -3.55
CA LYS A 80 -14.31 -7.42 -3.70
C LYS A 80 -14.32 -7.83 -5.18
N PRO A 81 -13.29 -7.43 -5.94
CA PRO A 81 -13.17 -7.75 -7.35
C PRO A 81 -12.31 -8.98 -7.60
N GLN A 82 -12.46 -9.98 -6.75
CA GLN A 82 -11.71 -11.22 -6.91
C GLN A 82 -12.50 -12.18 -7.78
N ALA A 83 -13.74 -12.45 -7.38
CA ALA A 83 -14.68 -13.25 -8.15
C ALA A 83 -14.05 -14.55 -8.65
N VAL B 1 1.76 4.27 16.92
CA VAL B 1 2.53 3.33 16.08
C VAL B 1 1.64 2.77 14.98
N VAL B 2 2.23 2.49 13.82
CA VAL B 2 1.51 1.85 12.74
C VAL B 2 1.96 0.41 12.59
N PRO B 3 1.04 -0.55 12.77
CA PRO B 3 1.33 -1.97 12.62
C PRO B 3 1.79 -2.31 11.21
N LYS B 4 2.92 -3.00 11.11
CA LYS B 4 3.51 -3.33 9.83
C LYS B 4 2.65 -4.37 9.11
N LYS B 5 2.19 -4.03 7.92
CA LYS B 5 1.26 -4.88 7.19
C LYS B 5 1.99 -5.97 6.42
N LYS B 6 1.78 -7.20 6.83
CA LYS B 6 2.34 -8.35 6.14
C LYS B 6 1.49 -8.72 4.95
N ILE B 7 2.13 -9.30 3.95
CA ILE B 7 1.50 -9.59 2.67
C ILE B 7 1.96 -10.95 2.18
N LYS B 8 1.01 -11.82 1.85
CA LYS B 8 1.33 -13.17 1.41
C LYS B 8 0.44 -13.58 0.25
N LYS B 9 0.30 -14.88 0.01
CA LYS B 9 -0.64 -15.37 -0.99
C LYS B 9 -2.06 -14.92 -0.64
N GLU B 10 -2.39 -15.06 0.64
CA GLU B 10 -3.66 -14.61 1.15
C GLU B 10 -3.44 -13.45 2.11
N GLN B 11 -4.35 -12.50 2.11
CA GLN B 11 -4.23 -11.34 2.99
C GLN B 11 -4.37 -11.74 4.45
N VAL B 12 -3.44 -11.27 5.27
CA VAL B 12 -3.49 -11.53 6.70
C VAL B 12 -4.40 -10.51 7.39
N GLU B 13 -4.69 -10.75 8.66
CA GLU B 13 -5.67 -9.96 9.41
C GLU B 13 -7.05 -10.10 8.79
N SER A 1 10.79 21.54 -8.93
CA SER A 1 10.97 21.19 -7.52
C SER A 1 9.65 20.79 -6.87
N GLU A 2 8.59 20.78 -7.68
CA GLU A 2 7.27 20.43 -7.18
C GLU A 2 6.95 18.96 -7.47
N GLU A 3 7.82 18.31 -8.23
CA GLU A 3 7.59 16.93 -8.65
C GLU A 3 7.49 16.01 -7.44
N GLU A 4 8.44 16.14 -6.52
CA GLU A 4 8.47 15.29 -5.33
C GLU A 4 7.46 15.75 -4.29
N ASP A 5 7.21 17.05 -4.22
CA ASP A 5 6.35 17.60 -3.18
C ASP A 5 4.92 17.76 -3.68
N LYS A 6 4.67 17.25 -4.88
CA LYS A 6 3.33 17.25 -5.45
C LYS A 6 2.46 16.25 -4.71
N CYS A 7 3.13 15.33 -4.02
CA CYS A 7 2.46 14.31 -3.23
C CYS A 7 2.09 14.88 -1.85
N LYS A 8 0.97 14.43 -1.33
CA LYS A 8 0.46 14.95 -0.07
C LYS A 8 0.89 14.08 1.11
N PRO A 9 1.24 14.73 2.22
CA PRO A 9 1.70 14.04 3.42
C PRO A 9 0.58 13.23 4.06
N MET A 10 0.83 11.96 4.31
CA MET A 10 -0.18 11.08 4.88
C MET A 10 -0.05 11.04 6.39
N SER A 11 -1.12 11.40 7.10
CA SER A 11 -1.09 11.44 8.57
C SER A 11 -1.23 10.04 9.17
N TYR A 12 -1.16 9.93 10.49
CA TYR A 12 -1.13 8.62 11.15
C TYR A 12 -2.45 7.87 10.96
N GLU A 13 -3.57 8.53 11.26
CA GLU A 13 -4.91 7.98 11.00
C GLU A 13 -5.07 7.56 9.55
N GLU A 14 -4.41 8.28 8.66
CA GLU A 14 -4.49 8.01 7.25
C GLU A 14 -3.68 6.78 6.88
N LYS A 15 -2.47 6.68 7.41
CA LYS A 15 -1.66 5.47 7.25
C LYS A 15 -2.39 4.26 7.83
N ARG A 16 -3.09 4.50 8.94
CA ARG A 16 -3.95 3.47 9.53
C ARG A 16 -5.02 3.06 8.53
N GLN A 17 -5.80 4.04 8.08
CA GLN A 17 -6.86 3.81 7.10
C GLN A 17 -6.29 3.09 5.88
N LEU A 18 -5.12 3.54 5.47
CA LEU A 18 -4.41 2.98 4.33
C LEU A 18 -4.13 1.50 4.55
N SER A 19 -3.54 1.19 5.69
CA SER A 19 -3.20 -0.19 6.02
C SER A 19 -4.45 -1.05 6.05
N LEU A 20 -5.58 -0.40 6.28
CA LEU A 20 -6.87 -1.06 6.34
C LEU A 20 -7.47 -1.20 4.94
N ASP A 21 -7.20 -0.24 4.06
CA ASP A 21 -7.68 -0.30 2.68
C ASP A 21 -6.81 -1.25 1.85
N ILE A 22 -5.54 -1.32 2.19
CA ILE A 22 -4.66 -2.34 1.62
C ILE A 22 -5.12 -3.73 2.04
N ASN A 23 -5.60 -3.80 3.29
CA ASN A 23 -6.11 -5.05 3.83
C ASN A 23 -7.38 -5.49 3.06
N LYS A 24 -8.04 -4.52 2.43
CA LYS A 24 -9.26 -4.79 1.69
C LYS A 24 -8.97 -5.33 0.29
N LEU A 25 -7.73 -5.17 -0.16
CA LEU A 25 -7.33 -5.64 -1.49
C LEU A 25 -7.15 -7.16 -1.51
N PRO A 26 -7.62 -7.81 -2.59
CA PRO A 26 -7.38 -9.24 -2.81
C PRO A 26 -5.93 -9.51 -3.22
N GLY A 27 -5.50 -10.77 -3.09
CA GLY A 27 -4.11 -11.12 -3.30
C GLY A 27 -3.50 -10.58 -4.59
N GLU A 28 -4.18 -10.79 -5.70
CA GLU A 28 -3.70 -10.33 -7.00
C GLU A 28 -3.57 -8.81 -7.04
N LYS A 29 -4.57 -8.12 -6.50
CA LYS A 29 -4.58 -6.66 -6.55
C LYS A 29 -3.58 -6.10 -5.56
N LEU A 30 -3.31 -6.83 -4.50
CA LEU A 30 -2.41 -6.37 -3.46
C LEU A 30 -0.95 -6.62 -3.83
N GLY A 31 -0.73 -7.46 -4.84
CA GLY A 31 0.61 -7.61 -5.38
C GLY A 31 1.07 -6.33 -6.06
N ARG A 32 0.13 -5.44 -6.34
CA ARG A 32 0.47 -4.13 -6.88
C ARG A 32 1.03 -3.22 -5.80
N VAL A 33 0.44 -3.23 -4.61
CA VAL A 33 0.95 -2.40 -3.53
C VAL A 33 2.39 -2.78 -3.22
N VAL A 34 2.63 -4.07 -3.07
CA VAL A 34 4.00 -4.60 -2.96
C VAL A 34 4.88 -4.04 -4.09
N HIS A 35 4.33 -3.98 -5.30
CA HIS A 35 5.07 -3.55 -6.47
C HIS A 35 5.35 -2.05 -6.43
N ILE A 36 4.31 -1.27 -6.10
CA ILE A 36 4.46 0.17 -5.95
C ILE A 36 5.47 0.46 -4.85
N ILE A 37 5.30 -0.24 -3.76
CA ILE A 37 6.18 -0.11 -2.61
C ILE A 37 7.62 -0.48 -2.97
N GLN A 38 7.85 -1.73 -3.39
CA GLN A 38 9.20 -2.17 -3.78
C GLN A 38 9.87 -1.21 -4.78
N SER A 39 9.09 -0.68 -5.72
CA SER A 39 9.65 0.17 -6.76
C SER A 39 9.96 1.57 -6.23
N ARG A 40 9.02 2.14 -5.46
CA ARG A 40 9.19 3.47 -4.90
C ARG A 40 10.08 3.43 -3.66
N GLU A 41 10.22 2.24 -3.10
CA GLU A 41 11.07 2.00 -1.95
C GLU A 41 12.14 0.97 -2.31
N PRO A 42 13.18 1.35 -3.04
CA PRO A 42 14.20 0.40 -3.47
C PRO A 42 15.02 -0.13 -2.30
N SER A 43 14.76 0.39 -1.11
CA SER A 43 15.40 -0.11 0.10
C SER A 43 14.80 -1.45 0.52
N LEU A 44 13.64 -1.79 -0.04
CA LEU A 44 13.00 -3.06 0.26
C LEU A 44 12.81 -3.89 -1.01
N LYS A 45 13.67 -3.65 -1.99
CA LYS A 45 13.62 -4.38 -3.26
C LYS A 45 14.03 -5.85 -3.08
N ASN A 46 14.75 -6.13 -2.01
CA ASN A 46 15.18 -7.50 -1.72
C ASN A 46 14.02 -8.31 -1.17
N SER A 47 12.96 -7.61 -0.77
CA SER A 47 11.75 -8.25 -0.30
C SER A 47 10.97 -8.81 -1.48
N ASN A 48 10.46 -10.02 -1.33
CA ASN A 48 9.71 -10.69 -2.39
C ASN A 48 8.28 -10.19 -2.42
N PRO A 49 7.69 -10.14 -3.64
CA PRO A 49 6.34 -9.60 -3.85
C PRO A 49 5.25 -10.38 -3.12
N ASP A 50 5.56 -11.61 -2.74
CA ASP A 50 4.62 -12.44 -2.03
C ASP A 50 4.96 -12.49 -0.54
N GLU A 51 5.97 -11.72 -0.15
CA GLU A 51 6.40 -11.70 1.23
C GLU A 51 6.69 -10.27 1.65
N ILE A 52 6.02 -9.33 1.00
CA ILE A 52 6.31 -7.92 1.21
C ILE A 52 5.84 -7.46 2.57
N GLU A 53 6.59 -6.52 3.11
CA GLU A 53 6.29 -5.92 4.39
C GLU A 53 5.99 -4.45 4.15
N ILE A 54 4.71 -4.12 4.01
CA ILE A 54 4.32 -2.75 3.80
C ILE A 54 4.53 -1.96 5.09
N ASP A 55 5.62 -1.22 5.14
CA ASP A 55 5.95 -0.44 6.32
C ASP A 55 5.60 1.02 6.08
N PHE A 56 4.43 1.41 6.58
CA PHE A 56 3.85 2.70 6.29
C PHE A 56 4.65 3.86 6.89
N GLU A 57 5.60 3.54 7.74
CA GLU A 57 6.45 4.56 8.36
C GLU A 57 7.65 4.87 7.48
N THR A 58 8.07 3.90 6.70
CA THR A 58 9.19 4.09 5.80
C THR A 58 8.71 4.43 4.40
N LEU A 59 7.52 3.98 4.06
CA LEU A 59 6.91 4.31 2.78
C LEU A 59 6.81 5.82 2.60
N LYS A 60 7.34 6.29 1.49
CA LYS A 60 7.28 7.71 1.17
C LYS A 60 5.82 8.15 1.01
N PRO A 61 5.49 9.40 1.38
CA PRO A 61 4.16 9.96 1.16
C PRO A 61 3.65 9.69 -0.24
N SER A 62 4.56 9.77 -1.20
CA SER A 62 4.26 9.47 -2.59
C SER A 62 3.71 8.05 -2.76
N THR A 63 4.41 7.08 -2.17
CA THR A 63 3.97 5.69 -2.23
C THR A 63 2.65 5.54 -1.50
N LEU A 64 2.58 6.06 -0.29
CA LEU A 64 1.38 5.93 0.54
C LEU A 64 0.14 6.48 -0.18
N ARG A 65 0.26 7.68 -0.73
CA ARG A 65 -0.85 8.27 -1.47
C ARG A 65 -1.15 7.47 -2.73
N GLU A 66 -0.15 6.78 -3.26
CA GLU A 66 -0.36 5.90 -4.38
C GLU A 66 -1.10 4.64 -3.93
N LEU A 67 -0.55 3.96 -2.92
CA LEU A 67 -1.18 2.78 -2.32
C LEU A 67 -2.65 3.08 -2.01
N GLU A 68 -2.89 4.19 -1.30
CA GLU A 68 -4.23 4.65 -0.94
C GLU A 68 -5.11 4.85 -2.19
N ARG A 69 -4.67 5.74 -3.07
CA ARG A 69 -5.41 6.04 -4.30
C ARG A 69 -5.57 4.80 -5.17
N TYR A 70 -4.64 3.90 -5.05
CA TYR A 70 -4.69 2.68 -5.83
C TYR A 70 -5.80 1.78 -5.32
N VAL A 71 -5.83 1.55 -4.02
CA VAL A 71 -6.86 0.71 -3.46
C VAL A 71 -8.21 1.31 -3.71
N THR A 72 -8.28 2.64 -3.73
CA THR A 72 -9.56 3.31 -3.89
C THR A 72 -10.17 3.04 -5.26
N SER A 73 -9.31 2.73 -6.22
CA SER A 73 -9.78 2.34 -7.54
C SER A 73 -10.46 0.98 -7.46
N CYS A 74 -10.08 0.20 -6.46
CA CYS A 74 -10.65 -1.12 -6.24
C CYS A 74 -11.75 -1.09 -5.15
N LEU A 75 -11.62 -0.16 -4.21
CA LEU A 75 -12.48 -0.14 -3.03
C LEU A 75 -13.58 0.91 -3.14
N ARG A 76 -13.30 2.01 -3.82
CA ARG A 76 -14.27 3.09 -3.92
C ARG A 76 -14.90 3.14 -5.30
N LYS A 77 -14.16 2.67 -6.29
CA LYS A 77 -14.66 2.60 -7.66
C LYS A 77 -15.23 1.21 -7.93
N LYS A 78 -15.35 0.42 -6.87
CA LYS A 78 -15.89 -0.92 -6.94
C LYS A 78 -16.36 -1.35 -5.55
N ARG A 79 -17.37 -2.19 -5.49
CA ARG A 79 -17.95 -2.58 -4.20
C ARG A 79 -17.16 -3.71 -3.52
N LYS A 80 -15.83 -3.67 -3.70
CA LYS A 80 -14.91 -4.68 -3.16
C LYS A 80 -15.08 -6.02 -3.86
N PRO A 81 -13.99 -6.52 -4.48
CA PRO A 81 -13.97 -7.84 -5.11
C PRO A 81 -14.41 -8.93 -4.14
N GLN A 82 -15.36 -9.75 -4.58
CA GLN A 82 -15.90 -10.80 -3.73
C GLN A 82 -15.49 -12.17 -4.26
N ALA A 83 -14.81 -12.18 -5.39
CA ALA A 83 -14.36 -13.43 -5.99
C ALA A 83 -12.97 -13.79 -5.47
N VAL B 1 0.32 4.34 17.12
CA VAL B 1 1.21 3.44 16.36
C VAL B 1 0.49 2.90 15.13
N VAL B 2 1.22 2.67 14.06
CA VAL B 2 0.64 2.10 12.85
C VAL B 2 1.14 0.67 12.63
N PRO B 3 0.33 -0.33 12.98
CA PRO B 3 0.65 -1.73 12.70
C PRO B 3 0.87 -1.97 11.21
N LYS B 4 2.04 -2.50 10.89
CA LYS B 4 2.41 -2.73 9.50
C LYS B 4 1.70 -3.96 8.95
N LYS B 5 1.54 -4.01 7.64
CA LYS B 5 0.84 -5.10 7.00
C LYS B 5 1.79 -6.19 6.55
N LYS B 6 1.71 -7.33 7.21
CA LYS B 6 2.51 -8.48 6.85
C LYS B 6 1.85 -9.21 5.71
N ILE B 7 2.35 -8.98 4.51
CA ILE B 7 1.72 -9.51 3.32
C ILE B 7 2.36 -10.85 2.94
N LYS B 8 2.21 -11.81 3.84
CA LYS B 8 2.74 -13.15 3.62
C LYS B 8 1.61 -14.17 3.64
N LYS B 9 0.75 -14.08 2.64
CA LYS B 9 -0.41 -14.98 2.50
C LYS B 9 -1.39 -14.81 3.66
N GLU B 10 -1.34 -13.64 4.28
CA GLU B 10 -2.29 -13.27 5.32
C GLU B 10 -2.84 -11.87 5.01
N GLN B 11 -3.41 -11.75 3.82
CA GLN B 11 -3.85 -10.47 3.29
C GLN B 11 -4.94 -9.84 4.14
N VAL B 12 -5.91 -10.64 4.56
CA VAL B 12 -7.07 -10.14 5.30
C VAL B 12 -6.79 -10.14 6.81
N GLU B 13 -5.55 -10.40 7.17
CA GLU B 13 -5.15 -10.40 8.57
C GLU B 13 -4.71 -9.00 8.99
N SER A 1 13.39 15.64 -7.25
CA SER A 1 13.02 15.84 -5.84
C SER A 1 11.52 16.00 -5.67
N GLU A 2 10.80 16.06 -6.78
CA GLU A 2 9.37 16.29 -6.74
C GLU A 2 8.62 15.09 -6.18
N GLU A 3 9.25 13.92 -6.22
CA GLU A 3 8.61 12.70 -5.73
C GLU A 3 8.25 12.83 -4.25
N GLU A 4 9.03 13.59 -3.49
CA GLU A 4 8.77 13.77 -2.08
C GLU A 4 8.02 15.07 -1.81
N ASP A 5 8.30 16.09 -2.61
CA ASP A 5 7.77 17.43 -2.35
C ASP A 5 6.38 17.63 -2.93
N LYS A 6 6.17 17.12 -4.15
CA LYS A 6 4.89 17.30 -4.83
C LYS A 6 3.82 16.46 -4.15
N CYS A 7 4.25 15.43 -3.43
CA CYS A 7 3.35 14.55 -2.71
C CYS A 7 3.00 15.12 -1.34
N LYS A 8 1.76 14.94 -0.93
CA LYS A 8 1.30 15.46 0.36
C LYS A 8 1.47 14.42 1.45
N PRO A 9 1.96 14.88 2.62
CA PRO A 9 2.29 14.02 3.75
C PRO A 9 1.08 13.28 4.32
N MET A 10 1.20 11.97 4.43
CA MET A 10 0.11 11.14 4.96
C MET A 10 0.19 11.10 6.48
N SER A 11 -0.92 11.37 7.15
CA SER A 11 -0.96 11.41 8.60
C SER A 11 -1.17 10.01 9.20
N TYR A 12 -1.09 9.90 10.53
CA TYR A 12 -1.18 8.59 11.20
C TYR A 12 -2.52 7.91 10.92
N GLU A 13 -3.61 8.65 11.08
CA GLU A 13 -4.95 8.14 10.89
C GLU A 13 -5.14 7.67 9.45
N GLU A 14 -4.46 8.34 8.54
CA GLU A 14 -4.53 8.02 7.13
C GLU A 14 -3.73 6.76 6.82
N LYS A 15 -2.49 6.71 7.32
CA LYS A 15 -1.66 5.52 7.18
C LYS A 15 -2.37 4.28 7.73
N ARG A 16 -3.08 4.45 8.84
CA ARG A 16 -3.85 3.36 9.42
C ARG A 16 -4.97 2.95 8.48
N GLN A 17 -5.76 3.93 8.02
CA GLN A 17 -6.83 3.67 7.07
C GLN A 17 -6.28 2.96 5.85
N LEU A 18 -5.11 3.41 5.43
CA LEU A 18 -4.39 2.86 4.30
C LEU A 18 -4.07 1.38 4.54
N SER A 19 -3.50 1.08 5.68
CA SER A 19 -3.15 -0.30 5.99
C SER A 19 -4.41 -1.18 6.04
N LEU A 20 -5.55 -0.52 6.25
CA LEU A 20 -6.82 -1.20 6.33
C LEU A 20 -7.47 -1.30 4.95
N ASP A 21 -7.19 -0.34 4.08
CA ASP A 21 -7.68 -0.38 2.70
C ASP A 21 -6.80 -1.28 1.83
N ILE A 22 -5.52 -1.36 2.16
CA ILE A 22 -4.65 -2.37 1.59
C ILE A 22 -5.11 -3.75 2.00
N ASN A 23 -5.58 -3.83 3.25
CA ASN A 23 -6.10 -5.07 3.80
C ASN A 23 -7.39 -5.48 3.07
N LYS A 24 -8.02 -4.50 2.43
CA LYS A 24 -9.26 -4.72 1.70
C LYS A 24 -8.98 -5.29 0.31
N LEU A 25 -7.76 -5.12 -0.17
CA LEU A 25 -7.38 -5.58 -1.51
C LEU A 25 -7.28 -7.10 -1.56
N PRO A 26 -7.77 -7.71 -2.66
CA PRO A 26 -7.58 -9.14 -2.91
C PRO A 26 -6.13 -9.44 -3.26
N GLY A 27 -5.70 -10.68 -3.03
CA GLY A 27 -4.30 -11.05 -3.19
C GLY A 27 -3.67 -10.57 -4.48
N GLU A 28 -4.36 -10.78 -5.58
CA GLU A 28 -3.88 -10.37 -6.90
C GLU A 28 -3.68 -8.86 -6.98
N LYS A 29 -4.66 -8.10 -6.48
CA LYS A 29 -4.60 -6.64 -6.58
C LYS A 29 -3.58 -6.08 -5.60
N LEU A 30 -3.33 -6.82 -4.52
CA LEU A 30 -2.42 -6.35 -3.49
C LEU A 30 -0.96 -6.63 -3.88
N GLY A 31 -0.77 -7.45 -4.90
CA GLY A 31 0.58 -7.61 -5.45
C GLY A 31 1.05 -6.33 -6.12
N ARG A 32 0.11 -5.44 -6.41
CA ARG A 32 0.47 -4.11 -6.93
C ARG A 32 1.05 -3.22 -5.83
N VAL A 33 0.47 -3.25 -4.63
CA VAL A 33 0.99 -2.42 -3.55
C VAL A 33 2.42 -2.82 -3.25
N VAL A 34 2.66 -4.11 -3.14
CA VAL A 34 4.03 -4.65 -3.04
C VAL A 34 4.91 -4.07 -4.15
N HIS A 35 4.36 -3.97 -5.36
CA HIS A 35 5.12 -3.49 -6.51
C HIS A 35 5.38 -2.00 -6.41
N ILE A 36 4.35 -1.23 -6.08
CA ILE A 36 4.50 0.21 -5.90
C ILE A 36 5.51 0.48 -4.80
N ILE A 37 5.36 -0.27 -3.72
CA ILE A 37 6.24 -0.16 -2.59
C ILE A 37 7.67 -0.54 -2.97
N GLN A 38 7.88 -1.77 -3.42
CA GLN A 38 9.22 -2.22 -3.84
C GLN A 38 9.89 -1.27 -4.85
N SER A 39 9.08 -0.65 -5.71
CA SER A 39 9.61 0.23 -6.75
C SER A 39 9.92 1.63 -6.19
N ARG A 40 8.99 2.17 -5.42
CA ARG A 40 9.19 3.48 -4.80
C ARG A 40 10.15 3.38 -3.63
N GLU A 41 10.19 2.21 -3.03
CA GLU A 41 11.10 1.90 -1.94
C GLU A 41 12.12 0.87 -2.42
N PRO A 42 13.12 1.26 -3.22
CA PRO A 42 14.03 0.30 -3.83
C PRO A 42 14.96 -0.34 -2.82
N SER A 43 14.96 0.25 -1.65
CA SER A 43 15.72 -0.29 -0.52
C SER A 43 15.12 -1.63 -0.06
N LEU A 44 13.85 -1.86 -0.37
CA LEU A 44 13.20 -3.12 -0.01
C LEU A 44 12.92 -3.97 -1.24
N LYS A 45 13.65 -3.70 -2.32
CA LYS A 45 13.49 -4.49 -3.54
C LYS A 45 14.04 -5.91 -3.37
N ASN A 46 14.78 -6.12 -2.28
CA ASN A 46 15.25 -7.47 -1.93
C ASN A 46 14.09 -8.33 -1.44
N SER A 47 13.06 -7.67 -0.93
CA SER A 47 11.88 -8.37 -0.43
C SER A 47 11.08 -8.98 -1.58
N ASN A 48 10.69 -10.24 -1.43
CA ASN A 48 9.93 -10.95 -2.45
C ASN A 48 8.54 -10.35 -2.61
N PRO A 49 8.08 -10.22 -3.86
CA PRO A 49 6.78 -9.59 -4.18
C PRO A 49 5.58 -10.36 -3.60
N ASP A 50 5.80 -11.60 -3.23
CA ASP A 50 4.76 -12.42 -2.64
C ASP A 50 4.91 -12.47 -1.13
N GLU A 51 5.87 -11.73 -0.61
CA GLU A 51 6.20 -11.78 0.81
C GLU A 51 6.52 -10.39 1.34
N ILE A 52 5.90 -9.38 0.75
CA ILE A 52 6.25 -8.01 1.07
C ILE A 52 5.73 -7.59 2.44
N GLU A 53 6.49 -6.72 3.07
CA GLU A 53 6.12 -6.11 4.33
C GLU A 53 5.87 -4.64 4.11
N ILE A 54 4.62 -4.25 3.97
CA ILE A 54 4.28 -2.87 3.79
C ILE A 54 4.47 -2.10 5.09
N ASP A 55 5.56 -1.37 5.20
CA ASP A 55 5.84 -0.59 6.40
C ASP A 55 5.52 0.87 6.14
N PHE A 56 4.38 1.32 6.64
CA PHE A 56 3.85 2.63 6.30
C PHE A 56 4.64 3.77 6.92
N GLU A 57 5.57 3.45 7.79
CA GLU A 57 6.42 4.47 8.40
C GLU A 57 7.62 4.76 7.51
N THR A 58 8.13 3.73 6.86
CA THR A 58 9.27 3.88 5.97
C THR A 58 8.82 4.21 4.53
N LEU A 59 7.60 3.84 4.19
CA LEU A 59 7.03 4.19 2.89
C LEU A 59 7.00 5.70 2.73
N LYS A 60 7.46 6.17 1.59
CA LYS A 60 7.45 7.58 1.28
C LYS A 60 6.01 8.07 1.12
N PRO A 61 5.72 9.34 1.44
CA PRO A 61 4.40 9.92 1.22
C PRO A 61 3.90 9.65 -0.19
N SER A 62 4.83 9.64 -1.14
CA SER A 62 4.54 9.33 -2.53
C SER A 62 3.86 7.98 -2.64
N THR A 63 4.48 6.96 -2.06
CA THR A 63 3.99 5.61 -2.11
C THR A 63 2.66 5.51 -1.39
N LEU A 64 2.59 6.06 -0.18
CA LEU A 64 1.39 5.97 0.63
C LEU A 64 0.19 6.57 -0.09
N ARG A 65 0.37 7.76 -0.66
CA ARG A 65 -0.70 8.42 -1.38
C ARG A 65 -1.08 7.60 -2.63
N GLU A 66 -0.11 6.87 -3.17
CA GLU A 66 -0.35 5.96 -4.28
C GLU A 66 -1.11 4.72 -3.81
N LEU A 67 -0.53 3.99 -2.85
CA LEU A 67 -1.16 2.79 -2.27
C LEU A 67 -2.63 3.04 -1.96
N GLU A 68 -2.92 4.14 -1.25
CA GLU A 68 -4.29 4.51 -0.91
C GLU A 68 -5.14 4.73 -2.17
N ARG A 69 -4.72 5.69 -3.00
CA ARG A 69 -5.45 6.01 -4.23
C ARG A 69 -5.57 4.81 -5.15
N TYR A 70 -4.66 3.89 -4.98
CA TYR A 70 -4.68 2.67 -5.76
C TYR A 70 -5.79 1.76 -5.26
N VAL A 71 -5.82 1.51 -3.97
CA VAL A 71 -6.85 0.65 -3.40
C VAL A 71 -8.21 1.26 -3.67
N THR A 72 -8.28 2.59 -3.67
CA THR A 72 -9.56 3.27 -3.82
C THR A 72 -10.15 3.00 -5.19
N SER A 73 -9.28 2.72 -6.17
CA SER A 73 -9.74 2.35 -7.49
C SER A 73 -10.41 0.97 -7.44
N CYS A 74 -10.06 0.19 -6.42
CA CYS A 74 -10.65 -1.14 -6.22
C CYS A 74 -11.76 -1.11 -5.17
N LEU A 75 -11.64 -0.20 -4.22
CA LEU A 75 -12.52 -0.17 -3.05
C LEU A 75 -13.62 0.88 -3.17
N ARG A 76 -13.29 2.04 -3.73
CA ARG A 76 -14.24 3.14 -3.80
C ARG A 76 -14.80 3.29 -5.20
N LYS A 77 -13.95 3.01 -6.18
CA LYS A 77 -14.32 3.10 -7.60
C LYS A 77 -14.90 1.76 -8.06
N LYS A 78 -15.29 0.96 -7.09
CA LYS A 78 -15.72 -0.41 -7.32
C LYS A 78 -16.31 -0.92 -6.01
N ARG A 79 -16.91 -2.10 -6.00
CA ARG A 79 -17.50 -2.63 -4.78
C ARG A 79 -16.92 -3.99 -4.41
N LYS A 80 -15.58 -4.03 -4.34
CA LYS A 80 -14.85 -5.23 -3.92
C LYS A 80 -15.10 -6.41 -4.85
N PRO A 81 -14.31 -6.53 -5.92
CA PRO A 81 -14.36 -7.69 -6.83
C PRO A 81 -13.86 -8.95 -6.13
N GLN A 82 -14.80 -9.71 -5.58
CA GLN A 82 -14.47 -10.91 -4.82
C GLN A 82 -14.30 -12.10 -5.74
N ALA A 83 -13.37 -12.99 -5.41
CA ALA A 83 -13.14 -14.19 -6.18
C ALA A 83 -14.14 -15.27 -5.78
N VAL B 1 2.66 5.15 15.50
CA VAL B 1 3.31 4.09 14.70
C VAL B 1 2.26 3.25 13.98
N VAL B 2 2.68 2.56 12.93
CA VAL B 2 1.80 1.69 12.17
C VAL B 2 2.44 0.31 12.02
N PRO B 3 1.78 -0.73 12.53
CA PRO B 3 2.25 -2.11 12.39
C PRO B 3 2.42 -2.51 10.93
N LYS B 4 3.60 -3.05 10.61
CA LYS B 4 3.90 -3.45 9.25
C LYS B 4 2.89 -4.46 8.72
N LYS B 5 2.41 -4.21 7.52
CA LYS B 5 1.45 -5.09 6.90
C LYS B 5 2.16 -6.31 6.33
N LYS B 6 2.09 -7.41 7.08
CA LYS B 6 2.70 -8.66 6.68
C LYS B 6 1.91 -9.30 5.54
N ILE B 7 2.43 -9.18 4.34
CA ILE B 7 1.74 -9.63 3.15
C ILE B 7 2.34 -10.94 2.64
N LYS B 8 1.72 -12.04 3.04
CA LYS B 8 2.16 -13.36 2.62
C LYS B 8 1.03 -14.07 1.90
N LYS B 9 0.12 -14.63 2.68
CA LYS B 9 -1.07 -15.28 2.15
C LYS B 9 -2.22 -15.00 3.10
N GLU B 10 -3.40 -14.75 2.54
CA GLU B 10 -4.56 -14.35 3.32
C GLU B 10 -4.26 -13.06 4.07
N GLN B 11 -4.58 -11.93 3.44
CA GLN B 11 -4.25 -10.62 3.98
C GLN B 11 -5.05 -10.31 5.25
N VAL B 12 -6.24 -10.90 5.34
CA VAL B 12 -7.09 -10.70 6.50
C VAL B 12 -6.77 -11.72 7.59
N GLU B 13 -6.95 -11.31 8.83
CA GLU B 13 -6.71 -12.20 9.96
C GLU B 13 -8.03 -12.60 10.60
N SER A 1 11.64 18.45 -9.13
CA SER A 1 11.52 18.17 -7.68
C SER A 1 10.07 18.15 -7.24
N GLU A 2 9.17 18.29 -8.20
CA GLU A 2 7.76 18.38 -7.90
C GLU A 2 7.14 17.02 -7.60
N GLU A 3 7.75 15.95 -8.07
CA GLU A 3 7.18 14.61 -7.87
C GLU A 3 7.04 14.29 -6.39
N GLU A 4 7.94 14.83 -5.59
CA GLU A 4 7.92 14.61 -4.14
C GLU A 4 7.07 15.66 -3.44
N ASP A 5 7.05 16.89 -3.97
CA ASP A 5 6.37 17.99 -3.29
C ASP A 5 4.93 18.12 -3.73
N LYS A 6 4.60 17.50 -4.85
CA LYS A 6 3.21 17.46 -5.34
C LYS A 6 2.39 16.58 -4.41
N CYS A 7 3.08 15.63 -3.82
CA CYS A 7 2.46 14.64 -2.95
C CYS A 7 2.19 15.22 -1.57
N LYS A 8 1.03 14.89 -1.01
CA LYS A 8 0.63 15.37 0.30
C LYS A 8 1.02 14.38 1.38
N PRO A 9 1.49 14.88 2.52
CA PRO A 9 1.95 14.06 3.63
C PRO A 9 0.80 13.25 4.24
N MET A 10 1.03 11.98 4.47
CA MET A 10 -0.01 11.11 5.00
C MET A 10 0.07 11.07 6.53
N SER A 11 -1.03 11.43 7.17
CA SER A 11 -1.10 11.49 8.62
C SER A 11 -1.30 10.10 9.23
N TYR A 12 -1.23 9.99 10.57
CA TYR A 12 -1.27 8.69 11.25
C TYR A 12 -2.58 7.95 10.99
N GLU A 13 -3.70 8.61 11.31
CA GLU A 13 -5.04 8.08 11.00
C GLU A 13 -5.13 7.59 9.57
N GLU A 14 -4.47 8.31 8.67
CA GLU A 14 -4.52 8.01 7.25
C GLU A 14 -3.72 6.75 6.94
N LYS A 15 -2.50 6.69 7.44
CA LYS A 15 -1.66 5.50 7.28
C LYS A 15 -2.36 4.25 7.83
N ARG A 16 -3.08 4.43 8.95
CA ARG A 16 -3.86 3.34 9.52
C ARG A 16 -4.96 2.93 8.56
N GLN A 17 -5.73 3.92 8.11
CA GLN A 17 -6.82 3.67 7.19
C GLN A 17 -6.29 3.03 5.92
N LEU A 18 -5.11 3.47 5.51
CA LEU A 18 -4.39 2.95 4.36
C LEU A 18 -4.08 1.46 4.56
N SER A 19 -3.50 1.14 5.70
CA SER A 19 -3.14 -0.23 5.98
C SER A 19 -4.38 -1.13 6.00
N LEU A 20 -5.53 -0.50 6.24
CA LEU A 20 -6.80 -1.18 6.31
C LEU A 20 -7.44 -1.28 4.92
N ASP A 21 -7.20 -0.28 4.07
CA ASP A 21 -7.70 -0.30 2.70
C ASP A 21 -6.83 -1.21 1.83
N ILE A 22 -5.54 -1.28 2.15
CA ILE A 22 -4.67 -2.27 1.54
C ILE A 22 -5.12 -3.68 1.93
N ASN A 23 -5.55 -3.82 3.18
CA ASN A 23 -6.02 -5.10 3.68
C ASN A 23 -7.36 -5.48 3.03
N LYS A 24 -7.99 -4.49 2.40
CA LYS A 24 -9.23 -4.72 1.69
C LYS A 24 -8.98 -5.28 0.30
N LEU A 25 -7.75 -5.14 -0.18
CA LEU A 25 -7.38 -5.63 -1.51
C LEU A 25 -7.25 -7.16 -1.54
N PRO A 26 -7.76 -7.80 -2.61
CA PRO A 26 -7.58 -9.24 -2.82
C PRO A 26 -6.14 -9.58 -3.15
N GLY A 27 -5.75 -10.84 -2.98
CA GLY A 27 -4.36 -11.24 -3.12
C GLY A 27 -3.69 -10.75 -4.40
N GLU A 28 -4.38 -10.87 -5.52
CA GLU A 28 -3.83 -10.45 -6.79
C GLU A 28 -3.64 -8.92 -6.85
N LYS A 29 -4.61 -8.18 -6.35
CA LYS A 29 -4.56 -6.73 -6.44
C LYS A 29 -3.54 -6.17 -5.45
N LEU A 30 -3.31 -6.88 -4.36
CA LEU A 30 -2.39 -6.39 -3.35
C LEU A 30 -0.95 -6.61 -3.78
N GLY A 31 -0.76 -7.41 -4.82
CA GLY A 31 0.57 -7.53 -5.41
C GLY A 31 1.01 -6.22 -6.02
N ARG A 32 0.05 -5.38 -6.39
CA ARG A 32 0.37 -4.05 -6.91
C ARG A 32 1.00 -3.18 -5.85
N VAL A 33 0.44 -3.18 -4.64
CA VAL A 33 0.99 -2.37 -3.56
C VAL A 33 2.41 -2.80 -3.26
N VAL A 34 2.63 -4.10 -3.11
CA VAL A 34 3.98 -4.65 -3.01
C VAL A 34 4.87 -4.08 -4.15
N HIS A 35 4.32 -4.01 -5.36
CA HIS A 35 5.06 -3.51 -6.52
C HIS A 35 5.36 -2.02 -6.37
N ILE A 36 4.31 -1.23 -6.12
CA ILE A 36 4.45 0.20 -5.92
C ILE A 36 5.48 0.48 -4.84
N ILE A 37 5.31 -0.23 -3.75
CA ILE A 37 6.20 -0.12 -2.61
C ILE A 37 7.64 -0.52 -2.96
N GLN A 38 7.86 -1.77 -3.36
CA GLN A 38 9.21 -2.24 -3.73
C GLN A 38 9.90 -1.31 -4.73
N SER A 39 9.13 -0.76 -5.66
CA SER A 39 9.69 0.09 -6.71
C SER A 39 10.04 1.48 -6.17
N ARG A 40 9.15 2.03 -5.36
CA ARG A 40 9.35 3.36 -4.77
C ARG A 40 10.25 3.29 -3.54
N GLU A 41 10.31 2.10 -2.96
CA GLU A 41 11.14 1.83 -1.80
C GLU A 41 12.17 0.75 -2.14
N PRO A 42 13.27 1.10 -2.82
CA PRO A 42 14.25 0.11 -3.22
C PRO A 42 15.00 -0.47 -2.03
N SER A 43 14.76 0.10 -0.86
CA SER A 43 15.35 -0.39 0.37
C SER A 43 14.69 -1.70 0.80
N LEU A 44 13.55 -2.03 0.20
CA LEU A 44 12.87 -3.27 0.49
C LEU A 44 12.70 -4.13 -0.76
N LYS A 45 13.57 -3.93 -1.74
CA LYS A 45 13.52 -4.70 -2.98
C LYS A 45 14.00 -6.12 -2.73
N ASN A 46 14.72 -6.32 -1.62
CA ASN A 46 15.14 -7.66 -1.20
C ASN A 46 13.92 -8.48 -0.82
N SER A 47 12.89 -7.79 -0.35
CA SER A 47 11.62 -8.43 -0.01
C SER A 47 10.93 -8.92 -1.28
N ASN A 48 10.44 -10.15 -1.25
CA ASN A 48 9.80 -10.75 -2.40
C ASN A 48 8.38 -10.23 -2.53
N PRO A 49 7.88 -10.12 -3.77
CA PRO A 49 6.50 -9.67 -4.03
C PRO A 49 5.44 -10.58 -3.42
N ASP A 50 5.88 -11.76 -2.99
CA ASP A 50 4.99 -12.69 -2.30
C ASP A 50 5.31 -12.74 -0.81
N GLU A 51 6.20 -11.87 -0.37
CA GLU A 51 6.61 -11.81 1.02
C GLU A 51 6.77 -10.38 1.50
N ILE A 52 6.04 -9.45 0.89
CA ILE A 52 6.26 -8.04 1.16
C ILE A 52 5.77 -7.63 2.54
N GLU A 53 6.48 -6.66 3.08
CA GLU A 53 6.13 -6.06 4.35
C GLU A 53 5.92 -4.57 4.09
N ILE A 54 4.67 -4.16 3.81
CA ILE A 54 4.35 -2.77 3.66
C ILE A 54 4.62 -2.01 4.96
N ASP A 55 5.70 -1.26 4.97
CA ASP A 55 6.08 -0.50 6.16
C ASP A 55 5.69 0.95 5.98
N PHE A 56 4.52 1.31 6.48
CA PHE A 56 3.92 2.62 6.22
C PHE A 56 4.72 3.76 6.84
N GLU A 57 5.64 3.42 7.73
CA GLU A 57 6.49 4.41 8.34
C GLU A 57 7.64 4.82 7.43
N THR A 58 8.21 3.85 6.73
CA THR A 58 9.31 4.13 5.83
C THR A 58 8.80 4.49 4.43
N LEU A 59 7.60 4.01 4.08
CA LEU A 59 6.99 4.32 2.79
C LEU A 59 6.94 5.83 2.57
N LYS A 60 7.43 6.26 1.41
CA LYS A 60 7.35 7.67 1.04
C LYS A 60 5.90 8.10 0.98
N PRO A 61 5.60 9.33 1.45
CA PRO A 61 4.26 9.92 1.32
C PRO A 61 3.67 9.72 -0.07
N SER A 62 4.54 9.76 -1.08
CA SER A 62 4.12 9.56 -2.46
C SER A 62 3.65 8.12 -2.67
N THR A 63 4.39 7.15 -2.14
CA THR A 63 3.98 5.76 -2.22
C THR A 63 2.66 5.59 -1.51
N LEU A 64 2.59 6.08 -0.28
CA LEU A 64 1.40 5.97 0.55
C LEU A 64 0.18 6.53 -0.16
N ARG A 65 0.33 7.70 -0.78
CA ARG A 65 -0.77 8.31 -1.51
C ARG A 65 -1.14 7.46 -2.72
N GLU A 66 -0.16 6.82 -3.34
CA GLU A 66 -0.42 5.94 -4.46
C GLU A 66 -1.09 4.65 -3.99
N LEU A 67 -0.56 4.02 -2.95
CA LEU A 67 -1.17 2.85 -2.34
C LEU A 67 -2.65 3.13 -2.02
N GLU A 68 -2.89 4.22 -1.30
CA GLU A 68 -4.25 4.64 -0.94
C GLU A 68 -5.12 4.85 -2.19
N ARG A 69 -4.69 5.73 -3.08
CA ARG A 69 -5.44 6.04 -4.29
C ARG A 69 -5.56 4.83 -5.20
N TYR A 70 -4.63 3.90 -5.06
CA TYR A 70 -4.69 2.68 -5.83
C TYR A 70 -5.82 1.81 -5.32
N VAL A 71 -5.83 1.57 -4.00
CA VAL A 71 -6.86 0.72 -3.43
C VAL A 71 -8.22 1.33 -3.71
N THR A 72 -8.30 2.65 -3.76
CA THR A 72 -9.57 3.32 -3.95
C THR A 72 -10.15 3.01 -5.31
N SER A 73 -9.27 2.73 -6.28
CA SER A 73 -9.71 2.37 -7.62
C SER A 73 -10.40 1.01 -7.57
N CYS A 74 -10.11 0.26 -6.52
CA CYS A 74 -10.79 -1.01 -6.25
C CYS A 74 -11.91 -0.82 -5.24
N LEU A 75 -11.56 -0.29 -4.09
CA LEU A 75 -12.46 -0.23 -2.95
C LEU A 75 -13.60 0.76 -3.15
N ARG A 76 -13.32 1.85 -3.83
CA ARG A 76 -14.31 2.89 -4.00
C ARG A 76 -14.98 2.80 -5.37
N LYS A 77 -14.67 1.74 -6.12
CA LYS A 77 -15.24 1.58 -7.45
C LYS A 77 -15.78 0.17 -7.69
N LYS A 78 -15.22 -0.83 -6.99
CA LYS A 78 -15.58 -2.21 -7.22
C LYS A 78 -15.01 -3.09 -6.10
N ARG A 79 -15.53 -2.90 -4.89
CA ARG A 79 -14.99 -3.61 -3.73
C ARG A 79 -15.35 -5.09 -3.78
N LYS A 80 -14.48 -5.91 -3.21
CA LYS A 80 -14.61 -7.37 -3.24
C LYS A 80 -14.74 -7.87 -4.69
N PRO A 81 -13.73 -7.61 -5.53
CA PRO A 81 -13.76 -7.97 -6.93
C PRO A 81 -13.12 -9.33 -7.21
N GLN A 82 -13.80 -10.39 -6.77
CA GLN A 82 -13.35 -11.75 -7.07
C GLN A 82 -13.84 -12.16 -8.45
N ALA A 83 -14.78 -11.39 -8.98
CA ALA A 83 -15.29 -11.60 -10.31
C ALA A 83 -15.00 -10.37 -11.18
N VAL B 1 1.21 4.31 16.60
CA VAL B 1 2.10 3.88 15.50
C VAL B 1 1.40 2.84 14.64
N VAL B 2 1.47 3.03 13.32
CA VAL B 2 0.86 2.08 12.40
C VAL B 2 1.73 0.85 12.24
N PRO B 3 1.20 -0.33 12.62
CA PRO B 3 1.93 -1.59 12.54
C PRO B 3 2.23 -2.00 11.11
N LYS B 4 3.49 -2.34 10.86
CA LYS B 4 3.94 -2.78 9.56
C LYS B 4 3.11 -3.96 9.05
N LYS B 5 2.67 -3.87 7.81
CA LYS B 5 1.74 -4.84 7.25
C LYS B 5 2.48 -5.99 6.57
N LYS B 6 2.57 -7.10 7.27
CA LYS B 6 3.19 -8.29 6.73
C LYS B 6 2.20 -9.06 5.87
N ILE B 7 2.38 -9.00 4.56
CA ILE B 7 1.49 -9.69 3.64
C ILE B 7 2.25 -10.65 2.74
N LYS B 8 2.68 -11.76 3.30
CA LYS B 8 3.33 -12.80 2.51
C LYS B 8 2.31 -13.88 2.15
N LYS B 9 1.55 -14.34 3.13
CA LYS B 9 0.49 -15.31 2.88
C LYS B 9 -0.81 -14.88 3.54
N GLU B 10 -0.72 -13.92 4.47
CA GLU B 10 -1.89 -13.43 5.19
C GLU B 10 -2.70 -12.45 4.35
N GLN B 11 -3.11 -12.91 3.18
CA GLN B 11 -3.93 -12.10 2.29
C GLN B 11 -5.39 -12.54 2.41
N VAL B 12 -6.30 -11.77 1.84
CA VAL B 12 -7.72 -12.02 2.00
C VAL B 12 -8.38 -12.30 0.65
N GLU B 13 -9.42 -13.14 0.68
CA GLU B 13 -10.21 -13.43 -0.51
C GLU B 13 -11.02 -12.21 -0.92
N SER A 1 11.57 18.46 -6.73
CA SER A 1 11.01 18.96 -5.47
C SER A 1 9.58 18.47 -5.29
N GLU A 2 9.00 17.97 -6.36
CA GLU A 2 7.64 17.47 -6.31
C GLU A 2 7.57 16.16 -5.52
N GLU A 3 8.70 15.51 -5.33
CA GLU A 3 8.75 14.25 -4.61
C GLU A 3 8.15 14.40 -3.21
N GLU A 4 8.56 15.45 -2.51
CA GLU A 4 8.05 15.71 -1.17
C GLU A 4 6.92 16.75 -1.18
N ASP A 5 6.92 17.62 -2.19
CA ASP A 5 5.95 18.72 -2.24
C ASP A 5 4.66 18.33 -2.93
N LYS A 6 4.77 17.77 -4.13
CA LYS A 6 3.60 17.42 -4.92
C LYS A 6 2.83 16.30 -4.24
N CYS A 7 3.56 15.44 -3.55
CA CYS A 7 2.96 14.35 -2.79
C CYS A 7 2.62 14.85 -1.39
N LYS A 8 1.34 15.00 -1.12
CA LYS A 8 0.88 15.53 0.15
C LYS A 8 1.04 14.51 1.27
N PRO A 9 1.50 15.00 2.43
CA PRO A 9 1.90 14.15 3.57
C PRO A 9 0.73 13.36 4.14
N MET A 10 0.90 12.04 4.20
CA MET A 10 -0.13 11.18 4.75
C MET A 10 -0.03 11.15 6.26
N SER A 11 -1.12 11.51 6.94
CA SER A 11 -1.12 11.61 8.38
C SER A 11 -1.24 10.23 9.04
N TYR A 12 -1.13 10.18 10.37
CA TYR A 12 -1.17 8.93 11.12
C TYR A 12 -2.47 8.16 10.86
N GLU A 13 -3.58 8.86 10.99
CA GLU A 13 -4.89 8.26 10.82
C GLU A 13 -5.04 7.69 9.42
N GLU A 14 -4.49 8.41 8.47
CA GLU A 14 -4.60 8.04 7.08
C GLU A 14 -3.77 6.80 6.79
N LYS A 15 -2.56 6.77 7.31
CA LYS A 15 -1.71 5.58 7.18
C LYS A 15 -2.40 4.35 7.76
N ARG A 16 -3.14 4.56 8.86
CA ARG A 16 -3.94 3.50 9.44
C ARG A 16 -5.03 3.05 8.48
N GLN A 17 -5.82 4.00 8.00
CA GLN A 17 -6.89 3.71 7.07
C GLN A 17 -6.33 3.05 5.81
N LEU A 18 -5.17 3.50 5.41
CA LEU A 18 -4.42 2.94 4.29
C LEU A 18 -4.12 1.48 4.53
N SER A 19 -3.56 1.18 5.68
CA SER A 19 -3.19 -0.19 6.01
C SER A 19 -4.45 -1.08 6.05
N LEU A 20 -5.59 -0.43 6.25
CA LEU A 20 -6.87 -1.12 6.32
C LEU A 20 -7.49 -1.27 4.93
N ASP A 21 -7.26 -0.28 4.06
CA ASP A 21 -7.73 -0.33 2.68
C ASP A 21 -6.85 -1.27 1.84
N ILE A 22 -5.58 -1.33 2.16
CA ILE A 22 -4.69 -2.34 1.60
C ILE A 22 -5.15 -3.73 2.03
N ASN A 23 -5.62 -3.82 3.26
CA ASN A 23 -6.11 -5.06 3.81
C ASN A 23 -7.40 -5.50 3.10
N LYS A 24 -8.04 -4.56 2.41
CA LYS A 24 -9.26 -4.82 1.68
C LYS A 24 -8.97 -5.41 0.30
N LEU A 25 -7.75 -5.22 -0.18
CA LEU A 25 -7.36 -5.69 -1.50
C LEU A 25 -7.17 -7.20 -1.53
N PRO A 26 -7.66 -7.86 -2.60
CA PRO A 26 -7.39 -9.27 -2.84
C PRO A 26 -5.92 -9.51 -3.18
N GLY A 27 -5.45 -10.72 -2.91
CA GLY A 27 -4.03 -11.04 -3.02
C GLY A 27 -3.36 -10.56 -4.28
N GLU A 28 -3.96 -10.82 -5.43
CA GLU A 28 -3.34 -10.48 -6.71
C GLU A 28 -3.32 -8.97 -6.94
N LYS A 29 -4.35 -8.31 -6.47
CA LYS A 29 -4.42 -6.84 -6.57
C LYS A 29 -3.46 -6.20 -5.58
N LEU A 30 -3.20 -6.91 -4.51
CA LEU A 30 -2.31 -6.40 -3.48
C LEU A 30 -0.85 -6.63 -3.86
N GLY A 31 -0.63 -7.45 -4.87
CA GLY A 31 0.71 -7.57 -5.42
C GLY A 31 1.14 -6.26 -6.06
N ARG A 32 0.18 -5.41 -6.36
CA ARG A 32 0.49 -4.08 -6.88
C ARG A 32 1.04 -3.18 -5.79
N VAL A 33 0.47 -3.23 -4.58
CA VAL A 33 0.99 -2.41 -3.50
C VAL A 33 2.43 -2.78 -3.20
N VAL A 34 2.68 -4.07 -3.07
CA VAL A 34 4.05 -4.60 -2.98
C VAL A 34 4.90 -4.03 -4.13
N HIS A 35 4.32 -3.98 -5.32
CA HIS A 35 5.02 -3.53 -6.51
C HIS A 35 5.33 -2.04 -6.44
N ILE A 36 4.32 -1.25 -6.09
CA ILE A 36 4.47 0.18 -5.92
C ILE A 36 5.47 0.47 -4.81
N ILE A 37 5.32 -0.25 -3.72
CA ILE A 37 6.19 -0.13 -2.58
C ILE A 37 7.63 -0.50 -2.94
N GLN A 38 7.88 -1.73 -3.35
CA GLN A 38 9.23 -2.18 -3.72
C GLN A 38 9.90 -1.27 -4.76
N SER A 39 9.11 -0.70 -5.66
CA SER A 39 9.65 0.17 -6.71
C SER A 39 9.97 1.56 -6.17
N ARG A 40 9.02 2.14 -5.44
CA ARG A 40 9.19 3.46 -4.87
C ARG A 40 10.10 3.40 -3.64
N GLU A 41 10.17 2.23 -3.05
CA GLU A 41 11.06 1.97 -1.94
C GLU A 41 12.11 0.94 -2.36
N PRO A 42 13.11 1.33 -3.16
CA PRO A 42 14.08 0.38 -3.69
C PRO A 42 14.97 -0.23 -2.60
N SER A 43 14.82 0.29 -1.39
CA SER A 43 15.55 -0.22 -0.24
C SER A 43 14.96 -1.54 0.25
N LEU A 44 13.75 -1.86 -0.23
CA LEU A 44 13.11 -3.11 0.12
C LEU A 44 12.81 -3.94 -1.13
N LYS A 45 13.57 -3.70 -2.19
CA LYS A 45 13.40 -4.45 -3.44
C LYS A 45 13.95 -5.87 -3.28
N ASN A 46 14.72 -6.10 -2.23
CA ASN A 46 15.24 -7.42 -1.93
C ASN A 46 14.12 -8.31 -1.38
N SER A 47 13.05 -7.67 -0.95
CA SER A 47 11.89 -8.37 -0.42
C SER A 47 11.12 -9.08 -1.54
N ASN A 48 10.55 -10.23 -1.21
CA ASN A 48 9.77 -11.00 -2.17
C ASN A 48 8.42 -10.35 -2.37
N PRO A 49 7.99 -10.22 -3.64
CA PRO A 49 6.73 -9.56 -3.98
C PRO A 49 5.51 -10.27 -3.40
N ASP A 50 5.68 -11.52 -3.01
CA ASP A 50 4.59 -12.29 -2.45
C ASP A 50 4.74 -12.46 -0.94
N GLU A 51 5.71 -11.76 -0.36
CA GLU A 51 5.95 -11.80 1.06
C GLU A 51 6.29 -10.41 1.57
N ILE A 52 5.78 -9.41 0.88
CA ILE A 52 6.13 -8.03 1.17
C ILE A 52 5.64 -7.61 2.55
N GLU A 53 6.34 -6.67 3.11
CA GLU A 53 6.00 -6.13 4.41
C GLU A 53 5.84 -4.62 4.26
N ILE A 54 4.60 -4.18 4.09
CA ILE A 54 4.29 -2.79 3.87
C ILE A 54 4.50 -1.99 5.16
N ASP A 55 5.59 -1.24 5.22
CA ASP A 55 5.89 -0.43 6.39
C ASP A 55 5.54 1.02 6.12
N PHE A 56 4.43 1.46 6.67
CA PHE A 56 3.84 2.74 6.33
C PHE A 56 4.62 3.93 6.90
N GLU A 57 5.61 3.63 7.73
CA GLU A 57 6.47 4.67 8.29
C GLU A 57 7.62 4.99 7.34
N THR A 58 8.14 3.96 6.69
CA THR A 58 9.24 4.13 5.77
C THR A 58 8.74 4.46 4.38
N LEU A 59 7.53 3.99 4.06
CA LEU A 59 6.88 4.32 2.79
C LEU A 59 6.76 5.82 2.65
N LYS A 60 7.34 6.35 1.60
CA LYS A 60 7.31 7.77 1.34
C LYS A 60 5.89 8.24 1.05
N PRO A 61 5.53 9.48 1.40
CA PRO A 61 4.21 10.04 1.12
C PRO A 61 3.76 9.73 -0.30
N SER A 62 4.70 9.80 -1.24
CA SER A 62 4.45 9.46 -2.62
C SER A 62 3.85 8.06 -2.75
N THR A 63 4.50 7.07 -2.15
CA THR A 63 4.02 5.69 -2.20
C THR A 63 2.69 5.57 -1.50
N LEU A 64 2.60 6.10 -0.29
CA LEU A 64 1.39 5.98 0.51
C LEU A 64 0.18 6.55 -0.22
N ARG A 65 0.33 7.75 -0.79
CA ARG A 65 -0.75 8.37 -1.54
C ARG A 65 -1.11 7.52 -2.76
N GLU A 66 -0.13 6.81 -3.29
CA GLU A 66 -0.36 5.90 -4.39
C GLU A 66 -1.10 4.65 -3.93
N LEU A 67 -0.54 3.96 -2.92
CA LEU A 67 -1.15 2.77 -2.33
C LEU A 67 -2.63 3.03 -2.02
N GLU A 68 -2.91 4.11 -1.30
CA GLU A 68 -4.28 4.47 -0.95
C GLU A 68 -5.12 4.69 -2.20
N ARG A 69 -4.72 5.64 -3.03
CA ARG A 69 -5.45 5.97 -4.25
C ARG A 69 -5.61 4.75 -5.15
N TYR A 70 -4.68 3.84 -5.04
CA TYR A 70 -4.72 2.62 -5.82
C TYR A 70 -5.84 1.73 -5.32
N VAL A 71 -5.87 1.48 -4.02
CA VAL A 71 -6.90 0.64 -3.45
C VAL A 71 -8.26 1.27 -3.69
N THR A 72 -8.32 2.62 -3.68
CA THR A 72 -9.59 3.30 -3.80
C THR A 72 -10.21 3.07 -5.17
N SER A 73 -9.37 2.72 -6.14
CA SER A 73 -9.84 2.39 -7.46
C SER A 73 -10.52 1.01 -7.45
N CYS A 74 -10.15 0.19 -6.47
CA CYS A 74 -10.75 -1.14 -6.30
C CYS A 74 -11.83 -1.12 -5.21
N LEU A 75 -11.69 -0.21 -4.27
CA LEU A 75 -12.55 -0.19 -3.09
C LEU A 75 -13.66 0.85 -3.19
N ARG A 76 -13.29 2.10 -3.43
CA ARG A 76 -14.24 3.19 -3.38
C ARG A 76 -15.02 3.33 -4.68
N LYS A 77 -14.30 3.33 -5.79
CA LYS A 77 -14.93 3.41 -7.10
C LYS A 77 -14.99 2.02 -7.71
N LYS A 78 -16.05 1.29 -7.39
CA LYS A 78 -16.19 -0.08 -7.84
C LYS A 78 -17.63 -0.56 -7.71
N ARG A 79 -18.01 -1.50 -8.55
CA ARG A 79 -19.34 -2.09 -8.51
C ARG A 79 -19.23 -3.61 -8.55
N LYS A 80 -18.44 -4.16 -7.62
CA LYS A 80 -18.09 -5.57 -7.57
C LYS A 80 -17.02 -5.89 -8.62
N PRO A 81 -15.81 -6.26 -8.16
CA PRO A 81 -14.67 -6.52 -9.04
C PRO A 81 -14.79 -7.86 -9.76
N GLN A 82 -14.44 -7.87 -11.03
CA GLN A 82 -14.46 -9.08 -11.83
C GLN A 82 -13.41 -8.99 -12.93
N ALA A 83 -12.65 -10.06 -13.11
CA ALA A 83 -11.60 -10.09 -14.11
C ALA A 83 -11.47 -11.48 -14.70
N VAL B 1 1.83 5.72 15.41
CA VAL B 1 2.33 4.38 15.01
C VAL B 1 1.25 3.61 14.27
N VAL B 2 1.65 2.90 13.23
CA VAL B 2 0.72 2.12 12.43
C VAL B 2 1.22 0.70 12.28
N PRO B 3 0.40 -0.29 12.69
CA PRO B 3 0.71 -1.71 12.51
C PRO B 3 1.18 -2.03 11.10
N LYS B 4 2.48 -2.22 10.96
CA LYS B 4 3.08 -2.56 9.68
C LYS B 4 2.50 -3.86 9.13
N LYS B 5 2.24 -3.88 7.84
CA LYS B 5 1.46 -4.94 7.20
C LYS B 5 2.32 -6.09 6.71
N LYS B 6 2.29 -7.21 7.42
CA LYS B 6 2.94 -8.44 6.98
C LYS B 6 2.07 -9.10 5.93
N ILE B 7 2.46 -8.97 4.67
CA ILE B 7 1.67 -9.47 3.56
C ILE B 7 2.13 -10.86 3.14
N LYS B 8 1.18 -11.75 2.88
CA LYS B 8 1.48 -13.09 2.43
C LYS B 8 0.53 -13.50 1.30
N LYS B 9 -0.69 -13.89 1.67
CA LYS B 9 -1.68 -14.30 0.69
C LYS B 9 -3.07 -13.80 1.08
N GLU B 10 -3.71 -14.49 2.01
CA GLU B 10 -5.08 -14.20 2.39
C GLU B 10 -5.15 -13.12 3.46
N GLN B 11 -4.73 -11.91 3.11
CA GLN B 11 -4.82 -10.79 4.02
C GLN B 11 -6.24 -10.24 4.02
N VAL B 12 -6.87 -10.30 2.85
CA VAL B 12 -8.25 -9.86 2.69
C VAL B 12 -9.19 -10.89 3.33
N GLU B 13 -10.38 -10.44 3.74
CA GLU B 13 -11.37 -11.33 4.31
C GLU B 13 -12.29 -11.87 3.22
N SER A 1 12.31 20.51 -5.86
CA SER A 1 11.70 20.60 -4.52
C SER A 1 10.24 20.17 -4.58
N GLU A 2 9.82 19.73 -5.76
CA GLU A 2 8.43 19.47 -6.00
C GLU A 2 8.00 18.10 -5.50
N GLU A 3 8.95 17.20 -5.34
CA GLU A 3 8.63 15.85 -4.86
C GLU A 3 8.12 15.89 -3.43
N GLU A 4 8.36 17.00 -2.76
CA GLU A 4 7.93 17.19 -1.38
C GLU A 4 6.54 17.84 -1.31
N ASP A 5 6.21 18.63 -2.33
CA ASP A 5 4.95 19.37 -2.33
C ASP A 5 3.89 18.69 -3.21
N LYS A 6 4.36 18.04 -4.27
CA LYS A 6 3.47 17.31 -5.18
C LYS A 6 2.71 16.23 -4.43
N CYS A 7 3.42 15.55 -3.54
CA CYS A 7 2.83 14.48 -2.76
C CYS A 7 2.49 14.97 -1.36
N LYS A 8 1.21 14.92 -1.02
CA LYS A 8 0.74 15.39 0.28
C LYS A 8 1.06 14.38 1.37
N PRO A 9 1.50 14.88 2.53
CA PRO A 9 1.92 14.05 3.65
C PRO A 9 0.76 13.26 4.24
N MET A 10 0.99 11.99 4.52
CA MET A 10 -0.07 11.12 5.03
C MET A 10 0.03 11.02 6.56
N SER A 11 -1.05 11.35 7.24
CA SER A 11 -1.06 11.38 8.71
C SER A 11 -1.26 9.97 9.30
N TYR A 12 -1.20 9.86 10.63
CA TYR A 12 -1.35 8.57 11.32
C TYR A 12 -2.68 7.91 10.96
N GLU A 13 -3.76 8.66 11.10
CA GLU A 13 -5.10 8.15 10.89
C GLU A 13 -5.25 7.65 9.46
N GLU A 14 -4.55 8.30 8.57
CA GLU A 14 -4.61 7.98 7.17
C GLU A 14 -3.78 6.74 6.86
N LYS A 15 -2.54 6.71 7.34
CA LYS A 15 -1.68 5.53 7.20
C LYS A 15 -2.37 4.29 7.77
N ARG A 16 -3.05 4.48 8.89
CA ARG A 16 -3.84 3.42 9.51
C ARG A 16 -4.94 2.97 8.55
N GLN A 17 -5.69 3.92 8.05
CA GLN A 17 -6.80 3.65 7.17
C GLN A 17 -6.30 2.98 5.90
N LEU A 18 -5.17 3.47 5.44
CA LEU A 18 -4.45 2.93 4.30
C LEU A 18 -4.12 1.45 4.54
N SER A 19 -3.54 1.15 5.68
CA SER A 19 -3.18 -0.22 6.00
C SER A 19 -4.43 -1.10 6.04
N LEU A 20 -5.56 -0.46 6.26
CA LEU A 20 -6.85 -1.15 6.33
C LEU A 20 -7.49 -1.27 4.95
N ASP A 21 -7.24 -0.29 4.08
CA ASP A 21 -7.72 -0.33 2.69
C ASP A 21 -6.84 -1.25 1.84
N ILE A 22 -5.55 -1.30 2.15
CA ILE A 22 -4.68 -2.31 1.58
C ILE A 22 -5.12 -3.70 2.01
N ASN A 23 -5.60 -3.79 3.26
CA ASN A 23 -6.09 -5.04 3.81
C ASN A 23 -7.38 -5.48 3.08
N LYS A 24 -8.01 -4.53 2.41
CA LYS A 24 -9.24 -4.80 1.66
C LYS A 24 -8.93 -5.39 0.29
N LEU A 25 -7.72 -5.18 -0.19
CA LEU A 25 -7.33 -5.66 -1.51
C LEU A 25 -7.17 -7.17 -1.54
N PRO A 26 -7.67 -7.81 -2.61
CA PRO A 26 -7.46 -9.25 -2.82
C PRO A 26 -6.02 -9.57 -3.20
N GLY A 27 -5.62 -10.83 -3.01
CA GLY A 27 -4.23 -11.22 -3.18
C GLY A 27 -3.58 -10.73 -4.47
N GLU A 28 -4.29 -10.86 -5.57
CA GLU A 28 -3.74 -10.46 -6.87
C GLU A 28 -3.59 -8.95 -6.98
N LYS A 29 -4.57 -8.20 -6.48
CA LYS A 29 -4.54 -6.75 -6.57
C LYS A 29 -3.55 -6.15 -5.58
N LEU A 30 -3.31 -6.87 -4.49
CA LEU A 30 -2.42 -6.37 -3.47
C LEU A 30 -0.96 -6.62 -3.85
N GLY A 31 -0.75 -7.43 -4.88
CA GLY A 31 0.58 -7.57 -5.44
C GLY A 31 1.03 -6.28 -6.10
N ARG A 32 0.08 -5.41 -6.41
CA ARG A 32 0.41 -4.08 -6.92
C ARG A 32 1.02 -3.21 -5.84
N VAL A 33 0.44 -3.20 -4.66
CA VAL A 33 0.97 -2.38 -3.57
C VAL A 33 2.40 -2.78 -3.26
N VAL A 34 2.64 -4.08 -3.13
CA VAL A 34 3.99 -4.62 -3.02
C VAL A 34 4.88 -4.05 -4.14
N HIS A 35 4.34 -3.97 -5.35
CA HIS A 35 5.10 -3.51 -6.50
C HIS A 35 5.39 -2.02 -6.40
N ILE A 36 4.35 -1.26 -6.13
CA ILE A 36 4.49 0.18 -5.94
C ILE A 36 5.51 0.45 -4.85
N ILE A 37 5.32 -0.21 -3.74
CA ILE A 37 6.19 -0.10 -2.59
C ILE A 37 7.63 -0.50 -2.94
N GLN A 38 7.85 -1.74 -3.37
CA GLN A 38 9.19 -2.20 -3.75
C GLN A 38 9.88 -1.25 -4.73
N SER A 39 9.12 -0.68 -5.66
CA SER A 39 9.70 0.20 -6.67
C SER A 39 10.00 1.58 -6.13
N ARG A 40 9.09 2.11 -5.31
CA ARG A 40 9.24 3.44 -4.74
C ARG A 40 10.11 3.39 -3.48
N GLU A 41 10.24 2.19 -2.94
CA GLU A 41 11.10 1.92 -1.80
C GLU A 41 12.14 0.88 -2.21
N PRO A 42 13.16 1.27 -2.98
CA PRO A 42 14.15 0.32 -3.49
C PRO A 42 14.98 -0.30 -2.37
N SER A 43 14.83 0.24 -1.17
CA SER A 43 15.49 -0.31 0.01
C SER A 43 14.93 -1.69 0.36
N LEU A 44 13.69 -1.95 -0.07
CA LEU A 44 13.05 -3.23 0.22
C LEU A 44 12.84 -4.03 -1.07
N LYS A 45 13.67 -3.74 -2.07
CA LYS A 45 13.58 -4.43 -3.36
C LYS A 45 13.96 -5.91 -3.25
N ASN A 46 14.65 -6.27 -2.17
CA ASN A 46 15.04 -7.65 -1.92
C ASN A 46 13.84 -8.47 -1.43
N SER A 47 12.82 -7.77 -0.95
CA SER A 47 11.63 -8.41 -0.44
C SER A 47 10.81 -9.01 -1.57
N ASN A 48 10.40 -10.27 -1.42
CA ASN A 48 9.63 -10.95 -2.44
C ASN A 48 8.20 -10.40 -2.47
N PRO A 49 7.63 -10.30 -3.68
CA PRO A 49 6.34 -9.64 -3.91
C PRO A 49 5.17 -10.33 -3.21
N ASP A 50 5.32 -11.60 -2.87
CA ASP A 50 4.26 -12.34 -2.19
C ASP A 50 4.59 -12.45 -0.71
N GLU A 51 5.63 -11.76 -0.30
CA GLU A 51 6.07 -11.76 1.09
C GLU A 51 6.47 -10.36 1.50
N ILE A 52 5.85 -9.37 0.86
CA ILE A 52 6.21 -7.99 1.07
C ILE A 52 5.80 -7.50 2.45
N GLU A 53 6.56 -6.55 2.95
CA GLU A 53 6.30 -5.95 4.23
C GLU A 53 5.98 -4.48 4.00
N ILE A 54 4.70 -4.15 3.93
CA ILE A 54 4.30 -2.77 3.75
C ILE A 54 4.52 -2.00 5.05
N ASP A 55 5.60 -1.27 5.12
CA ASP A 55 5.94 -0.51 6.31
C ASP A 55 5.58 0.96 6.11
N PHE A 56 4.38 1.32 6.54
CA PHE A 56 3.81 2.64 6.29
C PHE A 56 4.60 3.75 6.98
N GLU A 57 5.47 3.38 7.89
CA GLU A 57 6.26 4.34 8.64
C GLU A 57 7.51 4.73 7.86
N THR A 58 7.88 3.91 6.88
CA THR A 58 9.03 4.19 6.05
C THR A 58 8.62 4.53 4.62
N LEU A 59 7.45 4.02 4.20
CA LEU A 59 6.90 4.31 2.89
C LEU A 59 6.84 5.81 2.64
N LYS A 60 7.33 6.23 1.49
CA LYS A 60 7.28 7.63 1.10
C LYS A 60 5.83 8.09 1.01
N PRO A 61 5.53 9.34 1.40
CA PRO A 61 4.20 9.93 1.23
C PRO A 61 3.65 9.70 -0.17
N SER A 62 4.55 9.72 -1.15
CA SER A 62 4.18 9.48 -2.53
C SER A 62 3.67 8.05 -2.71
N THR A 63 4.40 7.07 -2.16
CA THR A 63 3.96 5.69 -2.20
C THR A 63 2.64 5.54 -1.48
N LEU A 64 2.56 6.08 -0.26
CA LEU A 64 1.37 5.97 0.56
C LEU A 64 0.15 6.55 -0.16
N ARG A 65 0.30 7.74 -0.74
CA ARG A 65 -0.79 8.34 -1.50
C ARG A 65 -1.14 7.49 -2.70
N GLU A 66 -0.14 6.84 -3.28
CA GLU A 66 -0.36 5.93 -4.39
C GLU A 66 -1.09 4.68 -3.93
N LEU A 67 -0.55 3.99 -2.92
CA LEU A 67 -1.16 2.81 -2.34
C LEU A 67 -2.64 3.08 -2.03
N GLU A 68 -2.90 4.18 -1.33
CA GLU A 68 -4.27 4.56 -0.98
C GLU A 68 -5.13 4.78 -2.23
N ARG A 69 -4.71 5.73 -3.07
CA ARG A 69 -5.44 6.04 -4.30
C ARG A 69 -5.58 4.81 -5.19
N TYR A 70 -4.65 3.89 -5.06
CA TYR A 70 -4.69 2.68 -5.84
C TYR A 70 -5.80 1.79 -5.33
N VAL A 71 -5.83 1.54 -4.03
CA VAL A 71 -6.86 0.69 -3.47
C VAL A 71 -8.22 1.30 -3.73
N THR A 72 -8.28 2.64 -3.73
CA THR A 72 -9.56 3.32 -3.89
C THR A 72 -10.16 3.05 -5.26
N SER A 73 -9.31 2.76 -6.23
CA SER A 73 -9.77 2.41 -7.55
C SER A 73 -10.46 1.04 -7.52
N CYS A 74 -10.08 0.25 -6.51
CA CYS A 74 -10.64 -1.09 -6.32
C CYS A 74 -11.75 -1.08 -5.25
N LEU A 75 -11.63 -0.18 -4.29
CA LEU A 75 -12.50 -0.18 -3.12
C LEU A 75 -13.61 0.86 -3.24
N ARG A 76 -13.28 2.03 -3.75
CA ARG A 76 -14.24 3.12 -3.84
C ARG A 76 -14.86 3.18 -5.24
N LYS A 77 -14.04 2.90 -6.25
CA LYS A 77 -14.46 2.96 -7.63
C LYS A 77 -15.01 1.61 -8.09
N LYS A 78 -15.10 0.67 -7.17
CA LYS A 78 -15.57 -0.67 -7.49
C LYS A 78 -16.08 -1.37 -6.23
N ARG A 79 -16.98 -2.32 -6.41
CA ARG A 79 -17.54 -3.09 -5.31
C ARG A 79 -17.35 -4.58 -5.58
N LYS A 80 -16.96 -5.31 -4.54
CA LYS A 80 -16.76 -6.77 -4.64
C LYS A 80 -15.89 -7.14 -5.84
N PRO A 81 -14.58 -6.92 -5.72
CA PRO A 81 -13.63 -7.19 -6.79
C PRO A 81 -13.04 -8.60 -6.71
N GLN A 82 -13.88 -9.56 -6.35
CA GLN A 82 -13.43 -10.93 -6.19
C GLN A 82 -14.29 -11.87 -7.02
N ALA A 83 -14.38 -11.58 -8.31
CA ALA A 83 -15.15 -12.40 -9.22
C ALA A 83 -14.29 -12.79 -10.40
N VAL B 1 4.39 3.94 15.15
CA VAL B 1 2.97 4.32 15.39
C VAL B 1 2.04 3.45 14.56
N VAL B 2 2.35 3.31 13.28
CA VAL B 2 1.57 2.47 12.39
C VAL B 2 2.18 1.07 12.29
N PRO B 3 1.39 0.04 12.63
CA PRO B 3 1.83 -1.36 12.56
C PRO B 3 2.08 -1.80 11.12
N LYS B 4 3.20 -2.47 10.91
CA LYS B 4 3.57 -2.99 9.59
C LYS B 4 2.54 -4.01 9.11
N LYS B 5 2.26 -4.00 7.83
CA LYS B 5 1.28 -4.90 7.26
C LYS B 5 1.99 -6.07 6.58
N LYS B 6 2.09 -7.17 7.31
CA LYS B 6 2.75 -8.37 6.81
C LYS B 6 1.97 -8.98 5.66
N ILE B 7 2.54 -8.94 4.47
CA ILE B 7 1.87 -9.44 3.27
C ILE B 7 2.55 -10.71 2.77
N LYS B 8 2.64 -11.70 3.63
CA LYS B 8 3.16 -13.00 3.23
C LYS B 8 2.02 -13.95 2.96
N LYS B 9 1.45 -13.81 1.76
CA LYS B 9 0.26 -14.54 1.32
C LYS B 9 -1.00 -14.03 2.04
N GLU B 10 -0.86 -13.68 3.30
CA GLU B 10 -1.96 -13.16 4.09
C GLU B 10 -2.33 -11.75 3.65
N GLN B 11 -3.35 -11.65 2.81
CA GLN B 11 -3.84 -10.35 2.36
C GLN B 11 -4.49 -9.62 3.54
N VAL B 12 -5.11 -10.38 4.43
CA VAL B 12 -5.70 -9.83 5.63
C VAL B 12 -4.76 -9.98 6.82
N GLU B 13 -5.12 -9.40 7.94
CA GLU B 13 -4.34 -9.51 9.16
C GLU B 13 -4.68 -10.81 9.87
N SER A 1 11.46 15.88 -7.63
CA SER A 1 11.60 17.17 -6.91
C SER A 1 10.25 17.67 -6.46
N GLU A 2 9.45 18.16 -7.39
CA GLU A 2 8.14 18.66 -7.05
C GLU A 2 7.19 17.51 -6.75
N GLU A 3 7.50 16.35 -7.31
CA GLU A 3 6.69 15.16 -7.10
C GLU A 3 6.56 14.86 -5.61
N GLU A 4 7.65 15.11 -4.89
CA GLU A 4 7.72 14.82 -3.47
C GLU A 4 6.89 15.82 -2.65
N ASP A 5 6.77 17.05 -3.15
CA ASP A 5 6.03 18.08 -2.42
C ASP A 5 4.59 18.18 -2.92
N LYS A 6 4.38 17.77 -4.17
CA LYS A 6 3.04 17.72 -4.75
C LYS A 6 2.24 16.64 -4.04
N CYS A 7 2.91 15.55 -3.70
CA CYS A 7 2.30 14.47 -2.94
C CYS A 7 1.98 14.92 -1.53
N LYS A 8 0.71 14.83 -1.15
CA LYS A 8 0.28 15.26 0.17
C LYS A 8 0.79 14.33 1.26
N PRO A 9 1.16 14.90 2.40
CA PRO A 9 1.75 14.16 3.50
C PRO A 9 0.68 13.35 4.24
N MET A 10 0.82 12.03 4.23
CA MET A 10 -0.20 11.16 4.81
C MET A 10 -0.10 11.18 6.33
N SER A 11 -1.22 11.44 6.98
CA SER A 11 -1.24 11.55 8.43
C SER A 11 -1.36 10.17 9.10
N TYR A 12 -1.27 10.13 10.43
CA TYR A 12 -1.30 8.87 11.18
C TYR A 12 -2.63 8.13 10.96
N GLU A 13 -3.73 8.86 11.12
CA GLU A 13 -5.06 8.30 10.91
C GLU A 13 -5.21 7.75 9.49
N GLU A 14 -4.57 8.44 8.55
CA GLU A 14 -4.65 8.07 7.17
C GLU A 14 -3.82 6.83 6.87
N LYS A 15 -2.58 6.79 7.38
CA LYS A 15 -1.72 5.61 7.22
C LYS A 15 -2.41 4.37 7.79
N ARG A 16 -3.11 4.53 8.91
CA ARG A 16 -3.88 3.45 9.50
C ARG A 16 -4.98 3.01 8.55
N GLN A 17 -5.77 3.96 8.09
CA GLN A 17 -6.86 3.69 7.15
C GLN A 17 -6.31 3.05 5.89
N LEU A 18 -5.14 3.51 5.48
CA LEU A 18 -4.41 2.98 4.34
C LEU A 18 -4.10 1.51 4.55
N SER A 19 -3.52 1.19 5.69
CA SER A 19 -3.15 -0.18 6.00
C SER A 19 -4.40 -1.07 6.02
N LEU A 20 -5.53 -0.45 6.25
CA LEU A 20 -6.81 -1.15 6.32
C LEU A 20 -7.46 -1.25 4.93
N ASP A 21 -7.23 -0.25 4.08
CA ASP A 21 -7.72 -0.29 2.70
C ASP A 21 -6.86 -1.21 1.84
N ILE A 22 -5.56 -1.26 2.14
CA ILE A 22 -4.68 -2.25 1.55
C ILE A 22 -5.13 -3.64 1.97
N ASN A 23 -5.57 -3.75 3.21
CA ASN A 23 -6.07 -5.01 3.76
C ASN A 23 -7.36 -5.44 3.05
N LYS A 24 -8.02 -4.49 2.40
CA LYS A 24 -9.26 -4.75 1.68
C LYS A 24 -8.99 -5.33 0.30
N LEU A 25 -7.77 -5.14 -0.20
CA LEU A 25 -7.40 -5.62 -1.52
C LEU A 25 -7.26 -7.14 -1.55
N PRO A 26 -7.74 -7.78 -2.64
CA PRO A 26 -7.50 -9.21 -2.86
C PRO A 26 -6.04 -9.47 -3.19
N GLY A 27 -5.58 -10.70 -2.95
CA GLY A 27 -4.17 -11.02 -3.09
C GLY A 27 -3.54 -10.54 -4.39
N GLU A 28 -4.20 -10.82 -5.50
CA GLU A 28 -3.71 -10.43 -6.82
C GLU A 28 -3.57 -8.91 -6.93
N LYS A 29 -4.56 -8.18 -6.43
CA LYS A 29 -4.55 -6.72 -6.52
C LYS A 29 -3.55 -6.13 -5.54
N LEU A 30 -3.30 -6.84 -4.46
CA LEU A 30 -2.40 -6.35 -3.44
C LEU A 30 -0.95 -6.60 -3.83
N GLY A 31 -0.72 -7.43 -4.84
CA GLY A 31 0.60 -7.57 -5.40
C GLY A 31 1.06 -6.29 -6.07
N ARG A 32 0.10 -5.42 -6.38
CA ARG A 32 0.44 -4.09 -6.91
C ARG A 32 1.03 -3.21 -5.83
N VAL A 33 0.43 -3.19 -4.65
CA VAL A 33 0.96 -2.36 -3.56
C VAL A 33 2.38 -2.75 -3.25
N VAL A 34 2.62 -4.04 -3.11
CA VAL A 34 3.97 -4.58 -2.98
C VAL A 34 4.87 -4.03 -4.10
N HIS A 35 4.34 -3.97 -5.32
CA HIS A 35 5.11 -3.53 -6.47
C HIS A 35 5.37 -2.03 -6.41
N ILE A 36 4.34 -1.26 -6.11
CA ILE A 36 4.47 0.17 -5.93
C ILE A 36 5.49 0.46 -4.84
N ILE A 37 5.31 -0.23 -3.74
CA ILE A 37 6.18 -0.10 -2.59
C ILE A 37 7.61 -0.51 -2.94
N GLN A 38 7.84 -1.76 -3.33
CA GLN A 38 9.19 -2.24 -3.70
C GLN A 38 9.88 -1.33 -4.71
N SER A 39 9.11 -0.77 -5.65
CA SER A 39 9.69 0.06 -6.69
C SER A 39 10.01 1.47 -6.17
N ARG A 40 9.07 2.04 -5.42
CA ARG A 40 9.25 3.37 -4.87
C ARG A 40 10.13 3.33 -3.63
N GLU A 41 10.26 2.14 -3.08
CA GLU A 41 11.12 1.88 -1.93
C GLU A 41 12.15 0.82 -2.32
N PRO A 42 13.16 1.17 -3.12
CA PRO A 42 14.11 0.18 -3.62
C PRO A 42 14.97 -0.41 -2.50
N SER A 43 14.82 0.13 -1.30
CA SER A 43 15.51 -0.39 -0.13
C SER A 43 14.92 -1.74 0.28
N LEU A 44 13.65 -1.96 -0.06
CA LEU A 44 12.98 -3.20 0.28
C LEU A 44 12.73 -4.05 -0.97
N LYS A 45 13.49 -3.76 -2.03
CA LYS A 45 13.42 -4.57 -3.27
C LYS A 45 13.83 -6.02 -2.99
N ASN A 46 14.53 -6.23 -1.87
CA ASN A 46 14.97 -7.57 -1.47
C ASN A 46 13.80 -8.41 -0.99
N SER A 47 12.68 -7.75 -0.72
CA SER A 47 11.50 -8.42 -0.22
C SER A 47 10.69 -9.03 -1.37
N ASN A 48 10.16 -10.23 -1.15
CA ASN A 48 9.37 -10.93 -2.16
C ASN A 48 7.97 -10.32 -2.25
N PRO A 49 7.40 -10.31 -3.46
CA PRO A 49 6.12 -9.62 -3.74
C PRO A 49 4.93 -10.21 -2.99
N ASP A 50 4.95 -11.51 -2.72
CA ASP A 50 3.84 -12.16 -2.04
C ASP A 50 4.09 -12.24 -0.56
N GLU A 51 5.23 -11.70 -0.16
CA GLU A 51 5.67 -11.75 1.21
C GLU A 51 6.14 -10.37 1.64
N ILE A 52 5.56 -9.35 1.02
CA ILE A 52 6.02 -7.99 1.22
C ILE A 52 5.65 -7.46 2.59
N GLU A 53 6.46 -6.54 3.06
CA GLU A 53 6.23 -5.86 4.32
C GLU A 53 5.94 -4.39 4.06
N ILE A 54 4.68 -4.03 4.04
CA ILE A 54 4.31 -2.66 3.83
C ILE A 54 4.51 -1.87 5.13
N ASP A 55 5.58 -1.10 5.19
CA ASP A 55 5.87 -0.30 6.37
C ASP A 55 5.55 1.16 6.09
N PHE A 56 4.40 1.59 6.58
CA PHE A 56 3.84 2.88 6.23
C PHE A 56 4.63 4.03 6.84
N GLU A 57 5.53 3.71 7.75
CA GLU A 57 6.37 4.71 8.38
C GLU A 57 7.58 5.04 7.53
N THR A 58 8.03 4.09 6.75
CA THR A 58 9.17 4.30 5.87
C THR A 58 8.72 4.58 4.43
N LEU A 59 7.52 4.11 4.08
CA LEU A 59 6.94 4.39 2.78
C LEU A 59 6.85 5.90 2.55
N LYS A 60 7.36 6.35 1.42
CA LYS A 60 7.28 7.76 1.05
C LYS A 60 5.82 8.19 0.95
N PRO A 61 5.49 9.43 1.37
CA PRO A 61 4.15 9.98 1.20
C PRO A 61 3.60 9.73 -0.20
N SER A 62 4.51 9.81 -1.17
CA SER A 62 4.17 9.56 -2.56
C SER A 62 3.66 8.12 -2.75
N THR A 63 4.38 7.14 -2.20
CA THR A 63 3.96 5.76 -2.28
C THR A 63 2.65 5.59 -1.55
N LEU A 64 2.57 6.12 -0.34
CA LEU A 64 1.39 5.99 0.50
C LEU A 64 0.15 6.52 -0.21
N ARG A 65 0.25 7.70 -0.79
CA ARG A 65 -0.88 8.27 -1.54
C ARG A 65 -1.20 7.41 -2.75
N GLU A 66 -0.17 6.81 -3.35
CA GLU A 66 -0.37 5.91 -4.46
C GLU A 66 -1.09 4.65 -3.99
N LEU A 67 -0.55 3.99 -2.95
CA LEU A 67 -1.18 2.82 -2.34
C LEU A 67 -2.65 3.10 -2.03
N GLU A 68 -2.89 4.18 -1.30
CA GLU A 68 -4.26 4.59 -0.93
C GLU A 68 -5.13 4.80 -2.18
N ARG A 69 -4.70 5.70 -3.05
CA ARG A 69 -5.44 6.02 -4.26
C ARG A 69 -5.60 4.81 -5.16
N TYR A 70 -4.66 3.89 -5.05
CA TYR A 70 -4.71 2.67 -5.83
C TYR A 70 -5.82 1.78 -5.33
N VAL A 71 -5.86 1.55 -4.02
CA VAL A 71 -6.88 0.70 -3.46
C VAL A 71 -8.24 1.32 -3.72
N THR A 72 -8.30 2.65 -3.74
CA THR A 72 -9.58 3.33 -3.89
C THR A 72 -10.18 3.04 -5.26
N SER A 73 -9.33 2.73 -6.22
CA SER A 73 -9.79 2.36 -7.54
C SER A 73 -10.47 0.99 -7.50
N CYS A 74 -10.11 0.20 -6.49
CA CYS A 74 -10.71 -1.13 -6.29
C CYS A 74 -11.78 -1.11 -5.19
N LEU A 75 -11.66 -0.17 -4.26
CA LEU A 75 -12.51 -0.14 -3.08
C LEU A 75 -13.62 0.88 -3.21
N ARG A 76 -13.26 2.11 -3.56
CA ARG A 76 -14.22 3.20 -3.70
C ARG A 76 -14.88 3.14 -5.07
N LYS A 77 -14.31 2.31 -5.93
CA LYS A 77 -14.85 2.09 -7.25
C LYS A 77 -15.01 0.58 -7.45
N LYS A 78 -16.23 0.15 -7.77
CA LYS A 78 -16.56 -1.27 -7.94
C LYS A 78 -16.64 -1.96 -6.60
N ARG A 79 -17.41 -3.04 -6.53
CA ARG A 79 -17.42 -3.90 -5.36
C ARG A 79 -17.25 -5.36 -5.78
N LYS A 80 -16.40 -6.08 -5.05
CA LYS A 80 -16.06 -7.46 -5.40
C LYS A 80 -15.48 -7.54 -6.81
N PRO A 81 -14.18 -7.22 -6.96
CA PRO A 81 -13.52 -7.20 -8.27
C PRO A 81 -13.29 -8.61 -8.82
N GLN A 82 -14.33 -9.16 -9.43
CA GLN A 82 -14.26 -10.47 -10.04
C GLN A 82 -13.48 -10.39 -11.33
N ALA A 83 -13.89 -9.49 -12.21
CA ALA A 83 -13.22 -9.28 -13.47
C ALA A 83 -12.42 -7.99 -13.44
N VAL B 1 1.13 5.36 16.33
CA VAL B 1 1.86 4.15 15.91
C VAL B 1 1.05 3.35 14.89
N VAL B 2 1.71 2.95 13.82
CA VAL B 2 1.09 2.13 12.78
C VAL B 2 1.77 0.77 12.73
N PRO B 3 1.00 -0.32 12.91
CA PRO B 3 1.54 -1.68 12.89
C PRO B 3 2.16 -2.04 11.54
N LYS B 4 3.13 -2.94 11.56
CA LYS B 4 3.79 -3.37 10.34
C LYS B 4 2.91 -4.38 9.62
N LYS B 5 2.52 -4.05 8.40
CA LYS B 5 1.58 -4.87 7.66
C LYS B 5 2.29 -6.05 6.98
N LYS B 6 2.28 -7.18 7.67
CA LYS B 6 2.89 -8.41 7.17
C LYS B 6 2.02 -9.04 6.09
N ILE B 7 2.30 -8.71 4.85
CA ILE B 7 1.49 -9.17 3.73
C ILE B 7 1.81 -10.62 3.38
N LYS B 8 0.77 -11.43 3.25
CA LYS B 8 0.93 -12.81 2.84
C LYS B 8 -0.16 -13.16 1.83
N LYS B 9 -0.06 -14.34 1.22
CA LYS B 9 -0.99 -14.75 0.17
C LYS B 9 -2.44 -14.73 0.64
N GLU B 10 -3.31 -14.19 -0.21
CA GLU B 10 -4.76 -14.11 0.04
C GLU B 10 -5.11 -13.15 1.18
N GLN B 11 -4.10 -12.52 1.77
CA GLN B 11 -4.29 -11.57 2.87
C GLN B 11 -5.05 -12.21 4.03
N VAL B 12 -4.80 -13.49 4.25
CA VAL B 12 -5.48 -14.23 5.31
C VAL B 12 -4.92 -13.87 6.68
N GLU B 13 -3.61 -13.81 6.80
CA GLU B 13 -2.96 -13.47 8.05
C GLU B 13 -2.24 -12.13 7.90
N SER A 1 10.56 20.75 -10.72
CA SER A 1 11.11 20.27 -9.44
C SER A 1 10.01 20.14 -8.39
N GLU A 2 8.77 20.45 -8.77
CA GLU A 2 7.67 20.45 -7.83
C GLU A 2 7.15 19.04 -7.59
N GLU A 3 7.71 18.07 -8.31
CA GLU A 3 7.33 16.67 -8.14
C GLU A 3 7.60 16.21 -6.71
N GLU A 4 8.62 16.80 -6.08
CA GLU A 4 8.96 16.47 -4.71
C GLU A 4 7.86 16.94 -3.76
N ASP A 5 7.22 18.06 -4.10
CA ASP A 5 6.18 18.63 -3.24
C ASP A 5 4.80 18.27 -3.79
N LYS A 6 4.77 17.41 -4.78
CA LYS A 6 3.54 17.00 -5.42
C LYS A 6 2.79 16.01 -4.52
N CYS A 7 3.54 15.24 -3.77
CA CYS A 7 2.97 14.24 -2.89
C CYS A 7 2.66 14.86 -1.52
N LYS A 8 1.44 14.66 -1.06
CA LYS A 8 1.00 15.24 0.21
C LYS A 8 1.25 14.28 1.37
N PRO A 9 1.71 14.84 2.50
CA PRO A 9 2.08 14.07 3.68
C PRO A 9 0.90 13.28 4.26
N MET A 10 1.13 12.00 4.53
CA MET A 10 0.08 11.15 5.07
C MET A 10 0.21 11.07 6.58
N SER A 11 -0.89 11.33 7.29
CA SER A 11 -0.87 11.35 8.75
C SER A 11 -1.06 9.95 9.34
N TYR A 12 -1.01 9.82 10.67
CA TYR A 12 -1.10 8.53 11.33
C TYR A 12 -2.49 7.92 11.14
N GLU A 13 -3.52 8.73 11.32
CA GLU A 13 -4.91 8.31 11.09
C GLU A 13 -5.08 7.78 9.67
N GLU A 14 -4.37 8.42 8.74
CA GLU A 14 -4.47 8.09 7.33
C GLU A 14 -3.71 6.82 7.01
N LYS A 15 -2.47 6.72 7.47
CA LYS A 15 -1.65 5.52 7.29
C LYS A 15 -2.38 4.30 7.85
N ARG A 16 -3.10 4.50 8.95
CA ARG A 16 -3.92 3.45 9.52
C ARG A 16 -5.02 3.03 8.56
N GLN A 17 -5.79 4.01 8.09
CA GLN A 17 -6.86 3.76 7.13
C GLN A 17 -6.29 3.08 5.89
N LEU A 18 -5.11 3.51 5.50
CA LEU A 18 -4.39 2.97 4.36
C LEU A 18 -4.07 1.49 4.58
N SER A 19 -3.54 1.17 5.74
CA SER A 19 -3.19 -0.20 6.06
C SER A 19 -4.45 -1.08 6.08
N LEU A 20 -5.59 -0.42 6.27
CA LEU A 20 -6.87 -1.09 6.34
C LEU A 20 -7.50 -1.22 4.96
N ASP A 21 -7.21 -0.27 4.08
CA ASP A 21 -7.69 -0.33 2.70
C ASP A 21 -6.82 -1.23 1.85
N ILE A 22 -5.53 -1.29 2.18
CA ILE A 22 -4.63 -2.28 1.60
C ILE A 22 -5.06 -3.68 2.03
N ASN A 23 -5.51 -3.78 3.27
CA ASN A 23 -5.96 -5.03 3.83
C ASN A 23 -7.24 -5.50 3.14
N LYS A 24 -7.90 -4.57 2.46
CA LYS A 24 -9.12 -4.87 1.73
C LYS A 24 -8.83 -5.46 0.36
N LEU A 25 -7.64 -5.19 -0.15
CA LEU A 25 -7.25 -5.65 -1.48
C LEU A 25 -7.11 -7.16 -1.55
N PRO A 26 -7.65 -7.78 -2.62
CA PRO A 26 -7.45 -9.21 -2.90
C PRO A 26 -6.02 -9.50 -3.33
N GLY A 27 -5.62 -10.77 -3.22
CA GLY A 27 -4.24 -11.17 -3.48
C GLY A 27 -3.64 -10.59 -4.75
N GLU A 28 -4.32 -10.79 -5.88
CA GLU A 28 -3.85 -10.32 -7.16
C GLU A 28 -3.70 -8.78 -7.17
N LYS A 29 -4.66 -8.08 -6.60
CA LYS A 29 -4.65 -6.62 -6.61
C LYS A 29 -3.62 -6.09 -5.61
N LEU A 30 -3.36 -6.86 -4.57
CA LEU A 30 -2.45 -6.41 -3.52
C LEU A 30 -1.00 -6.66 -3.90
N GLY A 31 -0.78 -7.47 -4.93
CA GLY A 31 0.56 -7.62 -5.46
C GLY A 31 1.04 -6.33 -6.11
N ARG A 32 0.10 -5.45 -6.43
CA ARG A 32 0.46 -4.13 -6.95
C ARG A 32 1.02 -3.24 -5.85
N VAL A 33 0.42 -3.25 -4.68
CA VAL A 33 0.93 -2.42 -3.58
C VAL A 33 2.35 -2.81 -3.26
N VAL A 34 2.59 -4.12 -3.13
CA VAL A 34 3.96 -4.64 -2.99
C VAL A 34 4.85 -4.08 -4.11
N HIS A 35 4.32 -4.01 -5.32
CA HIS A 35 5.09 -3.55 -6.47
C HIS A 35 5.35 -2.06 -6.40
N ILE A 36 4.32 -1.28 -6.09
CA ILE A 36 4.45 0.16 -5.91
C ILE A 36 5.45 0.44 -4.80
N ILE A 37 5.28 -0.28 -3.71
CA ILE A 37 6.14 -0.16 -2.56
C ILE A 37 7.59 -0.53 -2.91
N GLN A 38 7.82 -1.78 -3.30
CA GLN A 38 9.17 -2.22 -3.67
C GLN A 38 9.85 -1.28 -4.68
N SER A 39 9.08 -0.77 -5.64
CA SER A 39 9.63 0.08 -6.70
C SER A 39 9.94 1.48 -6.18
N ARG A 40 9.01 2.04 -5.41
CA ARG A 40 9.18 3.38 -4.85
C ARG A 40 10.06 3.33 -3.60
N GLU A 41 10.22 2.14 -3.07
CA GLU A 41 11.08 1.90 -1.92
C GLU A 41 12.13 0.86 -2.27
N PRO A 42 13.17 1.23 -3.02
CA PRO A 42 14.17 0.26 -3.48
C PRO A 42 14.99 -0.30 -2.32
N SER A 43 14.78 0.27 -1.13
CA SER A 43 15.44 -0.21 0.07
C SER A 43 14.83 -1.54 0.54
N LEU A 44 13.64 -1.86 0.05
CA LEU A 44 12.99 -3.11 0.39
C LEU A 44 12.80 -3.99 -0.86
N LYS A 45 13.63 -3.75 -1.87
CA LYS A 45 13.54 -4.47 -3.13
C LYS A 45 13.86 -5.95 -2.98
N ASN A 46 14.58 -6.31 -1.90
CA ASN A 46 14.96 -7.69 -1.66
C ASN A 46 13.77 -8.49 -1.12
N SER A 47 12.78 -7.77 -0.62
CA SER A 47 11.57 -8.40 -0.11
C SER A 47 10.77 -9.02 -1.25
N ASN A 48 10.28 -10.24 -1.04
CA ASN A 48 9.57 -10.96 -2.09
C ASN A 48 8.21 -10.35 -2.32
N PRO A 49 7.83 -10.16 -3.59
CA PRO A 49 6.53 -9.56 -3.95
C PRO A 49 5.33 -10.37 -3.45
N ASP A 50 5.59 -11.62 -3.09
CA ASP A 50 4.54 -12.48 -2.56
C ASP A 50 4.54 -12.48 -1.04
N GLU A 51 5.54 -11.83 -0.45
CA GLU A 51 5.75 -11.88 0.98
C GLU A 51 6.13 -10.51 1.51
N ILE A 52 5.64 -9.48 0.84
CA ILE A 52 6.02 -8.11 1.14
C ILE A 52 5.57 -7.67 2.52
N GLU A 53 6.34 -6.76 3.08
CA GLU A 53 6.03 -6.15 4.35
C GLU A 53 5.83 -4.67 4.14
N ILE A 54 4.58 -4.25 4.03
CA ILE A 54 4.25 -2.86 3.83
C ILE A 54 4.49 -2.08 5.12
N ASP A 55 5.59 -1.35 5.16
CA ASP A 55 5.92 -0.56 6.33
C ASP A 55 5.53 0.89 6.10
N PHE A 56 4.38 1.27 6.62
CA PHE A 56 3.80 2.58 6.35
C PHE A 56 4.57 3.72 7.00
N GLU A 57 5.53 3.38 7.84
CA GLU A 57 6.32 4.39 8.53
C GLU A 57 7.54 4.76 7.70
N THR A 58 8.00 3.83 6.87
CA THR A 58 9.12 4.07 6.00
C THR A 58 8.66 4.41 4.57
N LEU A 59 7.49 3.91 4.20
CA LEU A 59 6.90 4.24 2.90
C LEU A 59 6.80 5.74 2.73
N LYS A 60 7.34 6.23 1.63
CA LYS A 60 7.30 7.65 1.34
C LYS A 60 5.87 8.12 1.15
N PRO A 61 5.56 9.38 1.50
CA PRO A 61 4.26 9.97 1.25
C PRO A 61 3.79 9.69 -0.19
N SER A 62 4.75 9.70 -1.10
CA SER A 62 4.52 9.39 -2.50
C SER A 62 3.86 8.01 -2.65
N THR A 63 4.51 7.00 -2.08
CA THR A 63 4.01 5.63 -2.16
C THR A 63 2.68 5.52 -1.45
N LEU A 64 2.60 6.05 -0.23
CA LEU A 64 1.40 5.96 0.57
C LEU A 64 0.20 6.56 -0.16
N ARG A 65 0.38 7.76 -0.72
CA ARG A 65 -0.69 8.42 -1.45
C ARG A 65 -1.07 7.60 -2.70
N GLU A 66 -0.11 6.84 -3.22
CA GLU A 66 -0.37 5.95 -4.33
C GLU A 66 -1.13 4.73 -3.86
N LEU A 67 -0.56 3.99 -2.89
CA LEU A 67 -1.19 2.80 -2.30
C LEU A 67 -2.67 3.09 -1.98
N GLU A 68 -2.91 4.20 -1.27
CA GLU A 68 -4.27 4.62 -0.91
C GLU A 68 -5.14 4.84 -2.16
N ARG A 69 -4.72 5.75 -3.03
CA ARG A 69 -5.45 6.06 -4.25
C ARG A 69 -5.60 4.82 -5.13
N TYR A 70 -4.66 3.91 -5.02
CA TYR A 70 -4.69 2.70 -5.79
C TYR A 70 -5.78 1.78 -5.28
N VAL A 71 -5.81 1.55 -3.98
CA VAL A 71 -6.82 0.69 -3.41
C VAL A 71 -8.20 1.25 -3.69
N THR A 72 -8.30 2.59 -3.72
CA THR A 72 -9.59 3.22 -3.90
C THR A 72 -10.17 2.91 -5.26
N SER A 73 -9.30 2.64 -6.23
CA SER A 73 -9.72 2.26 -7.56
C SER A 73 -10.30 0.83 -7.52
N CYS A 74 -9.94 0.09 -6.48
CA CYS A 74 -10.42 -1.26 -6.27
C CYS A 74 -11.57 -1.29 -5.26
N LEU A 75 -11.54 -0.35 -4.32
CA LEU A 75 -12.46 -0.35 -3.19
C LEU A 75 -13.61 0.63 -3.37
N ARG A 76 -13.32 1.84 -3.85
CA ARG A 76 -14.32 2.90 -3.88
C ARG A 76 -14.98 3.04 -5.25
N LYS A 77 -14.17 3.12 -6.29
CA LYS A 77 -14.69 3.24 -7.65
C LYS A 77 -14.64 1.88 -8.32
N LYS A 78 -15.66 1.09 -8.08
CA LYS A 78 -15.71 -0.28 -8.58
C LYS A 78 -17.05 -0.92 -8.28
N ARG A 79 -17.40 -1.91 -9.08
CA ARG A 79 -18.61 -2.68 -8.87
C ARG A 79 -18.24 -4.07 -8.32
N LYS A 80 -17.67 -4.06 -7.11
CA LYS A 80 -17.13 -5.26 -6.48
C LYS A 80 -15.84 -5.71 -7.17
N PRO A 81 -14.77 -5.95 -6.39
CA PRO A 81 -13.51 -6.46 -6.94
C PRO A 81 -13.49 -7.99 -7.04
N GLN A 82 -14.36 -8.64 -6.27
CA GLN A 82 -14.37 -10.09 -6.20
C GLN A 82 -15.70 -10.65 -6.70
N ALA A 83 -15.75 -11.96 -6.81
CA ALA A 83 -16.96 -12.65 -7.24
C ALA A 83 -17.16 -13.93 -6.42
N VAL B 1 4.51 4.20 14.80
CA VAL B 1 3.12 4.36 15.32
C VAL B 1 2.19 3.37 14.65
N VAL B 2 2.25 3.31 13.33
CA VAL B 2 1.42 2.41 12.54
C VAL B 2 1.99 0.99 12.59
N PRO B 3 1.14 0.00 12.89
CA PRO B 3 1.54 -1.42 12.91
C PRO B 3 2.01 -1.89 11.55
N LYS B 4 2.94 -2.83 11.55
CA LYS B 4 3.50 -3.34 10.31
C LYS B 4 2.49 -4.27 9.63
N LYS B 5 2.24 -4.05 8.35
CA LYS B 5 1.26 -4.84 7.63
C LYS B 5 1.94 -5.99 6.89
N LYS B 6 1.78 -7.19 7.41
CA LYS B 6 2.34 -8.38 6.80
C LYS B 6 1.45 -8.84 5.64
N ILE B 7 2.08 -9.08 4.50
CA ILE B 7 1.37 -9.53 3.31
C ILE B 7 1.89 -10.89 2.89
N LYS B 8 1.21 -11.95 3.33
CA LYS B 8 1.67 -13.30 3.07
C LYS B 8 0.81 -13.96 2.00
N LYS B 9 1.31 -13.90 0.76
CA LYS B 9 0.69 -14.55 -0.38
C LYS B 9 -0.73 -14.02 -0.65
N GLU B 10 -1.72 -14.73 -0.14
CA GLU B 10 -3.12 -14.39 -0.42
C GLU B 10 -3.76 -13.65 0.73
N GLN B 11 -4.56 -12.64 0.40
CA GLN B 11 -5.31 -11.90 1.39
C GLN B 11 -6.47 -11.17 0.71
N VAL B 12 -7.59 -11.06 1.42
CA VAL B 12 -8.76 -10.36 0.91
C VAL B 12 -9.77 -10.15 2.04
N GLU B 13 -10.53 -9.06 1.96
CA GLU B 13 -11.53 -8.74 2.98
C GLU B 13 -12.80 -9.54 2.71
N SER A 1 11.33 16.54 -9.59
CA SER A 1 11.16 16.89 -8.16
C SER A 1 9.69 17.09 -7.83
N GLU A 2 8.84 16.78 -8.79
CA GLU A 2 7.43 17.09 -8.67
C GLU A 2 6.67 15.98 -7.96
N GLU A 3 7.22 14.77 -7.99
CA GLU A 3 6.59 13.65 -7.27
C GLU A 3 6.75 13.84 -5.77
N GLU A 4 7.47 14.87 -5.38
CA GLU A 4 7.63 15.21 -3.98
C GLU A 4 6.65 16.31 -3.57
N ASP A 5 6.29 17.17 -4.53
CA ASP A 5 5.41 18.31 -4.24
C ASP A 5 3.97 18.03 -4.66
N LYS A 6 3.80 17.13 -5.62
CA LYS A 6 2.47 16.72 -6.06
C LYS A 6 1.83 15.80 -5.03
N CYS A 7 2.68 15.18 -4.22
CA CYS A 7 2.23 14.23 -3.23
C CYS A 7 2.07 14.89 -1.87
N LYS A 8 0.91 14.68 -1.24
CA LYS A 8 0.61 15.28 0.06
C LYS A 8 0.92 14.30 1.18
N PRO A 9 1.38 14.84 2.32
CA PRO A 9 1.80 14.04 3.48
C PRO A 9 0.64 13.26 4.09
N MET A 10 0.90 12.01 4.45
CA MET A 10 -0.12 11.15 5.05
C MET A 10 0.04 11.11 6.57
N SER A 11 -1.05 11.33 7.30
CA SER A 11 -0.98 11.33 8.77
C SER A 11 -1.16 9.92 9.34
N TYR A 12 -1.08 9.79 10.67
CA TYR A 12 -1.13 8.48 11.32
C TYR A 12 -2.45 7.75 11.04
N GLU A 13 -3.57 8.43 11.29
CA GLU A 13 -4.88 7.84 11.08
C GLU A 13 -5.12 7.51 9.62
N GLU A 14 -4.46 8.25 8.75
CA GLU A 14 -4.54 8.01 7.34
C GLU A 14 -3.74 6.77 6.95
N LYS A 15 -2.52 6.68 7.48
CA LYS A 15 -1.70 5.47 7.28
C LYS A 15 -2.40 4.24 7.85
N ARG A 16 -3.13 4.41 8.96
CA ARG A 16 -3.92 3.32 9.52
C ARG A 16 -5.03 2.93 8.55
N GLN A 17 -5.76 3.93 8.07
CA GLN A 17 -6.84 3.71 7.11
C GLN A 17 -6.29 2.99 5.90
N LEU A 18 -5.15 3.49 5.45
CA LEU A 18 -4.42 2.95 4.32
C LEU A 18 -4.10 1.47 4.54
N SER A 19 -3.53 1.15 5.68
CA SER A 19 -3.17 -0.22 5.98
C SER A 19 -4.41 -1.11 6.04
N LEU A 20 -5.55 -0.47 6.24
CA LEU A 20 -6.82 -1.16 6.32
C LEU A 20 -7.47 -1.27 4.93
N ASP A 21 -7.24 -0.26 4.08
CA ASP A 21 -7.72 -0.28 2.70
C ASP A 21 -6.84 -1.17 1.83
N ILE A 22 -5.56 -1.25 2.17
CA ILE A 22 -4.67 -2.23 1.57
C ILE A 22 -5.09 -3.64 1.95
N ASN A 23 -5.54 -3.79 3.20
CA ASN A 23 -6.00 -5.08 3.68
C ASN A 23 -7.33 -5.45 3.02
N LYS A 24 -8.01 -4.46 2.44
CA LYS A 24 -9.25 -4.68 1.72
C LYS A 24 -8.97 -5.27 0.34
N LEU A 25 -7.76 -5.07 -0.16
CA LEU A 25 -7.38 -5.57 -1.48
C LEU A 25 -7.24 -7.09 -1.49
N PRO A 26 -7.72 -7.74 -2.57
CA PRO A 26 -7.51 -9.16 -2.77
C PRO A 26 -6.05 -9.46 -3.10
N GLY A 27 -5.61 -10.68 -2.84
CA GLY A 27 -4.19 -11.03 -2.97
C GLY A 27 -3.56 -10.57 -4.28
N GLU A 28 -4.22 -10.84 -5.38
CA GLU A 28 -3.70 -10.48 -6.70
C GLU A 28 -3.54 -8.96 -6.85
N LYS A 29 -4.53 -8.21 -6.35
CA LYS A 29 -4.50 -6.77 -6.47
C LYS A 29 -3.50 -6.16 -5.49
N LEU A 30 -3.24 -6.87 -4.41
CA LEU A 30 -2.31 -6.37 -3.40
C LEU A 30 -0.87 -6.61 -3.81
N GLY A 31 -0.65 -7.45 -4.81
CA GLY A 31 0.68 -7.58 -5.37
C GLY A 31 1.13 -6.29 -6.03
N ARG A 32 0.16 -5.43 -6.37
CA ARG A 32 0.48 -4.10 -6.88
C ARG A 32 1.12 -3.25 -5.81
N VAL A 33 0.51 -3.19 -4.62
CA VAL A 33 1.04 -2.36 -3.55
C VAL A 33 2.47 -2.75 -3.23
N VAL A 34 2.70 -4.05 -3.09
CA VAL A 34 4.06 -4.58 -2.96
C VAL A 34 4.97 -4.03 -4.07
N HIS A 35 4.44 -3.95 -5.29
CA HIS A 35 5.23 -3.49 -6.44
C HIS A 35 5.48 -1.98 -6.33
N ILE A 36 4.43 -1.22 -6.06
CA ILE A 36 4.56 0.23 -5.87
C ILE A 36 5.55 0.51 -4.76
N ILE A 37 5.42 -0.25 -3.70
CA ILE A 37 6.28 -0.13 -2.55
C ILE A 37 7.73 -0.54 -2.88
N GLN A 38 7.95 -1.79 -3.26
CA GLN A 38 9.30 -2.28 -3.61
C GLN A 38 10.03 -1.35 -4.58
N SER A 39 9.26 -0.76 -5.51
CA SER A 39 9.85 0.11 -6.53
C SER A 39 10.18 1.49 -5.95
N ARG A 40 9.23 2.07 -5.21
CA ARG A 40 9.41 3.39 -4.63
C ARG A 40 10.23 3.31 -3.34
N GLU A 41 10.38 2.11 -2.84
CA GLU A 41 11.18 1.84 -1.66
C GLU A 41 12.23 0.78 -1.98
N PRO A 42 13.32 1.16 -2.66
CA PRO A 42 14.34 0.19 -3.07
C PRO A 42 15.07 -0.42 -1.87
N SER A 43 14.81 0.13 -0.69
CA SER A 43 15.38 -0.39 0.55
C SER A 43 14.79 -1.76 0.88
N LEU A 44 13.67 -2.08 0.26
CA LEU A 44 13.00 -3.35 0.51
C LEU A 44 12.80 -4.14 -0.79
N LYS A 45 13.70 -3.90 -1.74
CA LYS A 45 13.63 -4.57 -3.04
C LYS A 45 14.00 -6.06 -2.91
N ASN A 46 14.67 -6.41 -1.81
CA ASN A 46 15.07 -7.79 -1.58
C ASN A 46 13.88 -8.60 -1.03
N SER A 47 12.78 -7.92 -0.79
CA SER A 47 11.57 -8.56 -0.29
C SER A 47 10.81 -9.23 -1.43
N ASN A 48 10.21 -10.38 -1.13
CA ASN A 48 9.44 -11.14 -2.12
C ASN A 48 8.10 -10.48 -2.34
N PRO A 49 7.65 -10.41 -3.60
CA PRO A 49 6.40 -9.74 -3.98
C PRO A 49 5.14 -10.32 -3.34
N ASP A 50 5.24 -11.54 -2.82
CA ASP A 50 4.10 -12.17 -2.15
C ASP A 50 4.33 -12.27 -0.65
N GLU A 51 5.39 -11.64 -0.17
CA GLU A 51 5.73 -11.68 1.25
C GLU A 51 6.17 -10.30 1.70
N ILE A 52 5.65 -9.29 1.03
CA ILE A 52 6.08 -7.92 1.27
C ILE A 52 5.64 -7.44 2.63
N GLU A 53 6.39 -6.52 3.17
CA GLU A 53 6.10 -5.93 4.46
C GLU A 53 5.92 -4.44 4.25
N ILE A 54 4.66 -4.02 4.11
CA ILE A 54 4.34 -2.63 3.87
C ILE A 54 4.60 -1.81 5.14
N ASP A 55 5.68 -1.06 5.14
CA ASP A 55 6.05 -0.25 6.28
C ASP A 55 5.67 1.20 6.02
N PHE A 56 4.49 1.57 6.51
CA PHE A 56 3.90 2.87 6.19
C PHE A 56 4.68 4.05 6.76
N GLU A 57 5.67 3.76 7.58
CA GLU A 57 6.49 4.80 8.17
C GLU A 57 7.64 5.18 7.23
N THR A 58 8.24 4.17 6.61
CA THR A 58 9.33 4.38 5.68
C THR A 58 8.81 4.65 4.28
N LEU A 59 7.61 4.16 3.98
CA LEU A 59 6.97 4.44 2.70
C LEU A 59 6.87 5.93 2.49
N LYS A 60 7.35 6.39 1.36
CA LYS A 60 7.28 7.80 1.03
C LYS A 60 5.84 8.22 0.86
N PRO A 61 5.48 9.46 1.22
CA PRO A 61 4.14 10.01 0.99
C PRO A 61 3.65 9.71 -0.42
N SER A 62 4.56 9.79 -1.38
CA SER A 62 4.25 9.48 -2.77
C SER A 62 3.70 8.06 -2.90
N THR A 63 4.38 7.10 -2.28
CA THR A 63 3.94 5.71 -2.30
C THR A 63 2.62 5.58 -1.57
N LEU A 64 2.57 6.09 -0.34
CA LEU A 64 1.39 5.98 0.51
C LEU A 64 0.15 6.51 -0.19
N ARG A 65 0.27 7.70 -0.77
CA ARG A 65 -0.85 8.30 -1.47
C ARG A 65 -1.24 7.49 -2.69
N GLU A 66 -0.27 6.80 -3.29
CA GLU A 66 -0.59 5.93 -4.41
C GLU A 66 -1.21 4.63 -3.93
N LEU A 67 -0.59 4.00 -2.94
CA LEU A 67 -1.17 2.80 -2.32
C LEU A 67 -2.64 3.05 -1.98
N GLU A 68 -2.88 4.16 -1.30
CA GLU A 68 -4.23 4.60 -0.93
C GLU A 68 -5.12 4.79 -2.17
N ARG A 69 -4.71 5.69 -3.06
CA ARG A 69 -5.50 6.01 -4.25
C ARG A 69 -5.58 4.82 -5.21
N TYR A 70 -4.70 3.88 -5.04
CA TYR A 70 -4.74 2.67 -5.81
C TYR A 70 -5.86 1.78 -5.30
N VAL A 71 -5.90 1.55 -3.99
CA VAL A 71 -6.92 0.70 -3.42
C VAL A 71 -8.29 1.33 -3.67
N THR A 72 -8.35 2.65 -3.68
CA THR A 72 -9.62 3.34 -3.81
C THR A 72 -10.26 3.05 -5.16
N SER A 73 -9.41 2.85 -6.16
CA SER A 73 -9.88 2.49 -7.49
C SER A 73 -10.52 1.10 -7.46
N CYS A 74 -10.13 0.30 -6.46
CA CYS A 74 -10.68 -1.05 -6.29
C CYS A 74 -11.76 -1.08 -5.21
N LEU A 75 -11.68 -0.17 -4.25
CA LEU A 75 -12.54 -0.19 -3.08
C LEU A 75 -13.68 0.81 -3.21
N ARG A 76 -13.35 2.06 -3.47
CA ARG A 76 -14.35 3.10 -3.63
C ARG A 76 -15.01 3.00 -4.98
N LYS A 77 -14.21 2.71 -5.99
CA LYS A 77 -14.68 2.54 -7.35
C LYS A 77 -14.92 1.06 -7.62
N LYS A 78 -15.84 0.77 -8.55
CA LYS A 78 -16.15 -0.60 -8.95
C LYS A 78 -16.88 -1.36 -7.84
N ARG A 79 -17.98 -2.00 -8.19
CA ARG A 79 -18.66 -2.86 -7.23
C ARG A 79 -18.21 -4.30 -7.43
N LYS A 80 -17.67 -4.89 -6.37
CA LYS A 80 -17.17 -6.28 -6.38
C LYS A 80 -16.02 -6.46 -7.39
N PRO A 81 -14.78 -6.44 -6.89
CA PRO A 81 -13.59 -6.63 -7.72
C PRO A 81 -13.27 -8.11 -7.94
N GLN A 82 -13.92 -8.70 -8.93
CA GLN A 82 -13.68 -10.10 -9.25
C GLN A 82 -13.27 -10.25 -10.71
N ALA A 83 -12.68 -11.38 -11.05
CA ALA A 83 -12.30 -11.67 -12.41
C ALA A 83 -13.44 -12.33 -13.15
N VAL B 1 1.32 5.65 15.39
CA VAL B 1 2.18 4.45 15.35
C VAL B 1 1.47 3.32 14.62
N VAL B 2 2.01 2.91 13.49
CA VAL B 2 1.44 1.83 12.70
C VAL B 2 2.19 0.53 12.98
N PRO B 3 1.48 -0.54 13.39
CA PRO B 3 2.08 -1.83 13.73
C PRO B 3 2.53 -2.64 12.51
N LYS B 4 3.01 -1.93 11.49
CA LYS B 4 3.51 -2.54 10.25
C LYS B 4 2.39 -3.27 9.50
N LYS B 5 2.70 -3.82 8.34
CA LYS B 5 1.74 -4.65 7.63
C LYS B 5 2.44 -5.81 6.94
N LYS B 6 2.45 -6.95 7.62
CA LYS B 6 3.08 -8.15 7.09
C LYS B 6 2.17 -8.82 6.07
N ILE B 7 2.48 -8.63 4.80
CA ILE B 7 1.70 -9.17 3.71
C ILE B 7 2.20 -10.56 3.34
N LYS B 8 1.79 -11.54 4.13
CA LYS B 8 2.14 -12.92 3.88
C LYS B 8 0.90 -13.78 4.14
N LYS B 9 0.05 -13.85 3.11
CA LYS B 9 -1.26 -14.51 3.23
C LYS B 9 -2.16 -13.76 4.21
N GLU B 10 -3.21 -14.44 4.68
CA GLU B 10 -4.16 -13.86 5.62
C GLU B 10 -4.94 -12.72 4.97
N GLN B 11 -5.07 -12.77 3.65
CA GLN B 11 -5.77 -11.73 2.90
C GLN B 11 -6.19 -12.24 1.53
N VAL B 12 -7.37 -12.85 1.48
CA VAL B 12 -7.94 -13.37 0.23
C VAL B 12 -6.95 -14.31 -0.45
N GLU B 13 -6.91 -15.55 0.02
CA GLU B 13 -5.97 -16.53 -0.48
C GLU B 13 -6.69 -17.74 -1.04
N SER A 1 9.52 15.42 -11.44
CA SER A 1 9.87 15.05 -10.05
C SER A 1 8.82 15.59 -9.09
N GLU A 2 7.73 16.05 -9.64
CA GLU A 2 6.73 16.77 -8.86
C GLU A 2 5.80 15.80 -8.16
N GLU A 3 5.79 14.55 -8.59
CA GLU A 3 4.90 13.56 -7.99
C GLU A 3 5.39 13.22 -6.59
N GLU A 4 6.64 13.56 -6.31
CA GLU A 4 7.23 13.30 -5.01
C GLU A 4 7.08 14.52 -4.10
N ASP A 5 7.03 15.72 -4.68
CA ASP A 5 6.99 16.94 -3.87
C ASP A 5 5.57 17.50 -3.76
N LYS A 6 4.80 17.39 -4.84
CA LYS A 6 3.41 17.86 -4.85
C LYS A 6 2.54 16.87 -4.08
N CYS A 7 3.16 15.79 -3.64
CA CYS A 7 2.50 14.78 -2.85
C CYS A 7 2.02 15.38 -1.53
N LYS A 8 0.90 14.91 -1.03
CA LYS A 8 0.42 15.36 0.26
C LYS A 8 0.83 14.40 1.36
N PRO A 9 1.19 14.94 2.51
CA PRO A 9 1.73 14.15 3.62
C PRO A 9 0.63 13.32 4.28
N MET A 10 0.84 12.03 4.38
CA MET A 10 -0.15 11.14 4.95
C MET A 10 0.03 11.06 6.46
N SER A 11 -1.01 11.39 7.19
CA SER A 11 -0.93 11.43 8.65
C SER A 11 -1.07 10.03 9.27
N TYR A 12 -0.92 9.94 10.59
CA TYR A 12 -0.97 8.67 11.31
C TYR A 12 -2.32 7.95 11.11
N GLU A 13 -3.41 8.67 11.32
CA GLU A 13 -4.76 8.14 11.13
C GLU A 13 -4.94 7.63 9.71
N GLU A 14 -4.36 8.34 8.77
CA GLU A 14 -4.50 8.03 7.36
C GLU A 14 -3.72 6.77 7.01
N LYS A 15 -2.48 6.71 7.48
CA LYS A 15 -1.64 5.52 7.28
C LYS A 15 -2.32 4.27 7.82
N ARG A 16 -3.04 4.43 8.94
CA ARG A 16 -3.81 3.34 9.50
C ARG A 16 -4.94 2.94 8.56
N GLN A 17 -5.73 3.93 8.14
CA GLN A 17 -6.82 3.70 7.21
C GLN A 17 -6.29 3.02 5.95
N LEU A 18 -5.13 3.48 5.52
CA LEU A 18 -4.43 2.95 4.35
C LEU A 18 -4.12 1.48 4.54
N SER A 19 -3.54 1.13 5.67
CA SER A 19 -3.18 -0.24 5.94
C SER A 19 -4.43 -1.12 5.98
N LEU A 20 -5.56 -0.49 6.23
CA LEU A 20 -6.84 -1.17 6.31
C LEU A 20 -7.50 -1.26 4.93
N ASP A 21 -7.28 -0.25 4.09
CA ASP A 21 -7.77 -0.28 2.71
C ASP A 21 -6.89 -1.19 1.84
N ILE A 22 -5.61 -1.26 2.16
CA ILE A 22 -4.73 -2.23 1.54
C ILE A 22 -5.17 -3.64 1.90
N ASN A 23 -5.62 -3.82 3.12
CA ASN A 23 -6.07 -5.13 3.59
C ASN A 23 -7.38 -5.52 2.90
N LYS A 24 -8.07 -4.54 2.34
CA LYS A 24 -9.31 -4.78 1.61
C LYS A 24 -9.03 -5.35 0.22
N LEU A 25 -7.81 -5.14 -0.26
CA LEU A 25 -7.42 -5.61 -1.59
C LEU A 25 -7.30 -7.13 -1.65
N PRO A 26 -7.78 -7.73 -2.75
CA PRO A 26 -7.58 -9.16 -3.01
C PRO A 26 -6.12 -9.47 -3.32
N GLY A 27 -5.74 -10.73 -3.20
CA GLY A 27 -4.34 -11.13 -3.29
C GLY A 27 -3.64 -10.62 -4.54
N GLU A 28 -4.24 -10.86 -5.69
CA GLU A 28 -3.67 -10.43 -6.96
C GLU A 28 -3.51 -8.90 -7.03
N LYS A 29 -4.49 -8.18 -6.51
CA LYS A 29 -4.46 -6.72 -6.57
C LYS A 29 -3.47 -6.16 -5.57
N LEU A 30 -3.25 -6.87 -4.48
CA LEU A 30 -2.38 -6.38 -3.44
C LEU A 30 -0.92 -6.62 -3.82
N GLY A 31 -0.70 -7.41 -4.86
CA GLY A 31 0.63 -7.52 -5.43
C GLY A 31 1.06 -6.21 -6.06
N ARG A 32 0.08 -5.36 -6.40
CA ARG A 32 0.39 -4.03 -6.92
C ARG A 32 0.98 -3.14 -5.84
N VAL A 33 0.44 -3.18 -4.63
CA VAL A 33 0.97 -2.37 -3.55
C VAL A 33 2.41 -2.77 -3.26
N VAL A 34 2.65 -4.06 -3.13
CA VAL A 34 4.02 -4.60 -3.05
C VAL A 34 4.87 -4.04 -4.21
N HIS A 35 4.30 -4.01 -5.41
CA HIS A 35 4.99 -3.49 -6.60
C HIS A 35 5.31 -2.02 -6.43
N ILE A 36 4.29 -1.23 -6.11
CA ILE A 36 4.45 0.21 -5.91
C ILE A 36 5.47 0.47 -4.82
N ILE A 37 5.31 -0.24 -3.73
CA ILE A 37 6.18 -0.11 -2.57
C ILE A 37 7.61 -0.51 -2.91
N GLN A 38 7.86 -1.77 -3.28
CA GLN A 38 9.20 -2.23 -3.63
C GLN A 38 9.88 -1.32 -4.66
N SER A 39 9.12 -0.82 -5.62
CA SER A 39 9.67 0.01 -6.68
C SER A 39 10.00 1.41 -6.17
N ARG A 40 9.06 2.01 -5.45
CA ARG A 40 9.25 3.35 -4.90
C ARG A 40 10.14 3.31 -3.67
N GLU A 41 10.28 2.13 -3.10
CA GLU A 41 11.13 1.88 -1.95
C GLU A 41 12.14 0.81 -2.28
N PRO A 42 13.17 1.12 -3.08
CA PRO A 42 14.17 0.12 -3.49
C PRO A 42 14.97 -0.40 -2.29
N SER A 43 14.79 0.25 -1.15
CA SER A 43 15.42 -0.18 0.08
C SER A 43 14.85 -1.52 0.55
N LEU A 44 13.64 -1.82 0.11
CA LEU A 44 12.98 -3.07 0.49
C LEU A 44 12.77 -3.98 -0.72
N LYS A 45 13.60 -3.79 -1.74
CA LYS A 45 13.51 -4.60 -2.96
C LYS A 45 13.92 -6.05 -2.67
N ASN A 46 14.62 -6.25 -1.56
CA ASN A 46 15.03 -7.59 -1.14
C ASN A 46 13.82 -8.41 -0.70
N SER A 47 12.75 -7.72 -0.32
CA SER A 47 11.53 -8.40 0.13
C SER A 47 10.77 -8.99 -1.05
N ASN A 48 10.25 -10.20 -0.86
CA ASN A 48 9.55 -10.91 -1.92
C ASN A 48 8.15 -10.33 -2.11
N PRO A 49 7.69 -10.29 -3.37
CA PRO A 49 6.41 -9.66 -3.75
C PRO A 49 5.19 -10.29 -3.09
N ASP A 50 5.27 -11.56 -2.76
CA ASP A 50 4.15 -12.27 -2.15
C ASP A 50 4.27 -12.26 -0.64
N GLU A 51 5.38 -11.71 -0.17
CA GLU A 51 5.68 -11.73 1.24
C GLU A 51 6.13 -10.35 1.68
N ILE A 52 5.63 -9.33 0.99
CA ILE A 52 6.04 -7.96 1.24
C ILE A 52 5.58 -7.51 2.61
N GLU A 53 6.32 -6.58 3.17
CA GLU A 53 5.98 -6.00 4.46
C GLU A 53 5.80 -4.50 4.25
N ILE A 54 4.55 -4.09 4.08
CA ILE A 54 4.23 -2.70 3.86
C ILE A 54 4.43 -1.91 5.16
N ASP A 55 5.51 -1.16 5.21
CA ASP A 55 5.82 -0.34 6.38
C ASP A 55 5.49 1.11 6.07
N PHE A 56 4.36 1.57 6.57
CA PHE A 56 3.83 2.87 6.20
C PHE A 56 4.62 4.02 6.81
N GLU A 57 5.58 3.71 7.66
CA GLU A 57 6.43 4.72 8.25
C GLU A 57 7.60 5.02 7.34
N THR A 58 8.13 3.99 6.69
CA THR A 58 9.23 4.15 5.77
C THR A 58 8.73 4.50 4.38
N LEU A 59 7.52 4.05 4.05
CA LEU A 59 6.89 4.39 2.78
C LEU A 59 6.76 5.90 2.64
N LYS A 60 7.29 6.42 1.55
CA LYS A 60 7.25 7.85 1.29
C LYS A 60 5.82 8.30 0.99
N PRO A 61 5.45 9.54 1.36
CA PRO A 61 4.10 10.06 1.14
C PRO A 61 3.55 9.71 -0.24
N SER A 62 4.39 9.84 -1.26
CA SER A 62 4.01 9.53 -2.63
C SER A 62 3.58 8.07 -2.77
N THR A 63 4.35 7.14 -2.19
CA THR A 63 3.97 5.74 -2.24
C THR A 63 2.65 5.57 -1.52
N LEU A 64 2.57 6.11 -0.31
CA LEU A 64 1.37 5.99 0.52
C LEU A 64 0.14 6.53 -0.21
N ARG A 65 0.27 7.72 -0.78
CA ARG A 65 -0.82 8.33 -1.54
C ARG A 65 -1.17 7.48 -2.75
N GLU A 66 -0.16 6.82 -3.31
CA GLU A 66 -0.36 5.92 -4.42
C GLU A 66 -1.10 4.67 -3.96
N LEU A 67 -0.56 4.00 -2.94
CA LEU A 67 -1.20 2.83 -2.32
C LEU A 67 -2.66 3.12 -2.01
N GLU A 68 -2.90 4.23 -1.31
CA GLU A 68 -4.26 4.66 -0.95
C GLU A 68 -5.12 4.85 -2.20
N ARG A 69 -4.70 5.76 -3.08
CA ARG A 69 -5.44 6.04 -4.31
C ARG A 69 -5.60 4.80 -5.17
N TYR A 70 -4.66 3.88 -5.04
CA TYR A 70 -4.71 2.67 -5.81
C TYR A 70 -5.83 1.79 -5.29
N VAL A 71 -5.86 1.56 -3.98
CA VAL A 71 -6.88 0.73 -3.41
C VAL A 71 -8.25 1.33 -3.68
N THR A 72 -8.31 2.66 -3.71
CA THR A 72 -9.58 3.34 -3.88
C THR A 72 -10.17 3.06 -5.26
N SER A 73 -9.30 2.71 -6.20
CA SER A 73 -9.77 2.34 -7.52
C SER A 73 -10.46 0.98 -7.47
N CYS A 74 -10.10 0.19 -6.47
CA CYS A 74 -10.70 -1.13 -6.26
C CYS A 74 -11.79 -1.09 -5.18
N LEU A 75 -11.65 -0.16 -4.23
CA LEU A 75 -12.52 -0.12 -3.06
C LEU A 75 -13.61 0.94 -3.19
N ARG A 76 -13.29 2.03 -3.86
CA ARG A 76 -14.22 3.15 -3.97
C ARG A 76 -14.80 3.23 -5.38
N LYS A 77 -14.02 2.80 -6.35
CA LYS A 77 -14.46 2.80 -7.75
C LYS A 77 -15.03 1.43 -8.10
N LYS A 78 -15.13 0.57 -7.11
CA LYS A 78 -15.59 -0.80 -7.29
C LYS A 78 -15.89 -1.40 -5.91
N ARG A 79 -16.67 -2.47 -5.87
CA ARG A 79 -16.95 -3.12 -4.60
C ARG A 79 -16.92 -4.64 -4.74
N LYS A 80 -16.33 -5.29 -3.73
CA LYS A 80 -16.24 -6.76 -3.69
C LYS A 80 -15.71 -7.33 -5.01
N PRO A 81 -14.40 -7.16 -5.27
CA PRO A 81 -13.77 -7.63 -6.51
C PRO A 81 -13.47 -9.13 -6.45
N GLN A 82 -14.38 -9.88 -5.86
CA GLN A 82 -14.22 -11.32 -5.69
C GLN A 82 -14.50 -12.04 -7.00
N ALA A 83 -13.59 -12.91 -7.38
CA ALA A 83 -13.72 -13.65 -8.63
C ALA A 83 -14.05 -15.11 -8.34
N VAL B 1 2.13 5.64 15.37
CA VAL B 1 1.89 4.24 15.78
C VAL B 1 1.14 3.48 14.70
N VAL B 2 1.88 2.87 13.78
CA VAL B 2 1.29 2.06 12.73
C VAL B 2 1.86 0.65 12.77
N PRO B 3 1.01 -0.33 13.13
CA PRO B 3 1.39 -1.75 13.11
C PRO B 3 1.88 -2.19 11.75
N LYS B 4 2.96 -2.98 11.74
CA LYS B 4 3.54 -3.50 10.51
C LYS B 4 2.51 -4.32 9.75
N LYS B 5 2.38 -4.07 8.46
CA LYS B 5 1.37 -4.75 7.68
C LYS B 5 1.95 -5.97 6.98
N LYS B 6 1.76 -7.12 7.60
CA LYS B 6 2.21 -8.39 7.03
C LYS B 6 1.39 -8.70 5.78
N ILE B 7 2.08 -9.00 4.70
CA ILE B 7 1.42 -9.32 3.44
C ILE B 7 1.78 -10.72 3.01
N LYS B 8 0.78 -11.49 2.64
CA LYS B 8 0.96 -12.89 2.30
C LYS B 8 -0.16 -13.32 1.37
N LYS B 9 0.13 -14.28 0.49
CA LYS B 9 -0.84 -14.72 -0.52
C LYS B 9 -2.03 -15.44 0.13
N GLU B 10 -2.00 -15.60 1.45
CA GLU B 10 -3.14 -16.15 2.18
C GLU B 10 -4.29 -15.13 2.17
N GLN B 11 -3.93 -13.87 1.93
CA GLN B 11 -4.90 -12.78 1.95
C GLN B 11 -5.63 -12.67 0.62
N VAL B 12 -5.48 -13.69 -0.22
CA VAL B 12 -6.17 -13.74 -1.49
C VAL B 12 -7.66 -14.06 -1.29
N GLU B 13 -7.95 -14.64 -0.14
CA GLU B 13 -9.32 -15.02 0.20
C GLU B 13 -10.11 -13.82 0.70
N SER A 1 11.23 18.47 -8.86
CA SER A 1 10.94 18.44 -7.41
C SER A 1 9.46 18.17 -7.18
N GLU A 2 8.75 17.84 -8.24
CA GLU A 2 7.31 17.75 -8.15
C GLU A 2 6.88 16.39 -7.64
N GLU A 3 7.73 15.39 -7.77
CA GLU A 3 7.40 14.06 -7.29
C GLU A 3 7.19 14.06 -5.78
N GLU A 4 7.92 14.94 -5.09
CA GLU A 4 7.85 15.00 -3.65
C GLU A 4 6.92 16.13 -3.19
N ASP A 5 6.79 17.19 -3.99
CA ASP A 5 5.96 18.33 -3.57
C ASP A 5 4.50 18.14 -3.95
N LYS A 6 4.25 17.53 -5.11
CA LYS A 6 2.88 17.24 -5.55
C LYS A 6 2.20 16.28 -4.59
N CYS A 7 3.00 15.50 -3.88
CA CYS A 7 2.48 14.52 -2.95
C CYS A 7 2.33 15.12 -1.56
N LYS A 8 1.12 15.14 -1.04
CA LYS A 8 0.85 15.68 0.29
C LYS A 8 1.01 14.61 1.36
N PRO A 9 1.51 15.04 2.52
CA PRO A 9 1.88 14.13 3.63
C PRO A 9 0.71 13.32 4.15
N MET A 10 0.97 12.06 4.46
CA MET A 10 -0.05 11.18 5.01
C MET A 10 0.12 11.09 6.52
N SER A 11 -0.93 11.43 7.27
CA SER A 11 -0.84 11.42 8.74
C SER A 11 -0.97 10.00 9.30
N TYR A 12 -0.80 9.85 10.62
CA TYR A 12 -0.78 8.54 11.25
C TYR A 12 -2.10 7.77 11.03
N GLU A 13 -3.22 8.42 11.36
CA GLU A 13 -4.56 7.87 11.15
C GLU A 13 -4.77 7.49 9.69
N GLU A 14 -4.18 8.25 8.79
CA GLU A 14 -4.32 8.00 7.39
C GLU A 14 -3.54 6.77 6.97
N LYS A 15 -2.31 6.67 7.47
CA LYS A 15 -1.49 5.47 7.26
C LYS A 15 -2.19 4.23 7.83
N ARG A 16 -2.86 4.41 8.97
CA ARG A 16 -3.65 3.35 9.58
C ARG A 16 -4.81 2.96 8.67
N GLN A 17 -5.58 3.95 8.25
CA GLN A 17 -6.70 3.73 7.34
C GLN A 17 -6.20 3.07 6.05
N LEU A 18 -5.04 3.54 5.61
CA LEU A 18 -4.36 3.02 4.42
C LEU A 18 -4.08 1.53 4.57
N SER A 19 -3.46 1.18 5.67
CA SER A 19 -3.12 -0.21 5.94
C SER A 19 -4.39 -1.08 5.97
N LEU A 20 -5.52 -0.43 6.25
CA LEU A 20 -6.79 -1.11 6.34
C LEU A 20 -7.45 -1.26 4.96
N ASP A 21 -7.24 -0.27 4.09
CA ASP A 21 -7.73 -0.34 2.70
C ASP A 21 -6.89 -1.32 1.88
N ILE A 22 -5.60 -1.37 2.18
CA ILE A 22 -4.71 -2.36 1.59
C ILE A 22 -5.18 -3.76 1.96
N ASN A 23 -5.66 -3.89 3.18
CA ASN A 23 -6.18 -5.15 3.69
C ASN A 23 -7.46 -5.54 2.93
N LYS A 24 -8.09 -4.57 2.28
CA LYS A 24 -9.30 -4.81 1.51
C LYS A 24 -8.98 -5.35 0.12
N LEU A 25 -7.74 -5.20 -0.32
CA LEU A 25 -7.33 -5.67 -1.63
C LEU A 25 -7.17 -7.18 -1.67
N PRO A 26 -7.64 -7.83 -2.75
CA PRO A 26 -7.44 -9.26 -2.97
C PRO A 26 -5.98 -9.56 -3.26
N GLY A 27 -5.57 -10.80 -3.01
CA GLY A 27 -4.16 -11.18 -3.13
C GLY A 27 -3.50 -10.69 -4.41
N GLU A 28 -4.16 -10.92 -5.53
CA GLU A 28 -3.64 -10.50 -6.82
C GLU A 28 -3.48 -8.98 -6.91
N LYS A 29 -4.48 -8.24 -6.44
CA LYS A 29 -4.45 -6.79 -6.56
C LYS A 29 -3.48 -6.19 -5.56
N LEU A 30 -3.28 -6.88 -4.46
CA LEU A 30 -2.41 -6.37 -3.41
C LEU A 30 -0.95 -6.61 -3.76
N GLY A 31 -0.71 -7.43 -4.78
CA GLY A 31 0.63 -7.56 -5.31
C GLY A 31 1.08 -6.27 -5.96
N ARG A 32 0.12 -5.42 -6.32
CA ARG A 32 0.45 -4.10 -6.86
C ARG A 32 1.02 -3.19 -5.77
N VAL A 33 0.43 -3.20 -4.59
CA VAL A 33 0.94 -2.37 -3.50
C VAL A 33 2.38 -2.76 -3.19
N VAL A 34 2.61 -4.06 -3.02
CA VAL A 34 3.98 -4.59 -2.88
C VAL A 34 4.87 -4.04 -4.01
N HIS A 35 4.33 -3.99 -5.22
CA HIS A 35 5.08 -3.56 -6.39
C HIS A 35 5.36 -2.05 -6.34
N ILE A 36 4.32 -1.27 -6.05
CA ILE A 36 4.46 0.17 -5.91
C ILE A 36 5.47 0.47 -4.82
N ILE A 37 5.32 -0.24 -3.73
CA ILE A 37 6.20 -0.11 -2.59
C ILE A 37 7.64 -0.51 -2.95
N GLN A 38 7.86 -1.76 -3.32
CA GLN A 38 9.21 -2.23 -3.71
C GLN A 38 9.89 -1.31 -4.73
N SER A 39 9.11 -0.74 -5.64
CA SER A 39 9.66 0.10 -6.69
C SER A 39 10.00 1.50 -6.17
N ARG A 40 9.05 2.10 -5.46
CA ARG A 40 9.24 3.43 -4.90
C ARG A 40 10.12 3.37 -3.66
N GLU A 41 10.24 2.19 -3.09
CA GLU A 41 11.11 1.92 -1.95
C GLU A 41 12.14 0.86 -2.33
N PRO A 42 13.18 1.22 -3.09
CA PRO A 42 14.18 0.25 -3.53
C PRO A 42 15.01 -0.27 -2.37
N SER A 43 14.78 0.28 -1.18
CA SER A 43 15.45 -0.16 0.03
C SER A 43 14.88 -1.50 0.50
N LEU A 44 13.70 -1.85 0.00
CA LEU A 44 13.07 -3.11 0.36
C LEU A 44 12.90 -4.01 -0.86
N LYS A 45 13.70 -3.76 -1.90
CA LYS A 45 13.64 -4.52 -3.14
C LYS A 45 14.08 -5.98 -2.92
N ASN A 46 14.78 -6.23 -1.81
CA ASN A 46 15.24 -7.58 -1.49
C ASN A 46 14.05 -8.45 -1.08
N SER A 47 12.94 -7.81 -0.81
CA SER A 47 11.73 -8.51 -0.39
C SER A 47 10.98 -9.05 -1.60
N ASN A 48 10.58 -10.31 -1.55
CA ASN A 48 9.82 -10.92 -2.63
C ASN A 48 8.39 -10.43 -2.59
N PRO A 49 7.76 -10.28 -3.77
CA PRO A 49 6.44 -9.68 -3.91
C PRO A 49 5.33 -10.41 -3.14
N ASP A 50 5.57 -11.65 -2.78
CA ASP A 50 4.59 -12.42 -2.01
C ASP A 50 4.96 -12.47 -0.54
N GLU A 51 5.98 -11.70 -0.15
CA GLU A 51 6.46 -11.71 1.22
C GLU A 51 6.68 -10.29 1.71
N ILE A 52 6.00 -9.34 1.07
CA ILE A 52 6.24 -7.94 1.35
C ILE A 52 5.67 -7.52 2.69
N GLU A 53 6.37 -6.61 3.33
CA GLU A 53 5.91 -6.00 4.55
C GLU A 53 5.77 -4.51 4.31
N ILE A 54 4.55 -4.07 4.08
CA ILE A 54 4.29 -2.69 3.78
C ILE A 54 4.60 -1.82 4.99
N ASP A 55 5.75 -1.17 4.96
CA ASP A 55 6.20 -0.34 6.06
C ASP A 55 5.76 1.09 5.87
N PHE A 56 4.54 1.38 6.30
CA PHE A 56 3.94 2.69 6.12
C PHE A 56 4.75 3.79 6.79
N GLU A 57 5.60 3.38 7.73
CA GLU A 57 6.44 4.31 8.45
C GLU A 57 7.60 4.81 7.60
N THR A 58 8.05 3.97 6.67
CA THR A 58 9.16 4.35 5.81
C THR A 58 8.68 4.71 4.40
N LEU A 59 7.51 4.16 4.00
CA LEU A 59 6.94 4.45 2.70
C LEU A 59 6.83 5.95 2.46
N LYS A 60 7.37 6.38 1.32
CA LYS A 60 7.28 7.77 0.93
C LYS A 60 5.83 8.21 0.89
N PRO A 61 5.52 9.44 1.34
CA PRO A 61 4.18 10.02 1.21
C PRO A 61 3.62 9.83 -0.19
N SER A 62 4.52 9.84 -1.16
CA SER A 62 4.17 9.59 -2.54
C SER A 62 3.62 8.18 -2.73
N THR A 63 4.33 7.18 -2.20
CA THR A 63 3.90 5.79 -2.29
C THR A 63 2.60 5.62 -1.55
N LEU A 64 2.52 6.17 -0.34
CA LEU A 64 1.35 6.04 0.50
C LEU A 64 0.10 6.60 -0.19
N ARG A 65 0.21 7.78 -0.77
CA ARG A 65 -0.90 8.37 -1.50
C ARG A 65 -1.24 7.52 -2.72
N GLU A 66 -0.22 6.88 -3.29
CA GLU A 66 -0.41 5.97 -4.41
C GLU A 66 -1.16 4.72 -3.95
N LEU A 67 -0.59 4.01 -2.97
CA LEU A 67 -1.22 2.82 -2.36
C LEU A 67 -2.70 3.09 -2.07
N GLU A 68 -2.94 4.15 -1.31
CA GLU A 68 -4.30 4.62 -1.00
C GLU A 68 -5.14 4.80 -2.28
N ARG A 69 -4.74 5.73 -3.13
CA ARG A 69 -5.46 6.02 -4.37
C ARG A 69 -5.61 4.77 -5.24
N TYR A 70 -4.67 3.86 -5.12
CA TYR A 70 -4.70 2.64 -5.88
C TYR A 70 -5.82 1.74 -5.36
N VAL A 71 -5.84 1.53 -4.07
CA VAL A 71 -6.87 0.67 -3.49
C VAL A 71 -8.23 1.28 -3.75
N THR A 72 -8.31 2.61 -3.75
CA THR A 72 -9.59 3.28 -3.91
C THR A 72 -10.19 2.98 -5.27
N SER A 73 -9.34 2.67 -6.23
CA SER A 73 -9.81 2.31 -7.56
C SER A 73 -10.51 0.95 -7.51
N CYS A 74 -10.11 0.14 -6.54
CA CYS A 74 -10.68 -1.19 -6.35
C CYS A 74 -11.75 -1.18 -5.25
N LEU A 75 -11.64 -0.24 -4.32
CA LEU A 75 -12.50 -0.22 -3.14
C LEU A 75 -13.62 0.79 -3.27
N ARG A 76 -13.25 2.05 -3.54
CA ARG A 76 -14.22 3.13 -3.52
C ARG A 76 -14.84 3.34 -4.89
N LYS A 77 -14.08 3.06 -5.94
CA LYS A 77 -14.54 3.24 -7.31
C LYS A 77 -15.39 2.05 -7.75
N LYS A 78 -15.24 0.92 -7.05
CA LYS A 78 -15.97 -0.28 -7.40
C LYS A 78 -16.35 -1.04 -6.13
N ARG A 79 -17.61 -0.95 -5.73
CA ARG A 79 -18.09 -1.69 -4.56
C ARG A 79 -18.08 -3.19 -4.86
N LYS A 80 -17.23 -3.92 -4.14
CA LYS A 80 -17.05 -5.36 -4.32
C LYS A 80 -16.62 -5.72 -5.74
N PRO A 81 -15.30 -5.85 -5.96
CA PRO A 81 -14.73 -6.19 -7.27
C PRO A 81 -14.81 -7.69 -7.55
N GLN A 82 -15.99 -8.26 -7.33
CA GLN A 82 -16.22 -9.67 -7.58
C GLN A 82 -17.44 -9.84 -8.46
N ALA A 83 -17.63 -11.05 -8.97
CA ALA A 83 -18.79 -11.34 -9.80
C ALA A 83 -19.43 -12.65 -9.37
N VAL B 1 4.94 4.13 15.10
CA VAL B 1 3.56 4.61 15.34
C VAL B 1 2.54 3.71 14.67
N VAL B 2 2.69 3.51 13.36
CA VAL B 2 1.77 2.68 12.61
C VAL B 2 2.35 1.28 12.41
N PRO B 3 1.70 0.26 12.98
CA PRO B 3 2.11 -1.14 12.82
C PRO B 3 2.15 -1.56 11.36
N LYS B 4 3.28 -2.11 10.94
CA LYS B 4 3.47 -2.52 9.55
C LYS B 4 2.53 -3.67 9.18
N LYS B 5 2.19 -3.72 7.90
CA LYS B 5 1.22 -4.68 7.41
C LYS B 5 1.92 -5.90 6.81
N LYS B 6 1.58 -7.07 7.33
CA LYS B 6 2.16 -8.33 6.88
C LYS B 6 1.44 -8.82 5.63
N ILE B 7 2.19 -9.03 4.57
CA ILE B 7 1.62 -9.42 3.28
C ILE B 7 2.23 -10.72 2.79
N LYS B 8 1.79 -11.83 3.37
CA LYS B 8 2.31 -13.14 2.98
C LYS B 8 1.31 -13.86 2.08
N LYS B 9 0.34 -14.51 2.70
CA LYS B 9 -0.66 -15.27 1.94
C LYS B 9 -2.07 -14.82 2.31
N GLU B 10 -2.17 -14.04 3.38
CA GLU B 10 -3.46 -13.54 3.81
C GLU B 10 -3.65 -12.10 3.36
N GLN B 11 -4.73 -11.86 2.63
CA GLN B 11 -5.07 -10.52 2.21
C GLN B 11 -5.77 -9.77 3.34
N VAL B 12 -6.47 -10.51 4.18
CA VAL B 12 -7.13 -9.96 5.35
C VAL B 12 -6.64 -10.67 6.60
N GLU B 13 -6.78 -10.01 7.75
CA GLU B 13 -6.42 -10.63 9.01
C GLU B 13 -7.48 -10.34 10.08
N SER A 1 10.89 17.83 -9.22
CA SER A 1 11.19 18.48 -7.92
C SER A 1 9.90 18.84 -7.17
N GLU A 2 8.86 19.18 -7.92
CA GLU A 2 7.62 19.63 -7.29
C GLU A 2 6.79 18.45 -6.82
N GLU A 3 7.22 17.24 -7.14
CA GLU A 3 6.51 16.04 -6.73
C GLU A 3 6.43 15.95 -5.21
N GLU A 4 7.37 16.61 -4.54
CA GLU A 4 7.39 16.65 -3.09
C GLU A 4 6.22 17.48 -2.56
N ASP A 5 5.76 18.44 -3.34
CA ASP A 5 4.63 19.26 -2.95
C ASP A 5 3.35 18.76 -3.60
N LYS A 6 3.52 18.01 -4.69
CA LYS A 6 2.41 17.33 -5.34
C LYS A 6 1.88 16.23 -4.43
N CYS A 7 2.80 15.49 -3.81
CA CYS A 7 2.41 14.43 -2.91
C CYS A 7 2.20 14.98 -1.50
N LYS A 8 0.96 14.91 -1.03
CA LYS A 8 0.62 15.44 0.28
C LYS A 8 0.90 14.41 1.37
N PRO A 9 1.44 14.88 2.49
CA PRO A 9 1.88 14.03 3.61
C PRO A 9 0.72 13.22 4.20
N MET A 10 0.96 11.94 4.43
CA MET A 10 -0.06 11.07 5.01
C MET A 10 0.14 11.00 6.52
N SER A 11 -0.89 11.36 7.28
CA SER A 11 -0.80 11.36 8.72
C SER A 11 -1.09 9.98 9.32
N TYR A 12 -1.07 9.88 10.65
CA TYR A 12 -1.12 8.60 11.34
C TYR A 12 -2.44 7.84 11.08
N GLU A 13 -3.59 8.46 11.37
CA GLU A 13 -4.87 7.82 11.14
C GLU A 13 -5.12 7.57 9.65
N GLU A 14 -4.41 8.28 8.79
CA GLU A 14 -4.50 8.05 7.37
C GLU A 14 -3.71 6.80 6.98
N LYS A 15 -2.48 6.70 7.49
CA LYS A 15 -1.67 5.50 7.31
C LYS A 15 -2.39 4.26 7.84
N ARG A 16 -3.11 4.44 8.95
CA ARG A 16 -3.92 3.36 9.51
C ARG A 16 -5.01 2.97 8.52
N GLN A 17 -5.77 3.96 8.08
CA GLN A 17 -6.84 3.75 7.11
C GLN A 17 -6.29 3.06 5.87
N LEU A 18 -5.12 3.53 5.45
CA LEU A 18 -4.39 2.98 4.32
C LEU A 18 -4.10 1.50 4.54
N SER A 19 -3.54 1.17 5.68
CA SER A 19 -3.20 -0.21 5.98
C SER A 19 -4.46 -1.08 6.01
N LEU A 20 -5.59 -0.43 6.23
CA LEU A 20 -6.87 -1.09 6.30
C LEU A 20 -7.50 -1.22 4.91
N ASP A 21 -7.25 -0.23 4.06
CA ASP A 21 -7.72 -0.28 2.67
C ASP A 21 -6.84 -1.20 1.83
N ILE A 22 -5.56 -1.27 2.17
CA ILE A 22 -4.66 -2.25 1.58
C ILE A 22 -5.10 -3.67 1.93
N ASN A 23 -5.55 -3.84 3.17
CA ASN A 23 -5.99 -5.15 3.63
C ASN A 23 -7.27 -5.57 2.93
N LYS A 24 -7.97 -4.59 2.35
CA LYS A 24 -9.20 -4.83 1.61
C LYS A 24 -8.90 -5.40 0.22
N LEU A 25 -7.70 -5.17 -0.27
CA LEU A 25 -7.28 -5.65 -1.57
C LEU A 25 -7.09 -7.16 -1.57
N PRO A 26 -7.56 -7.85 -2.63
CA PRO A 26 -7.31 -9.28 -2.79
C PRO A 26 -5.85 -9.54 -3.15
N GLY A 27 -5.41 -10.79 -2.96
CA GLY A 27 -4.01 -11.14 -3.12
C GLY A 27 -3.38 -10.60 -4.40
N GLU A 28 -4.04 -10.84 -5.53
CA GLU A 28 -3.52 -10.43 -6.82
C GLU A 28 -3.45 -8.90 -6.95
N LYS A 29 -4.47 -8.21 -6.45
CA LYS A 29 -4.51 -6.76 -6.55
C LYS A 29 -3.56 -6.12 -5.55
N LEU A 30 -3.32 -6.80 -4.45
CA LEU A 30 -2.44 -6.28 -3.44
C LEU A 30 -0.98 -6.58 -3.76
N GLY A 31 -0.76 -7.45 -4.74
CA GLY A 31 0.57 -7.61 -5.30
C GLY A 31 1.03 -6.33 -5.98
N ARG A 32 0.08 -5.45 -6.28
CA ARG A 32 0.41 -4.12 -6.81
C ARG A 32 1.06 -3.27 -5.74
N VAL A 33 0.45 -3.20 -4.57
CA VAL A 33 0.99 -2.36 -3.49
C VAL A 33 2.42 -2.76 -3.19
N VAL A 34 2.64 -4.07 -3.05
CA VAL A 34 3.99 -4.61 -2.94
C VAL A 34 4.88 -4.06 -4.06
N HIS A 35 4.36 -4.01 -5.28
CA HIS A 35 5.13 -3.56 -6.44
C HIS A 35 5.39 -2.06 -6.37
N ILE A 36 4.34 -1.29 -6.09
CA ILE A 36 4.48 0.15 -5.93
C ILE A 36 5.49 0.44 -4.84
N ILE A 37 5.33 -0.24 -3.73
CA ILE A 37 6.21 -0.13 -2.60
C ILE A 37 7.65 -0.54 -2.98
N GLN A 38 7.86 -1.78 -3.38
CA GLN A 38 9.19 -2.27 -3.77
C GLN A 38 9.87 -1.37 -4.81
N SER A 39 9.09 -0.77 -5.70
CA SER A 39 9.64 0.06 -6.76
C SER A 39 9.99 1.46 -6.24
N ARG A 40 9.06 2.06 -5.52
CA ARG A 40 9.26 3.40 -4.97
C ARG A 40 10.20 3.33 -3.78
N GLU A 41 10.23 2.17 -3.16
CA GLU A 41 11.13 1.90 -2.05
C GLU A 41 12.13 0.82 -2.48
N PRO A 42 13.17 1.17 -3.25
CA PRO A 42 14.08 0.17 -3.80
C PRO A 42 14.96 -0.43 -2.72
N SER A 43 14.92 0.22 -1.58
CA SER A 43 15.59 -0.25 -0.38
C SER A 43 15.02 -1.61 0.05
N LEU A 44 13.75 -1.86 -0.27
CA LEU A 44 13.11 -3.11 0.12
C LEU A 44 12.83 -3.99 -1.10
N LYS A 45 13.59 -3.78 -2.17
CA LYS A 45 13.50 -4.63 -3.35
C LYS A 45 14.07 -6.02 -3.05
N ASN A 46 14.73 -6.13 -1.89
CA ASN A 46 15.22 -7.42 -1.41
C ASN A 46 14.05 -8.29 -0.95
N SER A 47 12.91 -7.66 -0.74
CA SER A 47 11.73 -8.35 -0.27
C SER A 47 10.97 -8.98 -1.43
N ASN A 48 10.40 -10.16 -1.18
CA ASN A 48 9.65 -10.87 -2.20
C ASN A 48 8.24 -10.34 -2.26
N PRO A 49 7.70 -10.18 -3.47
CA PRO A 49 6.39 -9.57 -3.71
C PRO A 49 5.24 -10.34 -3.08
N ASP A 50 5.44 -11.63 -2.84
CA ASP A 50 4.40 -12.44 -2.22
C ASP A 50 4.57 -12.48 -0.71
N GLU A 51 5.57 -11.77 -0.20
CA GLU A 51 5.84 -11.75 1.23
C GLU A 51 6.23 -10.35 1.67
N ILE A 52 5.73 -9.36 0.95
CA ILE A 52 6.11 -7.99 1.19
C ILE A 52 5.67 -7.53 2.57
N GLU A 53 6.42 -6.60 3.11
CA GLU A 53 6.12 -6.03 4.40
C GLU A 53 5.90 -4.54 4.20
N ILE A 54 4.63 -4.15 4.05
CA ILE A 54 4.29 -2.77 3.84
C ILE A 54 4.51 -1.99 5.14
N ASP A 55 5.61 -1.26 5.19
CA ASP A 55 5.95 -0.47 6.36
C ASP A 55 5.64 1.00 6.10
N PHE A 56 4.51 1.45 6.59
CA PHE A 56 3.99 2.78 6.25
C PHE A 56 4.81 3.92 6.85
N GLU A 57 5.78 3.58 7.70
CA GLU A 57 6.63 4.58 8.30
C GLU A 57 7.84 4.85 7.41
N THR A 58 8.29 3.82 6.72
CA THR A 58 9.41 3.95 5.80
C THR A 58 8.92 4.24 4.39
N LEU A 59 7.67 3.88 4.10
CA LEU A 59 7.04 4.24 2.83
C LEU A 59 6.96 5.74 2.71
N LYS A 60 7.47 6.27 1.62
CA LYS A 60 7.44 7.69 1.39
C LYS A 60 6.01 8.13 1.13
N PRO A 61 5.63 9.33 1.61
CA PRO A 61 4.28 9.89 1.40
C PRO A 61 3.75 9.64 -0.01
N SER A 62 4.63 9.78 -0.99
CA SER A 62 4.28 9.59 -2.38
C SER A 62 3.77 8.16 -2.62
N THR A 63 4.46 7.15 -2.07
CA THR A 63 4.01 5.78 -2.20
C THR A 63 2.69 5.60 -1.47
N LEU A 64 2.61 6.12 -0.26
CA LEU A 64 1.41 5.98 0.57
C LEU A 64 0.18 6.52 -0.13
N ARG A 65 0.30 7.71 -0.71
CA ARG A 65 -0.81 8.31 -1.44
C ARG A 65 -1.15 7.49 -2.67
N GLU A 66 -0.15 6.85 -3.26
CA GLU A 66 -0.37 5.95 -4.38
C GLU A 66 -1.09 4.68 -3.92
N LEU A 67 -0.52 4.02 -2.91
CA LEU A 67 -1.13 2.84 -2.31
C LEU A 67 -2.62 3.10 -1.99
N GLU A 68 -2.87 4.20 -1.30
CA GLU A 68 -4.23 4.61 -0.95
C GLU A 68 -5.10 4.80 -2.21
N ARG A 69 -4.70 5.74 -3.06
CA ARG A 69 -5.44 6.04 -4.29
C ARG A 69 -5.59 4.81 -5.17
N TYR A 70 -4.65 3.89 -5.06
CA TYR A 70 -4.70 2.68 -5.83
C TYR A 70 -5.83 1.79 -5.33
N VAL A 71 -5.83 1.54 -4.02
CA VAL A 71 -6.85 0.70 -3.45
C VAL A 71 -8.22 1.29 -3.70
N THR A 72 -8.30 2.63 -3.69
CA THR A 72 -9.57 3.31 -3.83
C THR A 72 -10.20 3.03 -5.18
N SER A 73 -9.36 2.73 -6.17
CA SER A 73 -9.84 2.38 -7.49
C SER A 73 -10.52 1.02 -7.46
N CYS A 74 -10.14 0.21 -6.47
CA CYS A 74 -10.71 -1.13 -6.29
C CYS A 74 -11.76 -1.16 -5.18
N LEU A 75 -11.65 -0.24 -4.23
CA LEU A 75 -12.47 -0.24 -3.04
C LEU A 75 -13.61 0.77 -3.10
N ARG A 76 -13.24 2.01 -3.35
CA ARG A 76 -14.21 3.11 -3.29
C ARG A 76 -14.85 3.29 -4.65
N LYS A 77 -14.28 2.59 -5.62
CA LYS A 77 -14.89 2.40 -6.92
C LYS A 77 -14.97 0.89 -7.17
N LYS A 78 -16.19 0.38 -7.37
CA LYS A 78 -16.45 -1.06 -7.42
C LYS A 78 -16.40 -1.65 -6.01
N ARG A 79 -17.04 -2.79 -5.82
CA ARG A 79 -16.98 -3.49 -4.55
C ARG A 79 -16.85 -4.99 -4.77
N LYS A 80 -16.08 -5.64 -3.92
CA LYS A 80 -15.85 -7.09 -4.00
C LYS A 80 -15.27 -7.50 -5.35
N PRO A 81 -13.97 -7.27 -5.55
CA PRO A 81 -13.27 -7.67 -6.78
C PRO A 81 -12.97 -9.17 -6.79
N GLN A 82 -14.01 -9.97 -6.60
CA GLN A 82 -13.87 -11.41 -6.50
C GLN A 82 -13.80 -12.04 -7.90
N ALA A 83 -14.23 -11.27 -8.90
CA ALA A 83 -14.24 -11.71 -10.28
C ALA A 83 -15.23 -12.87 -10.47
N VAL B 1 1.27 4.20 17.21
CA VAL B 1 2.14 3.60 16.16
C VAL B 1 1.30 2.88 15.12
N VAL B 2 1.75 2.90 13.88
CA VAL B 2 1.06 2.22 12.79
C VAL B 2 1.61 0.81 12.62
N PRO B 3 0.75 -0.21 12.75
CA PRO B 3 1.14 -1.61 12.52
C PRO B 3 1.49 -1.86 11.06
N LYS B 4 2.60 -2.56 10.84
CA LYS B 4 3.02 -2.92 9.49
C LYS B 4 2.14 -4.06 8.98
N LYS B 5 1.94 -4.12 7.68
CA LYS B 5 1.06 -5.12 7.10
C LYS B 5 1.84 -6.33 6.61
N LYS B 6 1.57 -7.47 7.23
CA LYS B 6 2.18 -8.73 6.82
C LYS B 6 1.45 -9.26 5.60
N ILE B 7 2.08 -9.11 4.46
CA ILE B 7 1.45 -9.42 3.19
C ILE B 7 1.93 -10.75 2.65
N LYS B 8 1.27 -11.81 3.06
CA LYS B 8 1.61 -13.15 2.60
C LYS B 8 0.35 -13.89 2.14
N LYS B 9 0.46 -15.19 1.92
CA LYS B 9 -0.68 -16.01 1.51
C LYS B 9 -1.86 -15.83 2.46
N GLU B 10 -1.56 -15.76 3.75
CA GLU B 10 -2.56 -15.44 4.75
C GLU B 10 -2.45 -13.97 5.13
N GLN B 11 -3.07 -13.10 4.32
CA GLN B 11 -3.03 -11.66 4.57
C GLN B 11 -4.16 -11.26 5.51
N VAL B 12 -5.24 -12.02 5.48
CA VAL B 12 -6.39 -11.75 6.32
C VAL B 12 -6.11 -12.15 7.76
N GLU B 13 -6.72 -11.44 8.70
CA GLU B 13 -6.50 -11.68 10.11
C GLU B 13 -7.63 -12.52 10.69
N SER A 1 12.55 18.77 -5.05
CA SER A 1 11.78 18.89 -3.80
C SER A 1 10.31 18.59 -4.05
N GLU A 2 10.02 18.05 -5.21
CA GLU A 2 8.65 17.86 -5.64
C GLU A 2 8.15 16.47 -5.29
N GLU A 3 9.07 15.55 -5.07
CA GLU A 3 8.71 14.17 -4.75
C GLU A 3 7.81 14.11 -3.50
N GLU A 4 8.19 14.89 -2.50
CA GLU A 4 7.47 14.91 -1.22
C GLU A 4 6.42 16.01 -1.20
N ASP A 5 6.60 17.06 -2.01
CA ASP A 5 5.72 18.22 -1.95
C ASP A 5 4.53 18.08 -2.89
N LYS A 6 4.77 17.53 -4.09
CA LYS A 6 3.70 17.30 -5.05
C LYS A 6 2.72 16.29 -4.47
N CYS A 7 3.28 15.29 -3.83
CA CYS A 7 2.50 14.26 -3.16
C CYS A 7 1.97 14.79 -1.84
N LYS A 8 0.72 14.48 -1.52
CA LYS A 8 0.11 14.97 -0.29
C LYS A 8 0.53 14.14 0.89
N PRO A 9 0.86 14.80 2.01
CA PRO A 9 1.36 14.14 3.20
C PRO A 9 0.29 13.28 3.87
N MET A 10 0.67 12.06 4.23
CA MET A 10 -0.28 11.15 4.87
C MET A 10 -0.06 11.16 6.38
N SER A 11 -1.13 11.36 7.15
CA SER A 11 -1.03 11.41 8.60
C SER A 11 -1.22 10.03 9.24
N TYR A 12 -1.13 9.96 10.56
CA TYR A 12 -1.20 8.68 11.29
C TYR A 12 -2.55 8.00 11.09
N GLU A 13 -3.64 8.73 11.31
CA GLU A 13 -4.99 8.24 11.07
C GLU A 13 -5.13 7.68 9.67
N GLU A 14 -4.46 8.34 8.75
CA GLU A 14 -4.55 8.04 7.34
C GLU A 14 -3.74 6.80 6.97
N LYS A 15 -2.50 6.74 7.44
CA LYS A 15 -1.66 5.56 7.26
C LYS A 15 -2.35 4.32 7.82
N ARG A 16 -3.05 4.49 8.94
CA ARG A 16 -3.84 3.41 9.53
C ARG A 16 -4.95 2.99 8.58
N GLN A 17 -5.74 3.96 8.14
CA GLN A 17 -6.83 3.71 7.20
C GLN A 17 -6.28 3.06 5.94
N LEU A 18 -5.11 3.51 5.54
CA LEU A 18 -4.40 2.97 4.38
C LEU A 18 -4.10 1.50 4.59
N SER A 19 -3.50 1.17 5.72
CA SER A 19 -3.15 -0.21 6.00
C SER A 19 -4.42 -1.08 6.05
N LEU A 20 -5.53 -0.45 6.32
CA LEU A 20 -6.82 -1.12 6.40
C LEU A 20 -7.45 -1.26 5.01
N ASP A 21 -7.24 -0.27 4.15
CA ASP A 21 -7.73 -0.32 2.76
C ASP A 21 -6.86 -1.24 1.91
N ILE A 22 -5.57 -1.32 2.23
CA ILE A 22 -4.69 -2.29 1.63
C ILE A 22 -5.14 -3.70 1.99
N ASN A 23 -5.60 -3.86 3.23
CA ASN A 23 -6.06 -5.14 3.70
C ASN A 23 -7.33 -5.57 2.98
N LYS A 24 -8.02 -4.58 2.41
CA LYS A 24 -9.26 -4.82 1.67
C LYS A 24 -8.98 -5.37 0.27
N LEU A 25 -7.75 -5.17 -0.20
CA LEU A 25 -7.37 -5.63 -1.54
C LEU A 25 -7.25 -7.15 -1.61
N PRO A 26 -7.77 -7.75 -2.70
CA PRO A 26 -7.55 -9.17 -2.99
C PRO A 26 -6.09 -9.44 -3.36
N GLY A 27 -5.69 -10.71 -3.29
CA GLY A 27 -4.28 -11.07 -3.44
C GLY A 27 -3.61 -10.50 -4.66
N GLU A 28 -4.16 -10.75 -5.83
CA GLU A 28 -3.52 -10.37 -7.08
C GLU A 28 -3.46 -8.85 -7.23
N LYS A 29 -4.48 -8.18 -6.70
CA LYS A 29 -4.52 -6.72 -6.70
C LYS A 29 -3.53 -6.16 -5.68
N LEU A 30 -3.25 -6.92 -4.65
CA LEU A 30 -2.36 -6.45 -3.60
C LEU A 30 -0.90 -6.68 -3.96
N GLY A 31 -0.65 -7.49 -4.98
CA GLY A 31 0.70 -7.61 -5.49
C GLY A 31 1.15 -6.31 -6.13
N ARG A 32 0.20 -5.44 -6.46
CA ARG A 32 0.52 -4.12 -6.97
C ARG A 32 1.07 -3.22 -5.87
N VAL A 33 0.46 -3.24 -4.68
CA VAL A 33 0.96 -2.42 -3.58
C VAL A 33 2.40 -2.81 -3.26
N VAL A 34 2.65 -4.11 -3.12
CA VAL A 34 4.00 -4.64 -2.98
C VAL A 34 4.92 -4.09 -4.10
N HIS A 35 4.39 -4.03 -5.32
CA HIS A 35 5.16 -3.55 -6.46
C HIS A 35 5.41 -2.05 -6.35
N ILE A 36 4.37 -1.29 -6.07
CA ILE A 36 4.50 0.15 -5.90
C ILE A 36 5.49 0.46 -4.79
N ILE A 37 5.35 -0.27 -3.70
CA ILE A 37 6.21 -0.13 -2.55
C ILE A 37 7.64 -0.52 -2.88
N GLN A 38 7.88 -1.78 -3.25
CA GLN A 38 9.23 -2.25 -3.62
C GLN A 38 9.91 -1.34 -4.65
N SER A 39 9.13 -0.77 -5.58
CA SER A 39 9.70 0.07 -6.63
C SER A 39 10.03 1.46 -6.10
N ARG A 40 9.07 2.07 -5.43
CA ARG A 40 9.25 3.42 -4.87
C ARG A 40 10.11 3.37 -3.63
N GLU A 41 10.26 2.19 -3.07
CA GLU A 41 11.12 1.95 -1.92
C GLU A 41 12.15 0.89 -2.27
N PRO A 42 13.23 1.24 -2.99
CA PRO A 42 14.24 0.26 -3.37
C PRO A 42 15.04 -0.19 -2.16
N SER A 43 14.73 0.39 -1.02
CA SER A 43 15.33 0.01 0.25
C SER A 43 14.73 -1.29 0.77
N LEU A 44 13.59 -1.70 0.21
CA LEU A 44 12.96 -2.95 0.58
C LEU A 44 12.80 -3.86 -0.63
N LYS A 45 13.66 -3.66 -1.62
CA LYS A 45 13.65 -4.46 -2.83
C LYS A 45 14.01 -5.92 -2.53
N ASN A 46 14.74 -6.13 -1.45
CA ASN A 46 15.16 -7.46 -1.04
C ASN A 46 13.95 -8.29 -0.58
N SER A 47 12.91 -7.58 -0.16
CA SER A 47 11.68 -8.21 0.29
C SER A 47 11.00 -8.95 -0.86
N ASN A 48 10.31 -10.03 -0.53
CA ASN A 48 9.63 -10.85 -1.54
C ASN A 48 8.26 -10.28 -1.84
N PRO A 49 7.87 -10.27 -3.13
CA PRO A 49 6.59 -9.73 -3.58
C PRO A 49 5.39 -10.54 -3.05
N ASP A 50 5.64 -11.77 -2.66
CA ASP A 50 4.60 -12.63 -2.10
C ASP A 50 4.51 -12.46 -0.60
N GLU A 51 5.49 -11.77 -0.03
CA GLU A 51 5.65 -11.72 1.42
C GLU A 51 6.03 -10.32 1.85
N ILE A 52 5.59 -9.34 1.07
CA ILE A 52 5.99 -7.97 1.29
C ILE A 52 5.55 -7.47 2.66
N GLU A 53 6.34 -6.57 3.19
CA GLU A 53 6.06 -5.97 4.47
C GLU A 53 5.85 -4.47 4.21
N ILE A 54 4.59 -4.07 3.99
CA ILE A 54 4.27 -2.68 3.80
C ILE A 54 4.51 -1.91 5.10
N ASP A 55 5.62 -1.20 5.15
CA ASP A 55 5.97 -0.41 6.32
C ASP A 55 5.62 1.05 6.07
N PHE A 56 4.49 1.48 6.60
CA PHE A 56 3.93 2.78 6.29
C PHE A 56 4.74 3.93 6.89
N GLU A 57 5.71 3.61 7.74
CA GLU A 57 6.56 4.63 8.34
C GLU A 57 7.75 4.95 7.45
N THR A 58 8.15 3.98 6.64
CA THR A 58 9.25 4.19 5.72
C THR A 58 8.75 4.54 4.33
N LEU A 59 7.52 4.09 4.01
CA LEU A 59 6.87 4.44 2.75
C LEU A 59 6.72 5.95 2.64
N LYS A 60 7.27 6.50 1.58
CA LYS A 60 7.18 7.92 1.34
C LYS A 60 5.75 8.34 1.03
N PRO A 61 5.35 9.59 1.35
CA PRO A 61 4.01 10.08 1.04
C PRO A 61 3.57 9.73 -0.38
N SER A 62 4.53 9.81 -1.29
CA SER A 62 4.32 9.47 -2.69
C SER A 62 3.76 8.05 -2.82
N THR A 63 4.42 7.09 -2.18
CA THR A 63 3.98 5.70 -2.24
C THR A 63 2.64 5.55 -1.53
N LEU A 64 2.56 6.09 -0.32
CA LEU A 64 1.36 5.96 0.51
C LEU A 64 0.13 6.47 -0.22
N ARG A 65 0.23 7.64 -0.83
CA ARG A 65 -0.89 8.20 -1.57
C ARG A 65 -1.21 7.35 -2.79
N GLU A 66 -0.20 6.74 -3.37
CA GLU A 66 -0.41 5.83 -4.47
C GLU A 66 -1.13 4.58 -3.98
N LEU A 67 -0.58 3.94 -2.94
CA LEU A 67 -1.20 2.77 -2.32
C LEU A 67 -2.67 3.06 -2.00
N GLU A 68 -2.91 4.17 -1.29
CA GLU A 68 -4.26 4.60 -0.94
C GLU A 68 -5.14 4.78 -2.19
N ARG A 69 -4.72 5.68 -3.07
CA ARG A 69 -5.46 5.99 -4.29
C ARG A 69 -5.58 4.79 -5.22
N TYR A 70 -4.68 3.84 -5.03
CA TYR A 70 -4.73 2.62 -5.79
C TYR A 70 -5.83 1.72 -5.27
N VAL A 71 -5.86 1.52 -3.96
CA VAL A 71 -6.88 0.68 -3.39
C VAL A 71 -8.24 1.29 -3.63
N THR A 72 -8.31 2.63 -3.64
CA THR A 72 -9.59 3.30 -3.79
C THR A 72 -10.20 3.01 -5.15
N SER A 73 -9.35 2.77 -6.14
CA SER A 73 -9.82 2.41 -7.46
C SER A 73 -10.47 1.02 -7.42
N CYS A 74 -10.10 0.24 -6.40
CA CYS A 74 -10.67 -1.10 -6.19
C CYS A 74 -11.76 -1.10 -5.12
N LEU A 75 -11.66 -0.18 -4.17
CA LEU A 75 -12.52 -0.17 -2.99
C LEU A 75 -13.64 0.84 -3.11
N ARG A 76 -13.27 2.10 -3.36
CA ARG A 76 -14.25 3.18 -3.44
C ARG A 76 -14.87 3.25 -4.81
N LYS A 77 -14.12 2.76 -5.79
CA LYS A 77 -14.60 2.66 -7.15
C LYS A 77 -14.72 1.19 -7.51
N LYS A 78 -15.66 0.87 -8.42
CA LYS A 78 -15.90 -0.51 -8.85
C LYS A 78 -16.55 -1.35 -7.75
N ARG A 79 -17.42 -2.26 -8.16
CA ARG A 79 -18.02 -3.21 -7.26
C ARG A 79 -17.65 -4.63 -7.71
N LYS A 80 -17.29 -5.48 -6.74
CA LYS A 80 -16.81 -6.84 -7.02
C LYS A 80 -15.50 -6.79 -7.81
N PRO A 81 -14.37 -6.55 -7.11
CA PRO A 81 -13.05 -6.45 -7.74
C PRO A 81 -12.48 -7.79 -8.16
N GLN A 82 -13.02 -8.87 -7.60
CA GLN A 82 -12.57 -10.20 -7.93
C GLN A 82 -13.74 -11.06 -8.37
N ALA A 83 -13.86 -11.25 -9.67
CA ALA A 83 -14.95 -12.03 -10.24
C ALA A 83 -14.55 -13.50 -10.35
N VAL B 1 2.11 4.35 16.56
CA VAL B 1 2.81 3.98 15.30
C VAL B 1 1.99 2.94 14.55
N VAL B 2 1.70 3.22 13.29
CA VAL B 2 0.97 2.30 12.44
C VAL B 2 1.76 1.01 12.24
N PRO B 3 1.15 -0.14 12.59
CA PRO B 3 1.79 -1.45 12.45
C PRO B 3 2.03 -1.83 11.00
N LYS B 4 3.22 -2.31 10.71
CA LYS B 4 3.59 -2.78 9.38
C LYS B 4 2.62 -3.86 8.91
N LYS B 5 2.25 -3.80 7.66
CA LYS B 5 1.29 -4.74 7.11
C LYS B 5 1.99 -6.02 6.69
N LYS B 6 1.74 -7.08 7.43
CA LYS B 6 2.33 -8.38 7.15
C LYS B 6 1.56 -9.05 6.03
N ILE B 7 2.03 -8.86 4.81
CA ILE B 7 1.34 -9.34 3.63
C ILE B 7 1.73 -10.78 3.31
N LYS B 8 0.75 -11.66 3.34
CA LYS B 8 0.95 -13.06 3.05
C LYS B 8 -0.42 -13.64 2.67
N LYS B 9 -0.58 -14.95 2.72
CA LYS B 9 -1.86 -15.57 2.37
C LYS B 9 -2.97 -15.08 3.29
N GLU B 10 -2.60 -14.73 4.52
CA GLU B 10 -3.56 -14.21 5.48
C GLU B 10 -3.73 -12.70 5.30
N GLN B 11 -4.66 -12.32 4.46
CA GLN B 11 -4.93 -10.91 4.21
C GLN B 11 -6.42 -10.61 4.34
N VAL B 12 -7.24 -11.33 3.60
CA VAL B 12 -8.69 -11.16 3.65
C VAL B 12 -9.25 -11.78 4.92
N GLU B 13 -8.64 -12.88 5.32
CA GLU B 13 -9.06 -13.59 6.52
C GLU B 13 -8.20 -13.16 7.71
#